data_4V1T
#
_entry.id   4V1T
#
_cell.length_a   81.760
_cell.length_b   116.150
_cell.length_c   183.540
_cell.angle_alpha   90.00
_cell.angle_beta   90.00
_cell.angle_gamma   90.00
#
_symmetry.space_group_name_H-M   'P 21 21 21'
#
loop_
_entity.id
_entity.type
_entity.pdbx_description
1 polymer LYND
2 polymer PATE
3 non-polymer 'ZINC ION'
4 non-polymer "ADENOSINE-5'-DIPHOSPHATE"
5 non-polymer 'MAGNESIUM ION'
6 non-polymer 'PHOSPHATE ION'
7 water water
#
loop_
_entity_poly.entity_id
_entity_poly.type
_entity_poly.pdbx_seq_one_letter_code
_entity_poly.pdbx_strand_id
1 'polypeptide(L)'
;MQSTPLLQIQPHFHVEVIEPKQVYLLGEQANHALTGQLYCQILPLLNGQYTLEQIVEKLDGEVPPEYIDYVLERLAEKGY
LTEAAPELSSEVAAFWSELGIAPPVAAEALRQPVTLTPVGNISEVTVAALTTALRDIGISVQTPTEAGSPTALNVVLTDD
YLQPELAKINKQALESQQTWLLVKPVGSVLWLGPVFVPGKTGCWDCLAHRLRGNREVEASVLRQKQAQQQRNGQSGSVIG
CLPTARATLPSTLQTGLQFAATEIAKWIVKYHVNATAPGTVFFPTLDGKIITLNHSILDLKSHILIKRSQCPTCGDPKIL
QHRGFEPLKLESRPKQFTSDGGHRGTTPEQTVQKYQHLISPVTGVVTELVRITDPANPLVHTYRAGHSFGSATSLRGLRN
TLKHKSSGKGKTDSQSKASGLCEAVERYSGIFQGDEPRKRATLAELGDLAIHPEQCLCFSDGQYANRETLNEQATVAHDW
IPQRFDASQAIEWTPVWSLTEQTHKYLPTALCYYHYPLPPEHRFARGDSNGNAAGNTLEEAILQGFMELVERDGVALWWY
NRLRRPAVDLGSFNEPYFVQLQQFYRENDRDLWVLDLTADLGIPAFAGVSNRKTGSSERLILGFGAHLDPTIAILRAVTE
VNQIGLELDKVPDENLKSDATDWLITEKLADHPYLLPDTTQPLKTAQDYPKRWSDDIYTDVMTCVNIAQQAGLETLVIDQ
TRPDIGLNVVKVTVPGMRHFWSRFGEGRLYDVPVKLGWLDEPLTEAQMNPTPMPF
;
A,B
2 'polypeptide(L)' MDKKNILPQQGQPVIRLTAGQLSSQLAELSEEALGDAGLEASKITACITFAAYDGELEHHHHHH C,D
#
loop_
_chem_comp.id
_chem_comp.type
_chem_comp.name
_chem_comp.formula
ADP non-polymer ADENOSINE-5'-DIPHOSPHATE 'C10 H15 N5 O10 P2'
MG non-polymer 'MAGNESIUM ION' 'Mg 2'
PO4 non-polymer 'PHOSPHATE ION' 'O4 P -3'
ZN non-polymer 'ZINC ION' 'Zn 2'
#
# COMPACT_ATOMS: atom_id res chain seq x y z
N LEU A 6 34.89 -31.70 12.08
CA LEU A 6 35.42 -31.00 10.90
C LEU A 6 34.77 -29.62 10.74
N LEU A 7 35.58 -28.67 10.30
CA LEU A 7 35.20 -27.26 10.30
C LEU A 7 34.76 -26.78 8.93
N GLN A 8 33.72 -25.95 8.93
CA GLN A 8 33.23 -25.33 7.70
C GLN A 8 32.61 -23.98 7.98
N ILE A 9 32.65 -23.12 6.99
CA ILE A 9 31.88 -21.89 7.02
C ILE A 9 30.43 -22.24 6.65
N GLN A 10 29.49 -21.40 7.07
CA GLN A 10 28.06 -21.63 6.84
C GLN A 10 27.76 -22.17 5.44
N PRO A 11 27.06 -23.32 5.36
CA PRO A 11 26.96 -23.99 4.06
C PRO A 11 26.15 -23.23 3.02
N HIS A 12 25.36 -22.25 3.46
CA HIS A 12 24.51 -21.49 2.56
C HIS A 12 25.25 -20.33 1.89
N PHE A 13 26.48 -20.08 2.35
CA PHE A 13 27.34 -19.05 1.76
C PHE A 13 28.18 -19.61 0.61
N HIS A 14 28.19 -18.90 -0.51
CA HIS A 14 29.18 -19.18 -1.56
C HIS A 14 30.45 -18.37 -1.29
N VAL A 15 31.59 -18.98 -1.53
CA VAL A 15 32.88 -18.34 -1.20
C VAL A 15 33.66 -17.95 -2.45
N GLU A 16 34.01 -16.66 -2.53
CA GLU A 16 34.81 -16.15 -3.65
C GLU A 16 35.97 -15.32 -3.11
N VAL A 17 37.18 -15.82 -3.34
CA VAL A 17 38.40 -15.17 -2.86
C VAL A 17 38.88 -14.12 -3.84
N ILE A 18 39.07 -12.90 -3.39
CA ILE A 18 39.65 -11.83 -4.19
C ILE A 18 40.96 -11.34 -3.55
N GLU A 19 42.05 -11.69 -4.18
CA GLU A 19 43.19 -12.20 -3.47
C GLU A 19 43.85 -11.33 -2.41
N PRO A 20 44.30 -10.13 -2.73
CA PRO A 20 45.20 -9.63 -1.69
C PRO A 20 44.53 -9.57 -0.30
N LYS A 21 43.37 -8.94 -0.14
CA LYS A 21 42.83 -8.73 1.20
C LYS A 21 41.38 -9.14 1.42
N GLN A 22 40.68 -9.61 0.40
CA GLN A 22 39.25 -9.88 0.58
C GLN A 22 38.80 -11.27 0.15
N VAL A 23 37.80 -11.77 0.87
CA VAL A 23 37.03 -12.93 0.45
C VAL A 23 35.56 -12.66 0.73
N TYR A 24 34.73 -12.83 -0.29
CA TYR A 24 33.31 -12.54 -0.17
C TYR A 24 32.49 -13.77 0.16
N LEU A 25 31.51 -13.60 1.04
CA LEU A 25 30.55 -14.66 1.35
C LEU A 25 29.21 -14.27 0.78
N LEU A 26 28.91 -14.80 -0.40
CA LEU A 26 27.71 -14.42 -1.13
C LEU A 26 26.57 -15.40 -0.88
N GLY A 27 25.46 -14.87 -0.38
CA GLY A 27 24.28 -15.66 -0.06
C GLY A 27 23.09 -15.15 -0.84
N GLU A 28 22.01 -15.93 -0.84
CA GLU A 28 20.83 -15.57 -1.60
C GLU A 28 20.10 -14.41 -0.94
N GLN A 29 20.22 -14.30 0.37
CA GLN A 29 19.50 -13.29 1.14
C GLN A 29 20.39 -12.41 2.01
N ALA A 30 21.70 -12.66 1.96
CA ALA A 30 22.65 -11.81 2.65
C ALA A 30 24.04 -12.02 2.07
N ASN A 31 24.81 -10.93 2.03
CA ASN A 31 26.19 -10.98 1.55
C ASN A 31 27.13 -10.38 2.60
N HIS A 32 28.27 -11.03 2.79
CA HIS A 32 29.27 -10.57 3.75
C HIS A 32 30.63 -10.40 3.07
N ALA A 33 31.49 -9.61 3.70
CA ALA A 33 32.82 -9.34 3.18
C ALA A 33 33.84 -9.43 4.31
N LEU A 34 34.82 -10.31 4.13
CA LEU A 34 35.92 -10.45 5.07
C LEU A 34 37.17 -9.80 4.49
N THR A 35 37.89 -9.04 5.33
CA THR A 35 39.10 -8.36 4.92
C THR A 35 40.29 -8.89 5.71
N GLY A 36 41.40 -9.16 5.00
CA GLY A 36 42.60 -9.72 5.59
C GLY A 36 43.19 -10.83 4.73
N GLN A 37 44.50 -10.78 4.52
CA GLN A 37 45.21 -11.79 3.73
C GLN A 37 45.06 -13.19 4.32
N LEU A 38 45.01 -13.28 5.64
CA LEU A 38 44.87 -14.56 6.30
C LEU A 38 43.56 -15.24 5.92
N TYR A 39 42.50 -14.46 5.81
CA TYR A 39 41.20 -15.02 5.39
C TYR A 39 41.31 -15.66 4.00
N CYS A 40 42.01 -14.99 3.10
CA CYS A 40 42.21 -15.50 1.76
C CYS A 40 42.90 -16.86 1.75
N GLN A 41 43.71 -17.12 2.78
CA GLN A 41 44.47 -18.36 2.88
C GLN A 41 43.69 -19.51 3.53
N ILE A 42 42.90 -19.17 4.56
CA ILE A 42 42.30 -20.19 5.42
C ILE A 42 40.91 -20.60 4.95
N LEU A 43 40.15 -19.64 4.44
CA LEU A 43 38.76 -19.88 4.08
C LEU A 43 38.53 -20.97 3.04
N PRO A 44 39.38 -21.04 2.00
CA PRO A 44 39.21 -22.10 0.99
C PRO A 44 39.18 -23.51 1.61
N LEU A 45 39.75 -23.65 2.80
CA LEU A 45 39.80 -24.93 3.50
C LEU A 45 38.72 -25.05 4.56
N LEU A 46 37.79 -24.10 4.58
CA LEU A 46 36.65 -24.13 5.49
C LEU A 46 35.38 -24.54 4.74
N ASN A 47 35.50 -25.56 3.88
CA ASN A 47 34.37 -26.03 3.07
C ASN A 47 33.70 -27.28 3.64
N GLY A 48 34.28 -27.83 4.70
CA GLY A 48 33.74 -29.02 5.35
C GLY A 48 34.59 -30.24 5.11
N GLN A 49 35.62 -30.09 4.27
CA GLN A 49 36.47 -31.21 3.88
C GLN A 49 37.77 -31.30 4.69
N TYR A 50 37.85 -30.55 5.79
CA TYR A 50 39.10 -30.47 6.56
C TYR A 50 38.87 -30.35 8.07
N THR A 51 39.86 -30.80 8.84
CA THR A 51 39.84 -30.72 10.30
C THR A 51 40.71 -29.56 10.78
N LEU A 52 40.56 -29.19 12.04
CA LEU A 52 41.52 -28.29 12.69
C LEU A 52 42.90 -28.96 12.73
N GLU A 53 42.90 -30.29 12.68
CA GLU A 53 44.10 -31.09 12.67
C GLU A 53 44.68 -31.12 11.25
N GLN A 54 43.86 -31.64 10.32
CA GLN A 54 44.23 -31.71 8.91
C GLN A 54 44.02 -30.36 8.24
N ILE A 55 44.72 -29.35 8.73
CA ILE A 55 44.77 -28.06 8.07
C ILE A 55 46.23 -27.69 8.31
N VAL A 56 46.59 -27.49 9.57
CA VAL A 56 47.94 -27.07 9.93
C VAL A 56 48.96 -27.87 9.14
N GLU A 57 48.63 -29.11 8.81
CA GLU A 57 49.52 -29.97 8.04
C GLU A 57 49.68 -29.52 6.59
N LYS A 58 48.85 -28.57 6.16
CA LYS A 58 48.83 -28.13 4.76
C LYS A 58 49.05 -26.64 4.60
N LEU A 59 49.46 -25.96 5.67
CA LEU A 59 49.81 -24.54 5.58
C LEU A 59 50.79 -24.09 6.66
N ASP A 60 51.35 -25.02 7.43
CA ASP A 60 52.44 -24.69 8.33
C ASP A 60 53.67 -24.38 7.49
N GLY A 61 54.46 -23.41 7.94
CA GLY A 61 55.54 -22.86 7.13
C GLY A 61 55.02 -21.68 6.31
N GLU A 62 53.78 -21.30 6.57
CA GLU A 62 53.14 -20.17 5.90
C GLU A 62 52.22 -19.42 6.87
N VAL A 63 51.55 -20.17 7.74
CA VAL A 63 50.72 -19.60 8.79
C VAL A 63 50.86 -20.43 10.07
N PRO A 64 51.37 -19.83 11.16
CA PRO A 64 51.49 -20.55 12.43
C PRO A 64 50.16 -21.09 12.96
N PRO A 65 50.20 -22.21 13.70
CA PRO A 65 48.98 -22.72 14.35
C PRO A 65 48.31 -21.70 15.27
N GLU A 66 49.11 -20.77 15.81
CA GLU A 66 48.59 -19.75 16.72
C GLU A 66 47.77 -18.71 15.96
N TYR A 67 48.14 -18.44 14.72
CA TYR A 67 47.41 -17.49 13.89
C TYR A 67 46.09 -18.10 13.40
N ILE A 68 46.11 -19.38 13.08
CA ILE A 68 44.90 -20.08 12.64
C ILE A 68 43.82 -20.02 13.71
N ASP A 69 44.20 -20.42 14.92
CA ASP A 69 43.27 -20.43 16.05
C ASP A 69 42.64 -19.08 16.28
N TYR A 70 43.42 -18.02 16.14
CA TYR A 70 42.91 -16.66 16.32
C TYR A 70 41.87 -16.32 15.25
N VAL A 71 42.11 -16.79 14.03
CA VAL A 71 41.18 -16.57 12.91
C VAL A 71 39.98 -17.50 13.04
N LEU A 72 40.22 -18.75 13.41
CA LEU A 72 39.14 -19.73 13.59
C LEU A 72 38.40 -19.52 14.90
N GLU A 73 38.84 -18.52 15.68
CA GLU A 73 38.11 -18.10 16.88
C GLU A 73 37.27 -16.88 16.55
N ARG A 74 37.87 -15.96 15.79
CA ARG A 74 37.21 -14.72 15.42
C ARG A 74 36.00 -14.97 14.51
N LEU A 75 36.07 -16.01 13.70
CA LEU A 75 34.95 -16.37 12.86
C LEU A 75 33.82 -17.02 13.69
N ALA A 76 34.14 -17.47 14.91
CA ALA A 76 33.15 -18.11 15.78
C ALA A 76 32.21 -17.06 16.37
N GLU A 77 32.75 -16.22 17.23
CA GLU A 77 31.94 -15.26 17.98
C GLU A 77 31.43 -14.12 17.11
N LYS A 78 31.58 -14.27 15.80
CA LYS A 78 30.96 -13.37 14.85
C LYS A 78 29.83 -14.09 14.12
N GLY A 79 29.90 -15.43 14.09
CA GLY A 79 28.81 -16.27 13.60
C GLY A 79 29.01 -16.93 12.24
N TYR A 80 30.23 -16.88 11.70
CA TYR A 80 30.49 -17.46 10.38
C TYR A 80 30.82 -18.95 10.46
N LEU A 81 31.36 -19.39 11.60
CA LEU A 81 31.69 -20.80 11.78
C LEU A 81 30.48 -21.61 12.20
N THR A 82 30.39 -22.85 11.71
CA THR A 82 29.41 -23.81 12.24
C THR A 82 29.89 -25.25 12.12
N GLU A 83 29.22 -26.11 12.87
CA GLU A 83 29.46 -27.54 12.80
C GLU A 83 28.76 -28.09 11.58
N ALA A 84 29.10 -29.31 11.22
CA ALA A 84 28.35 -30.04 10.19
C ALA A 84 27.28 -30.88 10.86
N ALA A 85 26.59 -31.65 10.04
CA ALA A 85 25.74 -32.73 10.51
C ALA A 85 25.73 -33.76 9.41
N PRO A 86 26.46 -34.88 9.59
CA PRO A 86 26.54 -35.87 8.51
C PRO A 86 25.18 -36.44 8.11
N GLU A 87 24.16 -36.11 8.90
CA GLU A 87 22.81 -36.61 8.68
C GLU A 87 22.06 -35.83 7.60
N LEU A 88 22.40 -34.54 7.45
CA LEU A 88 21.72 -33.67 6.49
C LEU A 88 22.45 -33.63 5.15
N SER A 89 21.70 -33.45 4.07
CA SER A 89 22.29 -33.20 2.77
C SER A 89 22.86 -31.79 2.75
N SER A 90 23.80 -31.53 1.85
CA SER A 90 24.39 -30.20 1.73
C SER A 90 23.31 -29.13 1.49
N GLU A 91 22.24 -29.51 0.80
CA GLU A 91 21.16 -28.57 0.47
C GLU A 91 20.30 -28.22 1.68
N VAL A 92 19.89 -29.24 2.43
CA VAL A 92 19.03 -29.05 3.59
C VAL A 92 19.74 -28.22 4.66
N ALA A 93 21.01 -28.53 4.89
CA ALA A 93 21.79 -27.85 5.92
C ALA A 93 21.89 -26.35 5.62
N ALA A 94 21.97 -26.02 4.33
CA ALA A 94 22.05 -24.64 3.89
C ALA A 94 20.74 -23.89 4.14
N PHE A 95 19.64 -24.64 4.19
CA PHE A 95 18.33 -24.02 4.41
C PHE A 95 18.22 -23.53 5.85
N TRP A 96 18.66 -24.36 6.79
CA TRP A 96 18.51 -24.03 8.20
C TRP A 96 19.58 -23.04 8.66
N SER A 97 20.78 -23.15 8.10
CA SER A 97 21.84 -22.21 8.43
C SER A 97 21.45 -20.81 7.94
N GLU A 98 20.76 -20.76 6.81
CA GLU A 98 20.28 -19.50 6.27
C GLU A 98 19.28 -18.83 7.21
N LEU A 99 18.57 -19.64 8.00
CA LEU A 99 17.67 -19.13 9.02
C LEU A 99 18.39 -18.85 10.34
N GLY A 100 19.66 -19.21 10.41
CA GLY A 100 20.47 -18.96 11.58
C GLY A 100 20.45 -20.10 12.57
N ILE A 101 20.11 -21.29 12.09
CA ILE A 101 20.10 -22.49 12.92
C ILE A 101 21.15 -23.49 12.48
N ALA A 102 21.98 -23.92 13.44
CA ALA A 102 23.07 -24.84 13.17
C ALA A 102 22.54 -26.19 12.67
N PRO A 103 23.21 -26.78 11.66
CA PRO A 103 22.80 -28.06 11.08
C PRO A 103 22.45 -29.18 12.07
N PRO A 104 23.31 -29.45 13.08
CA PRO A 104 23.01 -30.59 13.94
C PRO A 104 21.73 -30.43 14.76
N VAL A 105 21.45 -29.21 15.20
CA VAL A 105 20.24 -28.94 15.98
C VAL A 105 19.00 -29.21 15.13
N ALA A 106 19.06 -28.78 13.88
CA ALA A 106 17.95 -28.97 12.96
C ALA A 106 17.63 -30.46 12.79
N ALA A 107 18.66 -31.27 12.61
CA ALA A 107 18.51 -32.71 12.46
C ALA A 107 17.85 -33.30 13.68
N GLU A 108 18.20 -32.75 14.84
CA GLU A 108 17.62 -33.18 16.11
C GLU A 108 16.15 -32.76 16.20
N ALA A 109 15.85 -31.55 15.72
CA ALA A 109 14.49 -31.02 15.76
C ALA A 109 13.52 -31.81 14.89
N LEU A 110 13.95 -32.13 13.67
CA LEU A 110 13.12 -32.83 12.70
C LEU A 110 12.83 -34.25 13.16
N ARG A 111 13.59 -34.73 14.13
CA ARG A 111 13.38 -36.04 14.73
C ARG A 111 12.01 -36.12 15.38
N GLN A 112 11.48 -34.98 15.77
CA GLN A 112 10.20 -34.89 16.48
C GLN A 112 9.02 -35.35 15.59
N PRO A 113 8.22 -36.34 16.06
CA PRO A 113 7.10 -36.79 15.24
C PRO A 113 5.93 -35.81 15.20
N VAL A 114 4.95 -36.10 14.34
CA VAL A 114 3.76 -35.27 14.13
C VAL A 114 2.55 -36.19 13.89
N THR A 115 1.35 -35.70 14.15
CA THR A 115 0.12 -36.43 13.80
C THR A 115 -0.68 -35.69 12.76
N LEU A 116 -1.30 -36.43 11.85
CA LEU A 116 -2.20 -35.86 10.85
C LEU A 116 -3.63 -36.30 11.12
N THR A 117 -4.57 -35.38 10.94
CA THR A 117 -5.98 -35.65 11.15
C THR A 117 -6.79 -35.09 9.99
N PRO A 118 -7.40 -35.97 9.18
CA PRO A 118 -8.29 -35.44 8.15
C PRO A 118 -9.65 -35.09 8.77
N VAL A 119 -10.29 -34.05 8.25
CA VAL A 119 -11.62 -33.68 8.71
C VAL A 119 -12.41 -33.21 7.50
N GLY A 120 -13.73 -33.39 7.55
CA GLY A 120 -14.57 -33.06 6.41
C GLY A 120 -14.44 -34.12 5.35
N ASN A 121 -14.14 -33.70 4.13
CA ASN A 121 -14.10 -34.60 2.97
C ASN A 121 -12.70 -34.92 2.47
N ILE A 122 -11.67 -34.58 3.25
CA ILE A 122 -10.29 -34.89 2.87
C ILE A 122 -10.05 -36.39 2.89
N SER A 123 -9.59 -36.93 1.76
CA SER A 123 -9.38 -38.37 1.61
C SER A 123 -8.07 -38.78 2.24
N GLU A 124 -7.88 -40.09 2.36
CA GLU A 124 -6.68 -40.64 2.98
C GLU A 124 -5.50 -40.67 2.00
N VAL A 125 -5.80 -40.59 0.72
CA VAL A 125 -4.75 -40.48 -0.28
C VAL A 125 -4.08 -39.11 -0.14
N THR A 126 -4.89 -38.10 0.16
CA THR A 126 -4.38 -36.76 0.39
C THR A 126 -3.53 -36.75 1.66
N VAL A 127 -4.06 -37.37 2.72
CA VAL A 127 -3.30 -37.54 3.96
C VAL A 127 -1.98 -38.26 3.70
N ALA A 128 -2.03 -39.29 2.86
CA ALA A 128 -0.84 -40.07 2.52
C ALA A 128 0.17 -39.24 1.73
N ALA A 129 -0.33 -38.34 0.90
CA ALA A 129 0.54 -37.48 0.10
C ALA A 129 1.31 -36.52 1.00
N LEU A 130 0.64 -35.98 2.01
CA LEU A 130 1.28 -35.09 2.96
C LEU A 130 2.30 -35.85 3.81
N THR A 131 1.95 -37.06 4.19
CA THR A 131 2.86 -37.95 4.90
C THR A 131 4.14 -38.11 4.09
N THR A 132 4.00 -38.42 2.80
CA THR A 132 5.14 -38.59 1.91
C THR A 132 5.97 -37.30 1.82
N ALA A 133 5.29 -36.17 1.68
CA ALA A 133 5.96 -34.87 1.65
C ALA A 133 6.78 -34.63 2.92
N LEU A 134 6.24 -35.07 4.05
CA LEU A 134 6.93 -34.94 5.34
C LEU A 134 8.12 -35.89 5.46
N ARG A 135 7.95 -37.14 5.02
CA ARG A 135 9.06 -38.09 4.97
C ARG A 135 10.26 -37.47 4.28
N ASP A 136 10.01 -36.95 3.10
CA ASP A 136 11.06 -36.47 2.20
C ASP A 136 11.94 -35.39 2.82
N ILE A 137 11.40 -34.67 3.79
CA ILE A 137 12.17 -33.64 4.50
C ILE A 137 12.55 -34.11 5.91
N GLY A 138 12.43 -35.41 6.15
CA GLY A 138 12.90 -36.02 7.39
C GLY A 138 11.94 -35.93 8.57
N ILE A 139 10.65 -35.92 8.29
CA ILE A 139 9.63 -35.81 9.34
C ILE A 139 8.67 -37.00 9.30
N SER A 140 8.58 -37.70 10.43
CA SER A 140 7.75 -38.89 10.55
C SER A 140 6.37 -38.54 11.11
N VAL A 141 5.38 -39.35 10.74
CA VAL A 141 4.01 -39.17 11.23
C VAL A 141 3.61 -40.38 12.09
N GLN A 142 3.12 -40.11 13.30
CA GLN A 142 2.75 -41.17 14.23
C GLN A 142 1.31 -41.63 14.05
N THR A 143 1.11 -42.94 14.12
CA THR A 143 -0.20 -43.57 13.93
C THR A 143 -0.77 -44.02 15.26
N THR A 151 1.86 -35.53 20.80
CA THR A 151 2.78 -34.90 19.84
C THR A 151 3.08 -33.46 20.19
N ALA A 152 4.09 -32.90 19.52
CA ALA A 152 4.41 -31.49 19.63
C ALA A 152 3.55 -30.68 18.67
N LEU A 153 3.03 -31.35 17.65
CA LEU A 153 2.20 -30.71 16.66
C LEU A 153 1.18 -31.67 16.05
N ASN A 154 -0.08 -31.23 16.01
CA ASN A 154 -1.12 -31.96 15.29
C ASN A 154 -1.53 -31.16 14.07
N VAL A 155 -1.56 -31.82 12.91
CA VAL A 155 -1.90 -31.16 11.65
C VAL A 155 -3.27 -31.62 11.17
N VAL A 156 -4.20 -30.67 11.09
CA VAL A 156 -5.56 -30.97 10.64
C VAL A 156 -5.76 -30.53 9.20
N LEU A 157 -6.17 -31.47 8.34
CA LEU A 157 -6.51 -31.17 6.95
C LEU A 157 -8.01 -31.01 6.80
N THR A 158 -8.43 -29.88 6.24
CA THR A 158 -9.84 -29.61 6.04
C THR A 158 -10.12 -29.20 4.60
N ASP A 159 -11.38 -29.32 4.19
CA ASP A 159 -11.86 -28.76 2.94
C ASP A 159 -12.57 -27.43 3.19
N ASP A 160 -12.76 -27.09 4.47
CA ASP A 160 -13.42 -25.84 4.86
C ASP A 160 -13.15 -25.55 6.33
N TYR A 161 -12.80 -24.30 6.64
CA TYR A 161 -12.40 -23.93 7.99
C TYR A 161 -13.56 -23.85 8.98
N LEU A 162 -14.79 -23.95 8.46
CA LEU A 162 -15.96 -23.95 9.33
C LEU A 162 -16.59 -25.34 9.42
N GLN A 163 -15.78 -26.36 9.17
CA GLN A 163 -16.24 -27.74 9.38
C GLN A 163 -16.50 -27.96 10.88
N PRO A 164 -17.76 -28.27 11.27
CA PRO A 164 -18.12 -28.38 12.69
C PRO A 164 -17.23 -29.30 13.53
N GLU A 165 -16.63 -30.30 12.90
CA GLU A 165 -15.77 -31.22 13.63
C GLU A 165 -14.56 -30.49 14.24
N LEU A 166 -14.22 -29.32 13.69
CA LEU A 166 -13.08 -28.56 14.18
C LEU A 166 -13.35 -27.95 15.54
N ALA A 167 -14.63 -27.72 15.85
CA ALA A 167 -15.00 -27.19 17.15
C ALA A 167 -14.59 -28.15 18.25
N LYS A 168 -14.80 -29.44 18.01
CA LYS A 168 -14.46 -30.47 18.98
C LYS A 168 -12.94 -30.61 19.13
N ILE A 169 -12.25 -30.60 18.00
CA ILE A 169 -10.80 -30.66 18.00
C ILE A 169 -10.24 -29.49 18.77
N ASN A 170 -10.79 -28.31 18.54
CA ASN A 170 -10.34 -27.09 19.21
C ASN A 170 -10.51 -27.16 20.73
N LYS A 171 -11.66 -27.63 21.20
CA LYS A 171 -11.92 -27.69 22.63
C LYS A 171 -10.96 -28.67 23.27
N GLN A 172 -10.67 -29.75 22.56
CA GLN A 172 -9.74 -30.76 23.05
C GLN A 172 -8.31 -30.26 23.05
N ALA A 173 -7.98 -29.42 22.08
CA ALA A 173 -6.65 -28.84 22.01
C ALA A 173 -6.43 -27.91 23.20
N LEU A 174 -7.48 -27.19 23.58
CA LEU A 174 -7.39 -26.23 24.67
C LEU A 174 -7.22 -26.92 26.01
N GLU A 175 -7.99 -27.97 26.27
CA GLU A 175 -7.89 -28.66 27.56
C GLU A 175 -6.63 -29.50 27.64
N SER A 176 -6.18 -30.01 26.50
CA SER A 176 -4.97 -30.82 26.43
C SER A 176 -3.72 -29.96 26.19
N GLN A 177 -3.93 -28.70 25.87
CA GLN A 177 -2.82 -27.78 25.60
C GLN A 177 -2.03 -28.24 24.37
N GLN A 178 -2.74 -28.83 23.41
CA GLN A 178 -2.13 -29.34 22.19
C GLN A 178 -1.99 -28.22 21.15
N THR A 179 -0.76 -27.99 20.71
CA THR A 179 -0.50 -27.06 19.63
C THR A 179 -0.81 -27.73 18.29
N TRP A 180 -1.58 -27.07 17.44
CA TRP A 180 -1.98 -27.68 16.19
C TRP A 180 -2.07 -26.71 15.02
N LEU A 181 -2.04 -27.26 13.82
CA LEU A 181 -2.01 -26.50 12.57
C LEU A 181 -3.19 -26.88 11.68
N LEU A 182 -3.81 -25.87 11.08
CA LEU A 182 -4.91 -26.09 10.13
C LEU A 182 -4.44 -25.82 8.70
N VAL A 183 -4.90 -26.63 7.76
CA VAL A 183 -4.61 -26.45 6.33
C VAL A 183 -5.77 -26.91 5.44
N LYS A 184 -6.03 -26.13 4.40
CA LYS A 184 -6.99 -26.48 3.36
C LYS A 184 -6.28 -26.48 2.01
N PRO A 185 -5.84 -27.66 1.55
CA PRO A 185 -5.06 -27.75 0.32
C PRO A 185 -5.90 -28.01 -0.92
N VAL A 186 -7.19 -28.22 -0.73
CA VAL A 186 -8.11 -28.42 -1.84
C VAL A 186 -8.84 -27.11 -2.14
N GLY A 187 -9.32 -26.97 -3.37
CA GLY A 187 -9.95 -25.74 -3.78
C GLY A 187 -8.98 -24.80 -4.46
N SER A 188 -9.50 -23.72 -5.03
CA SER A 188 -8.68 -22.81 -5.83
C SER A 188 -7.93 -21.80 -4.96
N VAL A 189 -8.19 -21.81 -3.67
CA VAL A 189 -7.46 -20.99 -2.72
C VAL A 189 -6.91 -21.84 -1.59
N LEU A 190 -5.59 -21.95 -1.53
CA LEU A 190 -4.93 -22.63 -0.43
C LEU A 190 -5.10 -21.81 0.84
N TRP A 191 -5.54 -22.45 1.93
CA TRP A 191 -5.46 -21.83 3.25
C TRP A 191 -4.43 -22.60 4.05
N LEU A 192 -3.49 -21.87 4.63
CA LEU A 192 -2.37 -22.47 5.37
C LEU A 192 -2.22 -21.74 6.69
N GLY A 193 -2.49 -22.45 7.77
CA GLY A 193 -2.46 -21.86 9.11
C GLY A 193 -3.85 -21.60 9.64
N PRO A 194 -3.94 -21.14 10.89
CA PRO A 194 -2.77 -20.85 11.73
C PRO A 194 -2.25 -22.06 12.48
N VAL A 195 -1.12 -21.88 13.14
CA VAL A 195 -0.73 -22.76 14.22
C VAL A 195 -1.40 -22.18 15.46
N PHE A 196 -2.30 -22.95 16.05
CA PHE A 196 -2.94 -22.55 17.31
C PHE A 196 -2.05 -22.98 18.46
N VAL A 197 -1.75 -22.05 19.35
CA VAL A 197 -1.03 -22.34 20.58
C VAL A 197 -1.90 -21.93 21.77
N PRO A 198 -2.58 -22.91 22.40
CA PRO A 198 -3.49 -22.63 23.53
C PRO A 198 -2.89 -21.72 24.57
N GLY A 199 -3.66 -20.70 24.97
CA GLY A 199 -3.22 -19.74 25.96
C GLY A 199 -2.24 -18.72 25.42
N LYS A 200 -2.07 -18.71 24.10
CA LYS A 200 -1.13 -17.79 23.47
C LYS A 200 -1.75 -17.16 22.22
N THR A 201 -2.12 -17.99 21.24
CA THR A 201 -2.82 -17.54 20.06
C THR A 201 -4.32 -17.51 20.34
N GLY A 202 -5.10 -17.07 19.36
CA GLY A 202 -6.54 -17.26 19.40
C GLY A 202 -6.86 -18.73 19.17
N CYS A 203 -8.07 -19.14 19.50
CA CYS A 203 -8.53 -20.50 19.26
C CYS A 203 -9.26 -20.55 17.91
N TRP A 204 -9.72 -21.73 17.52
CA TRP A 204 -10.44 -21.88 16.24
C TRP A 204 -11.74 -21.10 16.28
N ASP A 205 -12.32 -20.94 17.47
CA ASP A 205 -13.56 -20.19 17.64
C ASP A 205 -13.32 -18.69 17.51
N CYS A 206 -12.13 -18.23 17.94
CA CYS A 206 -11.72 -16.85 17.69
C CYS A 206 -11.76 -16.58 16.19
N LEU A 207 -11.32 -17.56 15.42
CA LEU A 207 -11.27 -17.46 13.96
C LEU A 207 -12.67 -17.63 13.39
N ALA A 208 -13.38 -18.64 13.87
CA ALA A 208 -14.70 -18.97 13.34
C ALA A 208 -15.69 -17.81 13.49
N HIS A 209 -15.51 -17.00 14.52
CA HIS A 209 -16.37 -15.85 14.72
C HIS A 209 -16.22 -14.85 13.57
N ARG A 210 -14.99 -14.69 13.11
CA ARG A 210 -14.70 -13.82 12.00
C ARG A 210 -15.23 -14.42 10.68
N LEU A 211 -14.97 -15.69 10.48
CA LEU A 211 -15.34 -16.35 9.23
C LEU A 211 -16.84 -16.34 9.01
N ARG A 212 -17.61 -16.60 10.07
CA ARG A 212 -19.06 -16.68 9.97
C ARG A 212 -19.68 -15.35 9.53
N GLY A 213 -19.08 -14.24 9.95
CA GLY A 213 -19.54 -12.93 9.56
C GLY A 213 -19.13 -12.59 8.13
N ASN A 214 -17.97 -13.09 7.72
CA ASN A 214 -17.43 -12.83 6.40
C ASN A 214 -18.00 -13.74 5.32
N ARG A 215 -18.83 -14.68 5.72
CA ARG A 215 -19.51 -15.58 4.78
C ARG A 215 -21.01 -15.33 4.78
N GLU A 216 -21.41 -14.16 4.27
CA GLU A 216 -22.79 -13.71 4.40
C GLU A 216 -23.75 -14.51 3.52
N VAL A 217 -23.36 -14.77 2.28
CA VAL A 217 -24.29 -15.46 1.39
C VAL A 217 -24.41 -16.92 1.85
N GLU A 218 -23.28 -17.55 2.16
CA GLU A 218 -23.28 -18.89 2.68
C GLU A 218 -24.11 -18.98 3.95
N ALA A 219 -23.96 -17.99 4.83
CA ALA A 219 -24.69 -17.97 6.09
C ALA A 219 -26.19 -17.91 5.85
N SER A 220 -26.62 -17.04 4.94
CA SER A 220 -28.05 -16.86 4.68
C SER A 220 -28.64 -18.03 3.92
N VAL A 221 -27.83 -18.69 3.10
CA VAL A 221 -28.29 -19.88 2.40
C VAL A 221 -28.60 -20.95 3.43
N LEU A 222 -27.73 -21.10 4.41
CA LEU A 222 -27.94 -22.11 5.46
C LEU A 222 -29.20 -21.81 6.27
N ARG A 223 -29.39 -20.54 6.63
CA ARG A 223 -30.61 -20.10 7.32
C ARG A 223 -31.83 -20.45 6.51
N GLN A 224 -31.83 -20.04 5.23
CA GLN A 224 -32.95 -20.34 4.32
C GLN A 224 -33.20 -21.83 4.24
N LYS A 225 -32.14 -22.60 4.37
CA LYS A 225 -32.21 -24.06 4.29
C LYS A 225 -32.82 -24.64 5.56
N GLN A 226 -32.35 -24.18 6.71
CA GLN A 226 -32.81 -24.69 8.00
C GLN A 226 -34.27 -24.33 8.25
N ALA A 227 -34.65 -23.12 7.84
CA ALA A 227 -36.02 -22.63 8.00
C ALA A 227 -37.03 -23.51 7.27
N GLN A 228 -36.57 -24.29 6.29
CA GLN A 228 -37.42 -25.18 5.52
C GLN A 228 -37.58 -26.57 6.15
N GLN A 229 -36.97 -26.78 7.32
CA GLN A 229 -37.10 -28.04 8.03
C GLN A 229 -38.51 -28.22 8.60
N GLY A 240 -23.41 -26.81 9.12
CA GLY A 240 -22.45 -25.84 9.62
C GLY A 240 -21.71 -25.09 8.52
N CYS A 241 -21.61 -25.71 7.35
CA CYS A 241 -20.98 -25.07 6.19
C CYS A 241 -21.34 -25.82 4.90
N LEU A 242 -20.98 -25.24 3.77
CA LEU A 242 -21.29 -25.83 2.46
C LEU A 242 -20.02 -26.09 1.64
N PRO A 243 -20.03 -27.16 0.82
CA PRO A 243 -18.83 -27.66 0.13
C PRO A 243 -18.49 -26.92 -1.17
N THR A 244 -17.71 -25.85 -1.05
CA THR A 244 -17.39 -25.02 -2.21
C THR A 244 -15.97 -25.25 -2.72
N ALA A 245 -15.24 -26.16 -2.08
CA ALA A 245 -13.85 -26.43 -2.46
C ALA A 245 -13.78 -27.49 -3.56
N ARG A 246 -14.19 -27.10 -4.76
CA ARG A 246 -14.37 -28.03 -5.85
C ARG A 246 -13.30 -27.93 -6.93
N ALA A 247 -12.61 -26.79 -6.99
CA ALA A 247 -11.66 -26.51 -8.08
C ALA A 247 -10.23 -26.86 -7.68
N THR A 248 -9.76 -28.02 -8.10
CA THR A 248 -8.43 -28.51 -7.70
C THR A 248 -7.72 -29.19 -8.86
N LEU A 249 -6.49 -28.76 -9.11
CA LEU A 249 -5.57 -29.50 -9.97
C LEU A 249 -4.70 -30.37 -9.07
N PRO A 250 -4.23 -31.52 -9.58
CA PRO A 250 -3.28 -32.27 -8.75
C PRO A 250 -2.01 -31.48 -8.43
N SER A 251 -1.72 -30.45 -9.21
CA SER A 251 -0.56 -29.59 -8.96
C SER A 251 -0.83 -28.54 -7.87
N THR A 252 -2.05 -27.99 -7.82
CA THR A 252 -2.38 -27.04 -6.77
C THR A 252 -2.51 -27.76 -5.43
N LEU A 253 -3.01 -28.99 -5.48
CA LEU A 253 -3.08 -29.81 -4.29
C LEU A 253 -1.67 -30.07 -3.75
N GLN A 254 -0.79 -30.52 -4.63
CA GLN A 254 0.59 -30.83 -4.26
C GLN A 254 1.32 -29.57 -3.81
N THR A 255 1.02 -28.45 -4.45
CA THR A 255 1.63 -27.17 -4.09
C THR A 255 1.32 -26.85 -2.63
N GLY A 256 0.08 -27.04 -2.23
CA GLY A 256 -0.34 -26.74 -0.88
C GLY A 256 0.23 -27.69 0.17
N LEU A 257 0.24 -28.98 -0.15
CA LEU A 257 0.76 -29.98 0.80
C LEU A 257 2.25 -29.80 1.01
N GLN A 258 2.96 -29.55 -0.08
CA GLN A 258 4.41 -29.42 -0.03
C GLN A 258 4.78 -28.11 0.69
N PHE A 259 4.01 -27.07 0.38
CA PHE A 259 4.14 -25.77 1.02
C PHE A 259 3.89 -25.89 2.53
N ALA A 260 2.90 -26.68 2.91
CA ALA A 260 2.58 -26.89 4.31
C ALA A 260 3.68 -27.68 5.03
N ALA A 261 4.26 -28.65 4.34
CA ALA A 261 5.34 -29.45 4.93
C ALA A 261 6.51 -28.57 5.35
N THR A 262 6.86 -27.62 4.49
CA THR A 262 7.91 -26.65 4.78
C THR A 262 7.62 -25.82 6.03
N GLU A 263 6.38 -25.37 6.15
CA GLU A 263 5.97 -24.56 7.29
C GLU A 263 5.86 -25.38 8.57
N ILE A 264 5.51 -26.65 8.42
CA ILE A 264 5.50 -27.57 9.54
C ILE A 264 6.93 -27.76 10.06
N ALA A 265 7.88 -27.90 9.15
CA ALA A 265 9.28 -28.11 9.53
C ALA A 265 9.84 -26.84 10.19
N LYS A 266 9.50 -25.69 9.62
CA LYS A 266 9.94 -24.42 10.17
C LYS A 266 9.42 -24.21 11.59
N TRP A 267 8.19 -24.64 11.84
CA TRP A 267 7.61 -24.51 13.17
C TRP A 267 8.31 -25.43 14.17
N ILE A 268 8.48 -26.68 13.79
CA ILE A 268 9.14 -27.68 14.65
C ILE A 268 10.53 -27.22 15.04
N VAL A 269 11.30 -26.77 14.05
CA VAL A 269 12.67 -26.36 14.28
C VAL A 269 12.71 -25.13 15.17
N LYS A 270 11.84 -24.17 14.91
CA LYS A 270 11.77 -22.97 15.74
C LYS A 270 11.37 -23.33 17.16
N TYR A 271 10.42 -24.26 17.27
CA TYR A 271 9.91 -24.69 18.56
C TYR A 271 10.96 -25.44 19.37
N HIS A 272 11.70 -26.31 18.70
CA HIS A 272 12.71 -27.13 19.35
C HIS A 272 13.82 -26.25 19.95
N VAL A 273 14.21 -25.19 19.24
CA VAL A 273 15.32 -24.36 19.69
C VAL A 273 14.89 -23.42 20.81
N ASN A 274 13.69 -22.87 20.70
CA ASN A 274 13.21 -21.93 21.71
C ASN A 274 12.89 -22.62 23.04
N ALA A 275 12.72 -23.93 22.99
CA ALA A 275 12.61 -24.71 24.19
C ALA A 275 14.02 -25.05 24.68
N THR A 276 14.72 -24.06 25.17
CA THR A 276 16.16 -24.20 25.39
C THR A 276 16.76 -22.83 25.50
N ALA A 277 16.60 -22.09 24.43
CA ALA A 277 17.11 -20.77 24.36
C ALA A 277 15.95 -19.92 23.98
N PRO A 278 14.94 -19.83 24.92
CA PRO A 278 13.80 -19.01 24.50
C PRO A 278 14.22 -17.63 24.09
N GLY A 279 13.58 -17.09 23.07
CA GLY A 279 14.10 -15.96 22.35
C GLY A 279 15.04 -16.55 21.33
N THR A 280 15.85 -15.74 20.69
CA THR A 280 17.01 -16.23 19.95
C THR A 280 16.65 -16.85 18.62
N VAL A 281 15.37 -17.07 18.37
CA VAL A 281 15.02 -17.59 17.07
C VAL A 281 13.80 -16.88 16.57
N PHE A 282 13.99 -16.03 15.57
CA PHE A 282 12.99 -15.05 15.23
C PHE A 282 12.30 -15.15 13.90
N PHE A 283 12.64 -16.10 13.05
CA PHE A 283 12.00 -16.16 11.73
C PHE A 283 10.51 -16.46 11.85
N PRO A 284 9.70 -15.85 11.00
CA PRO A 284 8.25 -15.97 11.14
C PRO A 284 7.70 -17.37 10.89
N THR A 285 6.68 -17.74 11.65
CA THR A 285 5.98 -19.00 11.48
C THR A 285 4.48 -18.73 11.37
N LEU A 286 3.69 -19.79 11.24
CA LEU A 286 2.26 -19.62 11.01
C LEU A 286 1.46 -19.39 12.29
N ASP A 287 2.17 -19.24 13.41
CA ASP A 287 1.48 -19.01 14.69
C ASP A 287 0.69 -17.70 14.63
N GLY A 288 -0.62 -17.80 14.79
CA GLY A 288 -1.48 -16.63 14.80
C GLY A 288 -1.70 -15.98 13.43
N LYS A 289 -1.28 -16.66 12.37
CA LYS A 289 -1.39 -16.14 11.00
C LYS A 289 -2.06 -17.17 10.07
N ILE A 290 -2.82 -16.69 9.12
CA ILE A 290 -3.33 -17.53 8.06
C ILE A 290 -2.78 -17.01 6.74
N ILE A 291 -2.22 -17.93 5.97
CA ILE A 291 -1.73 -17.64 4.63
C ILE A 291 -2.75 -18.16 3.61
N THR A 292 -3.20 -17.28 2.73
CA THR A 292 -4.03 -17.68 1.60
C THR A 292 -3.27 -17.50 0.30
N LEU A 293 -3.25 -18.55 -0.51
CA LEU A 293 -2.65 -18.49 -1.84
C LEU A 293 -3.71 -18.82 -2.88
N ASN A 294 -4.21 -17.78 -3.55
CA ASN A 294 -5.21 -17.95 -4.59
C ASN A 294 -4.56 -18.43 -5.88
N HIS A 295 -4.78 -19.71 -6.19
CA HIS A 295 -4.17 -20.35 -7.36
C HIS A 295 -4.69 -19.79 -8.69
N SER A 296 -5.93 -19.33 -8.71
CA SER A 296 -6.59 -18.90 -9.94
C SER A 296 -6.04 -17.58 -10.46
N ILE A 297 -5.92 -16.63 -9.55
CA ILE A 297 -5.44 -15.28 -9.87
C ILE A 297 -3.98 -15.05 -9.49
N LEU A 298 -3.41 -15.95 -8.69
CA LEU A 298 -2.05 -15.81 -8.20
C LEU A 298 -1.90 -14.58 -7.30
N ASP A 299 -2.32 -14.70 -6.05
CA ASP A 299 -2.03 -13.72 -5.02
C ASP A 299 -1.85 -14.45 -3.71
N LEU A 300 -0.91 -13.96 -2.90
CA LEU A 300 -0.64 -14.50 -1.58
C LEU A 300 -0.83 -13.40 -0.54
N LYS A 301 -1.70 -13.65 0.43
CA LYS A 301 -1.96 -12.68 1.49
C LYS A 301 -1.79 -13.31 2.87
N SER A 302 -1.26 -12.54 3.81
CA SER A 302 -1.11 -12.97 5.18
C SER A 302 -2.21 -12.32 6.04
N HIS A 303 -2.91 -13.15 6.80
CA HIS A 303 -4.04 -12.71 7.62
C HIS A 303 -3.78 -12.97 9.09
N ILE A 304 -3.81 -11.93 9.92
CA ILE A 304 -3.49 -12.07 11.34
C ILE A 304 -4.73 -12.42 12.16
N LEU A 305 -4.61 -13.48 12.97
CA LEU A 305 -5.66 -13.88 13.88
C LEU A 305 -5.51 -13.19 15.24
N ILE A 306 -6.54 -12.45 15.63
CA ILE A 306 -6.56 -11.80 16.93
C ILE A 306 -7.25 -12.72 17.94
N LYS A 307 -6.57 -12.98 19.05
CA LYS A 307 -7.18 -13.67 20.18
C LYS A 307 -8.24 -12.77 20.80
N ARG A 308 -9.48 -13.24 20.79
CA ARG A 308 -10.60 -12.46 21.32
C ARG A 308 -10.71 -12.69 22.80
N SER A 309 -10.46 -11.64 23.59
CA SER A 309 -10.53 -11.77 25.05
C SER A 309 -11.93 -12.16 25.53
N GLN A 310 -12.96 -11.86 24.73
CA GLN A 310 -14.33 -12.21 25.09
C GLN A 310 -14.81 -13.49 24.43
N CYS A 311 -13.85 -14.27 23.90
CA CYS A 311 -14.17 -15.55 23.25
C CYS A 311 -14.87 -16.46 24.25
N PRO A 312 -16.04 -16.99 23.87
CA PRO A 312 -16.77 -17.87 24.81
C PRO A 312 -16.08 -19.22 25.02
N THR A 313 -15.14 -19.57 24.15
CA THR A 313 -14.47 -20.85 24.23
C THR A 313 -13.14 -20.76 24.95
N CYS A 314 -12.33 -19.75 24.64
CA CYS A 314 -10.99 -19.64 25.21
C CYS A 314 -10.78 -18.39 26.05
N GLY A 315 -11.82 -17.58 26.22
CA GLY A 315 -11.72 -16.32 26.96
C GLY A 315 -12.83 -16.13 27.98
N ASP A 316 -13.25 -14.88 28.16
CA ASP A 316 -14.28 -14.53 29.14
C ASP A 316 -15.43 -13.80 28.45
N PRO A 317 -16.52 -14.52 28.15
CA PRO A 317 -17.61 -13.88 27.39
C PRO A 317 -18.41 -12.84 28.18
N LYS A 318 -18.07 -12.66 29.46
CA LYS A 318 -18.81 -11.77 30.33
C LYS A 318 -18.27 -10.34 30.33
N ILE A 319 -17.21 -10.09 29.57
CA ILE A 319 -16.52 -8.81 29.60
C ILE A 319 -17.45 -7.63 29.28
N LEU A 320 -18.21 -7.74 28.19
CA LEU A 320 -19.06 -6.62 27.78
C LEU A 320 -20.25 -6.43 28.74
N GLN A 321 -20.76 -7.53 29.30
CA GLN A 321 -21.80 -7.48 30.31
C GLN A 321 -21.32 -6.66 31.50
N HIS A 322 -20.16 -7.03 32.03
CA HIS A 322 -19.62 -6.38 33.21
C HIS A 322 -19.34 -4.91 32.95
N ARG A 323 -18.79 -4.61 31.78
CA ARG A 323 -18.41 -3.23 31.45
C ARG A 323 -19.63 -2.34 31.32
N GLY A 324 -20.73 -2.90 30.82
CA GLY A 324 -21.94 -2.13 30.59
C GLY A 324 -22.62 -1.64 31.86
N PHE A 325 -22.46 -2.37 32.95
CA PHE A 325 -23.13 -2.02 34.19
C PHE A 325 -22.23 -1.22 35.12
N GLU A 326 -20.98 -1.04 34.74
CA GLU A 326 -20.08 -0.17 35.48
C GLU A 326 -20.14 1.25 34.90
N PRO A 327 -19.76 2.26 35.68
CA PRO A 327 -19.89 3.63 35.17
C PRO A 327 -18.95 3.90 34.01
N LEU A 328 -19.23 4.95 33.26
CA LEU A 328 -18.36 5.38 32.18
C LEU A 328 -17.37 6.41 32.73
N LYS A 329 -16.09 6.18 32.46
CA LYS A 329 -15.02 7.08 32.92
C LYS A 329 -14.39 7.77 31.73
N LEU A 330 -14.68 9.05 31.59
CA LEU A 330 -14.06 9.88 30.56
C LEU A 330 -12.89 10.65 31.16
N GLU A 331 -11.97 11.07 30.31
CA GLU A 331 -10.79 11.80 30.76
C GLU A 331 -10.34 12.77 29.68
N SER A 332 -9.48 13.71 30.08
CA SER A 332 -8.94 14.72 29.19
C SER A 332 -8.29 14.11 27.94
N ARG A 333 -8.56 14.71 26.78
CA ARG A 333 -7.94 14.32 25.54
C ARG A 333 -7.49 15.54 24.75
N PRO A 334 -6.24 15.99 24.97
CA PRO A 334 -5.70 17.13 24.23
C PRO A 334 -5.74 16.92 22.71
N LYS A 335 -6.04 17.99 21.97
CA LYS A 335 -6.16 17.90 20.51
C LYS A 335 -4.82 18.10 19.83
N GLN A 336 -4.72 17.63 18.59
CA GLN A 336 -3.57 17.90 17.74
C GLN A 336 -3.99 18.29 16.32
N GLY A 342 -10.56 17.36 12.08
CA GLY A 342 -9.28 17.98 12.40
C GLY A 342 -9.09 18.29 13.88
N HIS A 343 -10.08 17.92 14.69
CA HIS A 343 -10.04 18.11 16.13
C HIS A 343 -9.81 16.76 16.83
N ARG A 344 -9.29 15.79 16.08
CA ARG A 344 -8.99 14.47 16.64
C ARG A 344 -7.59 14.44 17.27
N GLY A 345 -7.32 13.41 18.06
CA GLY A 345 -6.09 13.34 18.83
C GLY A 345 -4.99 12.55 18.17
N THR A 346 -5.22 12.09 16.95
CA THR A 346 -4.19 11.36 16.20
C THR A 346 -4.35 11.62 14.71
N THR A 347 -3.29 11.39 13.96
CA THR A 347 -3.32 11.56 12.51
C THR A 347 -4.05 10.39 11.86
N PRO A 348 -4.66 10.65 10.70
CA PRO A 348 -5.34 9.55 9.99
C PRO A 348 -4.36 8.49 9.51
N GLU A 349 -3.12 8.89 9.20
CA GLU A 349 -2.09 7.92 8.83
C GLU A 349 -1.82 6.93 9.97
N GLN A 350 -1.84 7.44 11.20
CA GLN A 350 -1.56 6.62 12.37
C GLN A 350 -2.73 5.68 12.70
N THR A 351 -3.94 6.20 12.62
CA THR A 351 -5.12 5.38 12.88
C THR A 351 -5.19 4.23 11.89
N VAL A 352 -4.91 4.52 10.62
CA VAL A 352 -4.94 3.49 9.60
C VAL A 352 -3.90 2.45 9.98
N GLN A 353 -2.68 2.91 10.23
CA GLN A 353 -1.54 2.04 10.53
C GLN A 353 -1.83 0.96 11.58
N LYS A 354 -2.38 1.35 12.72
CA LYS A 354 -2.56 0.38 13.79
C LYS A 354 -3.82 -0.47 13.66
N TYR A 355 -4.69 -0.13 12.71
CA TYR A 355 -5.91 -0.89 12.46
C TYR A 355 -5.98 -1.46 11.04
N GLN A 356 -4.87 -1.39 10.30
CA GLN A 356 -4.77 -2.00 8.96
C GLN A 356 -5.08 -3.49 9.03
N HIS A 357 -4.61 -4.14 10.09
CA HIS A 357 -4.74 -5.60 10.22
C HIS A 357 -6.18 -6.07 10.23
N LEU A 358 -7.11 -5.16 10.49
CA LEU A 358 -8.54 -5.50 10.44
C LEU A 358 -9.06 -5.68 9.02
N ILE A 359 -8.25 -5.26 8.03
CA ILE A 359 -8.62 -5.39 6.64
C ILE A 359 -8.25 -6.78 6.13
N SER A 360 -9.27 -7.64 6.01
CA SER A 360 -9.09 -9.03 5.60
C SER A 360 -10.46 -9.69 5.47
N PRO A 361 -10.74 -10.34 4.31
CA PRO A 361 -12.02 -11.04 4.18
C PRO A 361 -12.05 -12.36 4.94
N VAL A 362 -10.94 -12.72 5.57
CA VAL A 362 -10.81 -14.01 6.22
C VAL A 362 -10.80 -13.84 7.72
N THR A 363 -9.76 -13.17 8.21
CA THR A 363 -9.58 -12.99 9.64
C THR A 363 -10.06 -11.62 10.08
N GLY A 364 -10.31 -10.74 9.13
CA GLY A 364 -10.61 -9.36 9.42
C GLY A 364 -12.09 -9.07 9.60
N VAL A 365 -12.39 -7.79 9.72
CA VAL A 365 -13.74 -7.31 9.88
C VAL A 365 -14.10 -6.34 8.74
N VAL A 366 -13.07 -5.84 8.05
CA VAL A 366 -13.24 -5.00 6.88
C VAL A 366 -12.81 -5.78 5.64
N THR A 367 -13.71 -5.92 4.69
CA THR A 367 -13.47 -6.77 3.54
C THR A 367 -12.33 -6.24 2.68
N GLU A 368 -12.38 -4.95 2.39
CA GLU A 368 -11.30 -4.28 1.65
C GLU A 368 -11.31 -2.79 1.95
N LEU A 369 -10.34 -2.07 1.42
CA LEU A 369 -10.29 -0.62 1.54
C LEU A 369 -9.68 -0.05 0.26
N VAL A 370 -10.56 0.37 -0.65
CA VAL A 370 -10.16 0.77 -2.00
C VAL A 370 -10.47 2.24 -2.27
N ARG A 371 -9.51 2.95 -2.83
CA ARG A 371 -9.74 4.32 -3.28
C ARG A 371 -10.59 4.29 -4.54
N ILE A 372 -11.78 4.86 -4.46
CA ILE A 372 -12.75 4.76 -5.55
C ILE A 372 -12.50 5.87 -6.57
N THR A 373 -12.00 7.01 -6.10
CA THR A 373 -11.83 8.18 -6.94
C THR A 373 -10.46 8.26 -7.58
N ASP A 374 -10.35 9.12 -8.58
CA ASP A 374 -9.12 9.30 -9.33
C ASP A 374 -8.06 10.02 -8.48
N PRO A 375 -6.91 9.41 -8.33
CA PRO A 375 -5.81 9.95 -7.54
C PRO A 375 -5.33 11.28 -8.09
N ALA A 376 -5.48 11.47 -9.39
CA ALA A 376 -5.08 12.71 -10.00
C ALA A 376 -5.90 13.86 -9.51
N ASN A 377 -7.03 13.60 -8.88
CA ASN A 377 -7.88 14.67 -8.45
C ASN A 377 -7.56 15.04 -7.03
N PRO A 378 -7.08 16.31 -6.84
CA PRO A 378 -6.71 16.62 -5.46
C PRO A 378 -7.83 17.05 -4.55
N LEU A 379 -9.02 17.20 -5.09
CA LEU A 379 -10.12 17.72 -4.32
C LEU A 379 -11.14 16.69 -3.88
N VAL A 380 -11.27 15.64 -4.64
CA VAL A 380 -12.27 14.63 -4.36
C VAL A 380 -11.59 13.33 -3.91
N HIS A 381 -11.93 12.86 -2.72
CA HIS A 381 -11.37 11.64 -2.16
C HIS A 381 -12.46 10.81 -1.50
N THR A 382 -12.78 9.68 -2.11
CA THR A 382 -13.77 8.76 -1.58
C THR A 382 -13.24 7.35 -1.62
N TYR A 383 -13.41 6.62 -0.52
CA TYR A 383 -12.97 5.23 -0.42
C TYR A 383 -14.15 4.30 -0.28
N ARG A 384 -13.95 3.06 -0.70
CA ARG A 384 -14.88 1.99 -0.46
C ARG A 384 -14.26 1.00 0.50
N ALA A 385 -15.02 0.65 1.52
CA ALA A 385 -14.56 -0.21 2.59
C ALA A 385 -15.57 -1.29 2.82
N GLY A 386 -15.60 -2.23 1.90
CA GLY A 386 -16.81 -2.78 1.46
C GLY A 386 -17.74 -3.41 2.45
N HIS A 387 -17.25 -4.34 3.24
CA HIS A 387 -18.12 -5.42 3.68
C HIS A 387 -18.64 -5.36 5.09
N SER A 388 -19.95 -5.55 5.19
CA SER A 388 -20.67 -5.74 6.44
C SER A 388 -21.72 -6.85 6.35
N PHE A 389 -22.24 -7.27 7.50
CA PHE A 389 -23.18 -8.37 7.51
C PHE A 389 -24.39 -8.19 8.40
N GLY A 390 -25.34 -9.08 8.17
CA GLY A 390 -26.57 -9.10 8.90
C GLY A 390 -27.14 -10.48 9.02
N SER A 391 -28.38 -10.59 8.58
CA SER A 391 -29.37 -11.51 9.09
C SER A 391 -30.28 -12.08 8.03
N ALA A 392 -29.96 -11.81 6.77
CA ALA A 392 -30.89 -12.05 5.69
C ALA A 392 -31.41 -13.49 5.61
N THR A 393 -32.69 -13.63 5.34
CA THR A 393 -33.36 -14.92 5.23
C THR A 393 -34.02 -15.05 3.86
N SER A 394 -33.62 -14.16 2.93
CA SER A 394 -34.20 -14.13 1.59
C SER A 394 -33.20 -13.51 0.63
N LEU A 395 -33.34 -13.85 -0.65
CA LEU A 395 -32.52 -13.26 -1.70
C LEU A 395 -32.65 -11.74 -1.67
N ARG A 396 -33.90 -11.27 -1.54
CA ARG A 396 -34.17 -9.83 -1.51
C ARG A 396 -33.36 -9.14 -0.42
N GLY A 397 -33.46 -9.63 0.81
CA GLY A 397 -32.74 -9.06 1.93
C GLY A 397 -31.24 -9.32 1.85
N LEU A 398 -30.86 -10.37 1.15
CA LEU A 398 -29.45 -10.70 0.99
C LEU A 398 -28.77 -9.70 0.07
N ARG A 399 -29.47 -9.23 -0.95
CA ARG A 399 -28.90 -8.24 -1.85
C ARG A 399 -29.14 -6.83 -1.32
N ASN A 400 -29.99 -6.70 -0.31
CA ASN A 400 -30.13 -5.44 0.42
C ASN A 400 -28.94 -5.27 1.36
N THR A 401 -28.64 -6.34 2.10
CA THR A 401 -27.29 -6.49 2.64
C THR A 401 -26.41 -6.66 1.41
N LEU A 402 -25.11 -6.48 1.54
CA LEU A 402 -24.18 -6.49 0.38
C LEU A 402 -24.23 -5.21 -0.44
N LYS A 403 -25.36 -4.50 -0.42
CA LYS A 403 -25.49 -3.25 -1.16
C LYS A 403 -25.02 -2.08 -0.33
N HIS A 404 -25.27 -2.16 0.98
CA HIS A 404 -24.95 -1.07 1.90
C HIS A 404 -23.48 -1.13 2.31
N LYS A 405 -22.64 -0.43 1.55
CA LYS A 405 -21.19 -0.43 1.77
C LYS A 405 -20.78 0.71 2.69
N SER A 406 -19.75 0.46 3.49
CA SER A 406 -19.09 1.54 4.22
C SER A 406 -18.24 2.33 3.23
N SER A 407 -18.22 3.65 3.41
CA SER A 407 -17.52 4.53 2.50
C SER A 407 -16.71 5.55 3.28
N GLY A 408 -15.65 6.04 2.64
CA GLY A 408 -14.78 7.04 3.23
C GLY A 408 -15.01 8.40 2.60
N LYS A 409 -14.84 9.44 3.42
CA LYS A 409 -15.15 10.82 3.08
C LYS A 409 -13.92 11.65 3.46
N GLY A 410 -13.50 12.55 2.59
CA GLY A 410 -12.32 13.34 2.91
C GLY A 410 -11.96 14.52 2.02
N LYS A 411 -11.38 15.53 2.67
CA LYS A 411 -10.71 16.63 2.02
C LYS A 411 -9.37 16.14 1.45
N THR A 412 -8.78 15.14 2.11
CA THR A 412 -7.54 14.53 1.67
C THR A 412 -7.69 13.02 1.52
N ASP A 413 -6.72 12.41 0.84
CA ASP A 413 -6.73 10.98 0.63
C ASP A 413 -6.59 10.25 1.96
N SER A 414 -5.71 10.75 2.83
CA SER A 414 -5.46 10.11 4.11
C SER A 414 -6.69 10.11 5.02
N GLN A 415 -7.41 11.22 5.03
CA GLN A 415 -8.59 11.34 5.88
C GLN A 415 -9.73 10.48 5.33
N SER A 416 -9.85 10.40 4.01
CA SER A 416 -10.89 9.58 3.39
C SER A 416 -10.64 8.11 3.68
N LYS A 417 -9.37 7.73 3.68
CA LYS A 417 -8.95 6.37 4.00
C LYS A 417 -9.36 5.99 5.42
N ALA A 418 -9.03 6.87 6.38
CA ALA A 418 -9.34 6.62 7.76
C ALA A 418 -10.85 6.59 7.99
N SER A 419 -11.54 7.50 7.32
CA SER A 419 -13.00 7.58 7.37
C SER A 419 -13.62 6.26 6.94
N GLY A 420 -13.16 5.73 5.81
CA GLY A 420 -13.73 4.50 5.29
C GLY A 420 -13.42 3.32 6.20
N LEU A 421 -12.16 3.20 6.62
CA LEU A 421 -11.76 2.14 7.52
C LEU A 421 -12.55 2.18 8.82
N CYS A 422 -12.62 3.35 9.44
CA CYS A 422 -13.24 3.49 10.74
C CYS A 422 -14.76 3.31 10.70
N GLU A 423 -15.39 3.72 9.60
CA GLU A 423 -16.82 3.47 9.44
C GLU A 423 -17.08 1.98 9.34
N ALA A 424 -16.25 1.28 8.58
CA ALA A 424 -16.42 -0.17 8.45
C ALA A 424 -16.33 -0.85 9.83
N VAL A 425 -15.40 -0.41 10.67
CA VAL A 425 -15.25 -1.00 11.99
C VAL A 425 -16.37 -0.51 12.89
N GLU A 426 -16.83 0.72 12.65
CA GLU A 426 -17.98 1.26 13.37
C GLU A 426 -19.21 0.36 13.17
N ARG A 427 -19.52 0.02 11.92
CA ARG A 427 -20.71 -0.78 11.62
C ARG A 427 -20.62 -2.19 12.20
N TYR A 428 -19.44 -2.81 12.10
CA TYR A 428 -19.22 -4.12 12.66
C TYR A 428 -19.49 -4.12 14.16
N SER A 429 -18.85 -3.20 14.87
CA SER A 429 -18.89 -3.17 16.33
C SER A 429 -20.31 -3.01 16.87
N GLY A 430 -21.19 -2.45 16.06
CA GLY A 430 -22.57 -2.23 16.47
C GLY A 430 -23.45 -3.44 16.30
N ILE A 431 -22.93 -4.48 15.65
CA ILE A 431 -23.71 -5.68 15.40
C ILE A 431 -23.87 -6.54 16.65
N PHE A 432 -25.11 -6.92 16.93
CA PHE A 432 -25.44 -7.75 18.08
C PHE A 432 -24.82 -9.13 17.98
N GLN A 433 -23.96 -9.45 18.95
CA GLN A 433 -23.27 -10.74 19.00
C GLN A 433 -23.92 -11.71 19.97
N GLY A 434 -24.56 -11.16 21.00
CA GLY A 434 -25.21 -11.97 22.03
C GLY A 434 -24.55 -11.88 23.40
N ASP A 435 -23.49 -11.08 23.52
CA ASP A 435 -22.79 -10.92 24.79
C ASP A 435 -22.91 -9.49 25.32
N GLU A 436 -23.78 -8.69 24.69
CA GLU A 436 -23.94 -7.30 25.05
C GLU A 436 -24.61 -7.17 26.42
N PRO A 437 -24.32 -6.08 27.15
CA PRO A 437 -24.94 -5.87 28.45
C PRO A 437 -26.46 -5.73 28.34
N ARG A 438 -27.17 -6.52 29.15
CA ARG A 438 -28.60 -6.79 28.96
C ARG A 438 -29.23 -7.27 30.25
N LYS A 439 -30.52 -7.00 30.43
CA LYS A 439 -31.31 -7.69 31.44
C LYS A 439 -32.79 -7.63 31.07
N ARG A 440 -33.50 -8.72 31.34
CA ARG A 440 -34.89 -8.84 30.99
C ARG A 440 -35.78 -8.16 32.02
N ALA A 441 -36.70 -7.33 31.55
CA ALA A 441 -37.63 -6.66 32.42
C ALA A 441 -38.74 -6.01 31.61
N THR A 442 -39.83 -5.66 32.28
CA THR A 442 -40.87 -4.83 31.70
C THR A 442 -40.58 -3.38 32.04
N LEU A 443 -41.23 -2.47 31.32
CA LEU A 443 -41.03 -1.04 31.54
C LEU A 443 -41.43 -0.63 32.96
N ALA A 444 -42.41 -1.31 33.51
CA ALA A 444 -42.89 -1.00 34.85
C ALA A 444 -41.84 -1.29 35.92
N GLU A 445 -41.23 -2.47 35.84
CA GLU A 445 -40.28 -2.90 36.88
C GLU A 445 -38.88 -2.31 36.71
N LEU A 446 -38.77 -1.30 35.86
CA LEU A 446 -37.56 -0.48 35.77
C LEU A 446 -37.86 0.94 36.22
N GLY A 447 -39.11 1.35 36.02
CA GLY A 447 -39.57 2.65 36.48
C GLY A 447 -38.97 3.81 35.72
N ASP A 448 -38.44 4.77 36.47
CA ASP A 448 -37.96 6.02 35.93
C ASP A 448 -36.63 5.86 35.17
N LEU A 449 -35.94 4.75 35.42
CA LEU A 449 -34.66 4.49 34.76
C LEU A 449 -34.81 4.12 33.29
N ALA A 450 -35.94 3.52 32.97
CA ALA A 450 -36.18 3.02 31.62
C ALA A 450 -36.69 4.13 30.71
N ILE A 451 -36.24 4.12 29.46
CA ILE A 451 -36.69 5.05 28.45
C ILE A 451 -37.56 4.32 27.43
N HIS A 452 -38.80 4.76 27.30
CA HIS A 452 -39.75 4.19 26.37
C HIS A 452 -39.23 4.37 24.95
N PRO A 453 -39.30 3.30 24.12
CA PRO A 453 -38.79 3.40 22.76
C PRO A 453 -39.40 4.53 21.92
N GLU A 454 -40.65 4.89 22.20
CA GLU A 454 -41.33 5.95 21.46
C GLU A 454 -40.66 7.31 21.65
N GLN A 455 -39.98 7.51 22.78
CA GLN A 455 -39.25 8.75 23.01
C GLN A 455 -38.10 8.91 22.01
N CYS A 456 -37.59 7.77 21.53
CA CYS A 456 -36.46 7.78 20.59
C CYS A 456 -36.91 7.68 19.14
N LEU A 457 -37.92 6.86 18.88
CA LEU A 457 -38.37 6.62 17.51
C LEU A 457 -39.19 7.80 16.97
N CYS A 458 -40.14 8.29 17.76
CA CYS A 458 -40.93 9.47 17.40
C CYS A 458 -41.81 9.25 16.17
N PHE A 459 -42.46 8.09 16.09
CA PHE A 459 -43.49 7.85 15.07
C PHE A 459 -44.81 8.39 15.60
N SER A 460 -45.65 8.89 14.71
CA SER A 460 -46.95 9.41 15.11
C SER A 460 -47.91 8.25 15.30
N ASP A 461 -49.01 8.51 15.99
CA ASP A 461 -50.02 7.49 16.23
C ASP A 461 -50.64 7.05 14.92
N GLY A 462 -50.77 7.99 13.98
CA GLY A 462 -51.32 7.70 12.68
C GLY A 462 -50.43 6.78 11.85
N GLN A 463 -49.12 6.95 12.01
CA GLN A 463 -48.17 6.11 11.31
C GLN A 463 -48.24 4.68 11.83
N TYR A 464 -48.34 4.52 13.14
CA TYR A 464 -48.43 3.19 13.73
C TYR A 464 -49.72 2.51 13.30
N ALA A 465 -50.80 3.28 13.27
CA ALA A 465 -52.12 2.74 12.97
C ALA A 465 -52.21 2.23 11.55
N ASN A 466 -51.52 2.91 10.63
CA ASN A 466 -51.53 2.53 9.22
C ASN A 466 -50.22 1.90 8.76
N ARG A 467 -49.50 1.31 9.72
CA ARG A 467 -48.24 0.59 9.48
C ARG A 467 -48.15 -0.17 8.17
N GLU A 468 -48.92 -1.25 8.08
CA GLU A 468 -48.79 -2.20 6.99
C GLU A 468 -49.06 -1.54 5.64
N THR A 469 -50.08 -0.69 5.60
CA THR A 469 -50.43 0.02 4.37
C THR A 469 -49.32 0.99 4.00
N LEU A 470 -48.82 1.73 4.99
CA LEU A 470 -47.76 2.71 4.74
C LEU A 470 -46.44 2.06 4.32
N ASN A 471 -46.05 1.01 5.03
CA ASN A 471 -44.81 0.31 4.73
C ASN A 471 -44.84 -0.32 3.35
N GLU A 472 -46.00 -0.82 2.95
CA GLU A 472 -46.15 -1.49 1.66
C GLU A 472 -45.91 -0.50 0.51
N GLN A 473 -46.31 0.75 0.72
CA GLN A 473 -46.01 1.80 -0.24
C GLN A 473 -44.60 2.35 0.00
N ALA A 474 -43.64 1.84 -0.76
CA ALA A 474 -42.24 2.23 -0.58
C ALA A 474 -41.73 3.13 -1.70
N THR A 475 -40.91 4.09 -1.29
CA THR A 475 -39.89 4.68 -2.16
C THR A 475 -38.55 4.51 -1.43
N VAL A 476 -38.61 4.30 -0.11
CA VAL A 476 -37.43 4.29 0.74
C VAL A 476 -37.59 3.30 1.89
N ALA A 477 -36.66 2.37 2.00
CA ALA A 477 -36.74 1.30 2.99
C ALA A 477 -36.57 1.78 4.44
N HIS A 478 -35.72 2.79 4.64
CA HIS A 478 -35.38 3.20 6.00
C HIS A 478 -36.55 3.89 6.71
N ASP A 479 -37.61 4.19 5.96
CA ASP A 479 -38.81 4.79 6.53
C ASP A 479 -39.73 3.75 7.14
N TRP A 480 -39.23 2.52 7.28
CA TRP A 480 -40.01 1.43 7.84
C TRP A 480 -40.59 1.78 9.22
N ILE A 481 -41.89 1.59 9.36
CA ILE A 481 -42.59 1.82 10.63
C ILE A 481 -42.68 0.52 11.40
N PRO A 482 -42.06 0.46 12.60
CA PRO A 482 -42.15 -0.77 13.38
C PRO A 482 -43.52 -0.97 14.01
N GLN A 483 -43.78 -2.16 14.54
CA GLN A 483 -44.98 -2.40 15.34
C GLN A 483 -44.93 -1.54 16.59
N ARG A 484 -46.09 -1.24 17.16
CA ARG A 484 -46.13 -0.50 18.41
C ARG A 484 -45.44 -1.30 19.50
N PHE A 485 -44.68 -0.61 20.33
CA PHE A 485 -44.13 -1.24 21.52
C PHE A 485 -45.28 -1.62 22.44
N ASP A 486 -45.21 -2.82 23.01
CA ASP A 486 -46.20 -3.31 23.95
C ASP A 486 -45.55 -3.36 25.33
N ALA A 487 -45.89 -2.38 26.16
CA ALA A 487 -45.26 -2.21 27.47
C ALA A 487 -45.48 -3.40 28.38
N SER A 488 -46.54 -4.17 28.12
CA SER A 488 -46.85 -5.35 28.93
C SER A 488 -45.84 -6.49 28.72
N GLN A 489 -45.10 -6.45 27.60
CA GLN A 489 -44.13 -7.50 27.29
C GLN A 489 -42.81 -7.28 28.00
N ALA A 490 -42.24 -8.37 28.51
CA ALA A 490 -40.89 -8.36 29.01
C ALA A 490 -39.95 -8.25 27.82
N ILE A 491 -38.98 -7.36 27.93
CA ILE A 491 -37.96 -7.21 26.88
C ILE A 491 -36.58 -7.14 27.53
N GLU A 492 -35.55 -7.14 26.70
CA GLU A 492 -34.19 -6.98 27.16
C GLU A 492 -33.83 -5.50 27.10
N TRP A 493 -33.27 -5.02 28.20
CA TRP A 493 -32.86 -3.63 28.35
C TRP A 493 -31.34 -3.54 28.49
N THR A 494 -30.74 -2.65 27.73
CA THR A 494 -29.31 -2.41 27.78
C THR A 494 -29.03 -1.17 28.66
N PRO A 495 -28.07 -1.29 29.58
CA PRO A 495 -27.73 -0.11 30.37
C PRO A 495 -26.98 0.91 29.51
N VAL A 496 -27.34 2.17 29.64
CA VAL A 496 -26.66 3.25 28.94
C VAL A 496 -26.27 4.33 29.94
N TRP A 497 -25.09 4.92 29.76
CA TRP A 497 -24.62 5.94 30.68
C TRP A 497 -25.15 7.30 30.30
N SER A 498 -25.75 7.98 31.26
CA SER A 498 -26.22 9.34 31.06
C SER A 498 -25.14 10.32 31.49
N LEU A 499 -24.60 11.05 30.52
CA LEU A 499 -23.58 12.07 30.80
C LEU A 499 -24.16 13.28 31.52
N THR A 500 -25.44 13.54 31.30
CA THR A 500 -26.10 14.67 31.96
C THR A 500 -26.32 14.40 33.46
N GLU A 501 -26.85 13.24 33.78
CA GLU A 501 -27.24 12.90 35.16
C GLU A 501 -26.22 12.00 35.86
N GLN A 502 -25.20 11.57 35.12
CA GLN A 502 -24.08 10.82 35.68
C GLN A 502 -24.57 9.54 36.38
N THR A 503 -25.36 8.76 35.66
CA THR A 503 -25.89 7.51 36.18
C THR A 503 -26.44 6.68 35.03
N HIS A 504 -26.74 5.41 35.29
CA HIS A 504 -27.22 4.51 34.26
C HIS A 504 -28.72 4.70 33.98
N LYS A 505 -29.08 4.64 32.70
CA LYS A 505 -30.46 4.57 32.28
C LYS A 505 -30.60 3.32 31.42
N TYR A 506 -31.78 3.10 30.85
CA TYR A 506 -32.00 1.91 30.03
C TYR A 506 -32.76 2.19 28.75
N LEU A 507 -32.21 1.69 27.64
CA LEU A 507 -32.91 1.61 26.35
C LEU A 507 -33.13 0.14 26.04
N PRO A 508 -34.17 -0.16 25.25
CA PRO A 508 -34.29 -1.54 24.79
C PRO A 508 -33.08 -1.94 23.97
N THR A 509 -32.60 -3.17 24.17
CA THR A 509 -31.41 -3.64 23.47
C THR A 509 -31.60 -3.56 21.95
N ALA A 510 -32.85 -3.72 21.50
CA ALA A 510 -33.19 -3.64 20.08
C ALA A 510 -32.80 -2.30 19.45
N LEU A 511 -32.79 -1.25 20.25
CA LEU A 511 -32.39 0.07 19.77
C LEU A 511 -30.89 0.31 19.85
N CYS A 512 -30.20 -0.47 20.67
CA CYS A 512 -28.79 -0.20 20.99
C CYS A 512 -27.80 -0.86 20.05
N TYR A 513 -28.23 -1.91 19.35
CA TYR A 513 -27.34 -2.69 18.49
C TYR A 513 -28.05 -3.08 17.20
N TYR A 514 -27.28 -3.38 16.16
CA TYR A 514 -27.84 -3.79 14.87
C TYR A 514 -28.28 -5.23 14.91
N HIS A 515 -29.42 -5.51 14.27
CA HIS A 515 -29.87 -6.87 14.05
C HIS A 515 -30.08 -7.66 15.33
N TYR A 516 -30.64 -7.01 16.34
CA TYR A 516 -31.15 -7.70 17.50
C TYR A 516 -32.39 -8.49 17.08
N PRO A 517 -32.41 -9.81 17.33
CA PRO A 517 -33.58 -10.59 16.91
C PRO A 517 -34.78 -10.39 17.84
N LEU A 518 -35.90 -10.01 17.27
CA LEU A 518 -37.15 -9.83 18.01
C LEU A 518 -38.19 -10.84 17.56
N PRO A 519 -39.17 -11.15 18.42
CA PRO A 519 -40.28 -12.02 18.02
C PRO A 519 -41.05 -11.43 16.85
N PRO A 520 -41.56 -12.25 15.92
CA PRO A 520 -42.35 -11.73 14.79
C PRO A 520 -43.52 -10.84 15.19
N GLU A 521 -44.02 -10.99 16.41
CA GLU A 521 -45.21 -10.27 16.87
C GLU A 521 -44.87 -9.16 17.87
N HIS A 522 -43.58 -8.81 17.95
CA HIS A 522 -43.15 -7.67 18.75
C HIS A 522 -41.93 -7.03 18.14
N ARG A 523 -42.01 -6.76 16.85
CA ARG A 523 -40.94 -6.07 16.12
C ARG A 523 -41.10 -4.57 16.28
N PHE A 524 -40.76 -4.07 17.48
CA PHE A 524 -41.01 -2.66 17.79
C PHE A 524 -39.90 -1.72 17.35
N ALA A 525 -38.78 -2.27 16.88
CA ALA A 525 -37.65 -1.43 16.48
C ALA A 525 -36.64 -2.16 15.59
N ARG A 526 -35.97 -1.38 14.74
CA ARG A 526 -34.79 -1.81 14.01
C ARG A 526 -33.66 -0.86 14.36
N GLY A 527 -32.61 -1.38 14.96
CA GLY A 527 -31.47 -0.56 15.37
C GLY A 527 -30.91 0.21 14.19
N ASP A 528 -30.84 1.53 14.32
CA ASP A 528 -30.30 2.40 13.26
C ASP A 528 -28.89 2.87 13.63
N SER A 529 -28.28 3.66 12.75
CA SER A 529 -26.90 4.07 12.86
C SER A 529 -26.75 5.50 13.34
N ASN A 530 -27.87 6.17 13.59
CA ASN A 530 -27.85 7.59 13.95
C ASN A 530 -27.26 7.79 15.34
N GLY A 531 -26.15 8.52 15.38
CA GLY A 531 -25.43 8.75 16.63
C GLY A 531 -24.31 7.73 16.86
N ASN A 532 -24.23 6.73 15.99
CA ASN A 532 -23.13 5.76 16.04
C ASN A 532 -21.85 6.38 15.48
N ALA A 533 -20.73 6.16 16.16
CA ALA A 533 -19.45 6.72 15.70
C ALA A 533 -18.24 6.01 16.26
N ALA A 534 -17.19 5.90 15.45
CA ALA A 534 -15.91 5.38 15.88
C ALA A 534 -14.93 6.51 16.17
N GLY A 535 -13.89 6.20 16.94
CA GLY A 535 -12.88 7.20 17.26
C GLY A 535 -11.66 6.57 17.88
N ASN A 536 -10.57 7.32 17.92
CA ASN A 536 -9.32 6.83 18.52
C ASN A 536 -9.40 6.74 20.04
N THR A 537 -10.38 7.44 20.60
CA THR A 537 -10.69 7.37 22.03
C THR A 537 -12.22 7.44 22.19
N LEU A 538 -12.71 7.09 23.37
CA LEU A 538 -14.14 7.12 23.63
C LEU A 538 -14.73 8.51 23.44
N GLU A 539 -14.09 9.51 24.00
CA GLU A 539 -14.64 10.85 23.99
C GLU A 539 -14.57 11.44 22.58
N GLU A 540 -13.61 11.00 21.78
CA GLU A 540 -13.55 11.36 20.37
C GLU A 540 -14.78 10.81 19.65
N ALA A 541 -15.10 9.55 19.94
CA ALA A 541 -16.25 8.89 19.32
C ALA A 541 -17.57 9.50 19.79
N ILE A 542 -17.67 9.80 21.08
CA ILE A 542 -18.87 10.39 21.63
C ILE A 542 -19.13 11.76 21.00
N LEU A 543 -18.10 12.58 20.89
CA LEU A 543 -18.22 13.90 20.26
C LEU A 543 -18.79 13.79 18.84
N GLN A 544 -18.26 12.86 18.06
CA GLN A 544 -18.71 12.67 16.69
C GLN A 544 -20.15 12.16 16.65
N GLY A 545 -20.44 11.18 17.51
CA GLY A 545 -21.78 10.62 17.59
C GLY A 545 -22.79 11.70 17.92
N PHE A 546 -22.46 12.55 18.87
CA PHE A 546 -23.34 13.64 19.26
C PHE A 546 -23.58 14.58 18.08
N MET A 547 -22.51 14.96 17.40
CA MET A 547 -22.62 15.88 16.28
C MET A 547 -23.48 15.29 15.16
N GLU A 548 -23.41 13.98 14.97
CA GLU A 548 -24.24 13.32 13.98
C GLU A 548 -25.72 13.49 14.34
N LEU A 549 -26.04 13.45 15.63
CA LEU A 549 -27.42 13.65 16.07
C LEU A 549 -27.90 15.07 15.79
N VAL A 550 -27.06 16.06 16.06
CA VAL A 550 -27.41 17.45 15.77
C VAL A 550 -27.61 17.64 14.26
N GLU A 551 -26.75 16.99 13.48
CA GLU A 551 -26.84 17.02 12.02
C GLU A 551 -28.21 16.54 11.55
N ARG A 552 -28.58 15.33 11.96
CA ARG A 552 -29.83 14.72 11.50
C ARG A 552 -31.03 15.50 12.00
N ASP A 553 -30.96 16.01 13.22
CA ASP A 553 -32.04 16.81 13.80
C ASP A 553 -32.21 18.10 12.99
N GLY A 554 -31.10 18.74 12.65
CA GLY A 554 -31.14 19.94 11.85
C GLY A 554 -31.75 19.71 10.47
N VAL A 555 -31.38 18.61 9.84
CA VAL A 555 -31.92 18.25 8.52
C VAL A 555 -33.42 17.97 8.63
N ALA A 556 -33.83 17.25 9.67
CA ALA A 556 -35.22 16.92 9.89
C ALA A 556 -36.10 18.17 9.96
N LEU A 557 -35.68 19.14 10.76
CA LEU A 557 -36.44 20.38 10.95
C LEU A 557 -36.58 21.11 9.61
N TRP A 558 -35.50 21.13 8.84
CA TRP A 558 -35.47 21.85 7.58
C TRP A 558 -36.27 21.13 6.51
N TRP A 559 -36.00 19.84 6.37
CA TRP A 559 -36.57 19.03 5.29
C TRP A 559 -38.09 18.89 5.40
N TYR A 560 -38.58 18.47 6.56
CA TYR A 560 -39.98 18.09 6.69
C TYR A 560 -40.90 19.28 6.93
N ASN A 561 -40.35 20.39 7.40
CA ASN A 561 -41.10 21.64 7.43
C ASN A 561 -40.91 22.41 6.12
N ARG A 562 -39.97 21.95 5.30
CA ARG A 562 -39.65 22.62 4.04
C ARG A 562 -39.37 24.10 4.25
N LEU A 563 -38.41 24.38 5.12
CA LEU A 563 -38.04 25.73 5.47
C LEU A 563 -37.10 26.33 4.43
N ARG A 564 -37.18 27.63 4.25
CA ARG A 564 -36.22 28.34 3.43
C ARG A 564 -35.06 28.78 4.31
N ARG A 565 -33.85 28.38 3.93
CA ARG A 565 -32.67 28.63 4.74
C ARG A 565 -31.68 29.51 3.98
N PRO A 566 -30.88 30.30 4.71
CA PRO A 566 -29.85 31.11 4.06
C PRO A 566 -28.70 30.25 3.57
N ALA A 567 -28.01 30.69 2.51
CA ALA A 567 -26.79 30.04 2.06
C ALA A 567 -25.61 30.50 2.91
N VAL A 568 -24.47 29.89 2.66
CA VAL A 568 -23.23 30.26 3.33
C VAL A 568 -22.24 30.81 2.30
N ASP A 569 -21.67 31.97 2.62
CA ASP A 569 -20.57 32.51 1.84
C ASP A 569 -19.32 31.70 2.16
N LEU A 570 -18.99 30.77 1.27
CA LEU A 570 -17.91 29.83 1.51
C LEU A 570 -16.53 30.52 1.41
N GLY A 571 -16.50 31.69 0.79
CA GLY A 571 -15.27 32.46 0.69
C GLY A 571 -14.98 33.22 1.97
N SER A 572 -15.96 33.29 2.87
CA SER A 572 -15.81 34.02 4.12
C SER A 572 -14.96 33.23 5.12
N PHE A 573 -14.83 31.93 4.89
CA PHE A 573 -14.03 31.07 5.74
C PHE A 573 -12.63 30.98 5.16
N ASN A 574 -11.64 30.99 6.04
CA ASN A 574 -10.25 30.88 5.60
C ASN A 574 -9.91 29.43 5.24
N GLU A 575 -10.65 28.89 4.29
CA GLU A 575 -10.45 27.53 3.80
C GLU A 575 -10.65 27.56 2.29
N PRO A 576 -9.56 27.62 1.51
CA PRO A 576 -9.72 27.71 0.06
C PRO A 576 -10.56 26.56 -0.52
N TYR A 577 -10.38 25.36 0.03
CA TYR A 577 -11.01 24.15 -0.48
C TYR A 577 -12.47 24.33 -0.93
N PHE A 578 -13.25 25.07 -0.16
CA PHE A 578 -14.68 25.21 -0.43
C PHE A 578 -14.93 25.78 -1.81
N VAL A 579 -14.35 26.93 -2.10
CA VAL A 579 -14.61 27.61 -3.36
C VAL A 579 -13.88 26.94 -4.51
N GLN A 580 -12.81 26.21 -4.22
CA GLN A 580 -12.14 25.44 -5.28
C GLN A 580 -13.06 24.28 -5.68
N LEU A 581 -13.69 23.67 -4.68
CA LEU A 581 -14.60 22.56 -4.95
C LEU A 581 -15.80 23.05 -5.73
N GLN A 582 -16.28 24.24 -5.37
CA GLN A 582 -17.39 24.85 -6.12
C GLN A 582 -17.00 24.99 -7.58
N GLN A 583 -15.78 25.45 -7.83
CA GLN A 583 -15.30 25.63 -9.20
C GLN A 583 -15.21 24.29 -9.92
N PHE A 584 -14.83 23.25 -9.20
CA PHE A 584 -14.75 21.90 -9.77
C PHE A 584 -16.14 21.40 -10.18
N TYR A 585 -17.11 21.53 -9.29
CA TYR A 585 -18.50 21.21 -9.63
C TYR A 585 -18.93 21.97 -10.87
N ARG A 586 -18.58 23.25 -10.90
CA ARG A 586 -18.88 24.15 -12.01
C ARG A 586 -18.35 23.61 -13.33
N GLU A 587 -17.14 23.07 -13.29
CA GLU A 587 -16.50 22.52 -14.49
C GLU A 587 -17.00 21.12 -14.79
N ASN A 588 -17.76 20.54 -13.88
CA ASN A 588 -18.34 19.22 -14.07
C ASN A 588 -19.86 19.26 -14.09
N ASP A 589 -20.40 20.26 -14.77
CA ASP A 589 -21.83 20.34 -15.07
C ASP A 589 -22.70 20.41 -13.83
N ARG A 590 -22.22 21.10 -12.79
CA ARG A 590 -22.97 21.19 -11.54
C ARG A 590 -22.80 22.52 -10.85
N ASP A 591 -23.80 22.87 -10.04
CA ASP A 591 -23.69 23.94 -9.06
C ASP A 591 -23.64 23.31 -7.69
N LEU A 592 -22.85 23.91 -6.80
CA LEU A 592 -22.76 23.46 -5.42
C LEU A 592 -22.96 24.65 -4.50
N TRP A 593 -23.87 24.50 -3.54
CA TRP A 593 -24.12 25.51 -2.53
C TRP A 593 -24.43 24.87 -1.18
N VAL A 594 -24.25 25.65 -0.11
CA VAL A 594 -24.41 25.16 1.24
C VAL A 594 -25.45 25.96 1.99
N LEU A 595 -26.36 25.27 2.67
CA LEU A 595 -27.41 25.92 3.47
C LEU A 595 -27.11 25.77 4.96
N ASP A 596 -27.44 26.79 5.73
CA ASP A 596 -27.31 26.75 7.19
C ASP A 596 -28.51 26.04 7.83
N LEU A 597 -28.23 25.06 8.67
CA LEU A 597 -29.27 24.30 9.38
C LEU A 597 -29.17 24.49 10.88
N THR A 598 -28.36 25.45 11.31
CA THR A 598 -28.11 25.67 12.72
C THR A 598 -29.42 25.99 13.42
N ALA A 599 -29.75 25.21 14.45
CA ALA A 599 -31.02 25.33 15.15
C ALA A 599 -30.84 25.78 16.58
N ASP A 600 -31.73 25.36 17.47
CA ASP A 600 -31.80 25.91 18.84
C ASP A 600 -30.58 25.62 19.69
N LEU A 601 -29.88 24.52 19.41
CA LEU A 601 -28.67 24.20 20.18
C LEU A 601 -27.51 25.13 19.78
N GLY A 602 -27.64 25.78 18.62
CA GLY A 602 -26.66 26.77 18.17
C GLY A 602 -25.39 26.16 17.59
N ILE A 603 -25.35 24.85 17.44
CA ILE A 603 -24.16 24.16 16.93
C ILE A 603 -24.17 24.24 15.40
N PRO A 604 -23.04 24.67 14.81
CA PRO A 604 -22.99 24.76 13.34
C PRO A 604 -23.38 23.44 12.64
N ALA A 605 -24.36 23.53 11.75
CA ALA A 605 -24.81 22.39 10.97
C ALA A 605 -25.25 22.85 9.60
N PHE A 606 -24.93 22.07 8.57
CA PHE A 606 -25.10 22.50 7.19
C PHE A 606 -25.53 21.39 6.25
N ALA A 607 -26.16 21.79 5.15
CA ALA A 607 -26.51 20.89 4.06
C ALA A 607 -25.83 21.35 2.78
N GLY A 608 -25.08 20.45 2.17
CA GLY A 608 -24.53 20.69 0.85
C GLY A 608 -25.55 20.27 -0.17
N VAL A 609 -25.79 21.10 -1.18
CA VAL A 609 -26.76 20.80 -2.21
C VAL A 609 -26.16 21.02 -3.60
N SER A 610 -26.48 20.12 -4.52
CA SER A 610 -25.98 20.24 -5.87
C SER A 610 -26.94 19.63 -6.89
N ASN A 611 -27.07 20.30 -8.03
CA ASN A 611 -27.87 19.83 -9.15
C ASN A 611 -27.03 19.77 -10.41
N ARG A 612 -27.39 18.88 -11.32
CA ARG A 612 -26.79 18.84 -12.64
C ARG A 612 -27.50 19.83 -13.56
N LYS A 613 -26.71 20.57 -14.34
CA LYS A 613 -27.24 21.63 -15.18
C LYS A 613 -27.75 21.09 -16.52
N THR A 614 -27.12 20.04 -17.02
CA THR A 614 -27.55 19.40 -18.26
C THR A 614 -27.78 17.92 -17.99
N GLY A 615 -27.79 17.13 -19.05
CA GLY A 615 -28.01 15.70 -18.94
C GLY A 615 -29.49 15.39 -18.91
N SER A 616 -29.81 14.11 -18.77
CA SER A 616 -31.20 13.66 -18.78
C SER A 616 -31.97 14.13 -17.54
N SER A 617 -31.33 14.05 -16.39
CA SER A 617 -31.96 14.36 -15.11
C SER A 617 -31.10 15.31 -14.28
N GLU A 618 -31.70 15.88 -13.24
CA GLU A 618 -31.05 16.89 -12.43
C GLU A 618 -30.12 16.29 -11.38
N ARG A 619 -30.35 15.03 -11.00
CA ARG A 619 -29.51 14.33 -10.02
C ARG A 619 -29.27 15.18 -8.77
N LEU A 620 -30.35 15.57 -8.11
CA LEU A 620 -30.24 16.35 -6.88
C LEU A 620 -29.54 15.52 -5.83
N ILE A 621 -28.45 16.05 -5.29
CA ILE A 621 -27.67 15.31 -4.29
C ILE A 621 -27.41 16.17 -3.05
N LEU A 622 -27.37 15.52 -1.90
CA LEU A 622 -27.27 16.20 -0.62
C LEU A 622 -26.21 15.59 0.28
N GLY A 623 -25.59 16.44 1.10
CA GLY A 623 -24.60 15.99 2.08
C GLY A 623 -24.69 16.87 3.30
N PHE A 624 -24.54 16.27 4.47
CA PHE A 624 -24.74 16.99 5.71
C PHE A 624 -23.55 16.89 6.65
N GLY A 625 -23.44 17.86 7.56
CA GLY A 625 -22.38 17.86 8.55
C GLY A 625 -22.68 18.83 9.68
N ALA A 626 -22.18 18.50 10.87
CA ALA A 626 -22.29 19.37 12.03
C ALA A 626 -21.04 19.23 12.89
N HIS A 627 -20.62 20.34 13.50
CA HIS A 627 -19.40 20.39 14.29
C HIS A 627 -19.36 21.72 15.03
N LEU A 628 -18.64 21.77 16.14
CA LEU A 628 -18.48 23.02 16.87
C LEU A 628 -17.75 24.03 16.01
N ASP A 629 -16.81 23.54 15.21
CA ASP A 629 -16.08 24.36 14.26
C ASP A 629 -16.84 24.38 12.94
N PRO A 630 -17.33 25.57 12.53
CA PRO A 630 -18.18 25.62 11.35
C PRO A 630 -17.45 25.23 10.08
N THR A 631 -16.15 25.48 10.03
CA THR A 631 -15.33 25.10 8.88
C THR A 631 -15.38 23.59 8.68
N ILE A 632 -15.20 22.85 9.78
CA ILE A 632 -15.24 21.39 9.76
C ILE A 632 -16.64 20.91 9.41
N ALA A 633 -17.66 21.60 9.93
CA ALA A 633 -19.04 21.24 9.66
C ALA A 633 -19.34 21.33 8.15
N ILE A 634 -18.99 22.45 7.55
CA ILE A 634 -19.20 22.66 6.12
C ILE A 634 -18.41 21.64 5.32
N LEU A 635 -17.18 21.41 5.74
CA LEU A 635 -16.29 20.45 5.09
C LEU A 635 -16.91 19.05 5.07
N ARG A 636 -17.50 18.65 6.18
CA ARG A 636 -18.16 17.37 6.25
C ARG A 636 -19.32 17.28 5.28
N ALA A 637 -20.09 18.35 5.21
CA ALA A 637 -21.25 18.40 4.34
C ALA A 637 -20.84 18.27 2.87
N VAL A 638 -19.91 19.10 2.43
CA VAL A 638 -19.51 19.14 1.03
C VAL A 638 -18.78 17.86 0.60
N THR A 639 -17.98 17.28 1.49
CA THR A 639 -17.29 16.02 1.17
C THR A 639 -18.25 14.84 1.14
N GLU A 640 -19.39 14.96 1.82
CA GLU A 640 -20.42 13.93 1.72
C GLU A 640 -21.16 14.02 0.40
N VAL A 641 -21.31 15.24 -0.11
CA VAL A 641 -21.88 15.42 -1.44
C VAL A 641 -20.98 14.72 -2.45
N ASN A 642 -19.67 14.87 -2.28
CA ASN A 642 -18.70 14.20 -3.14
C ASN A 642 -18.89 12.70 -3.07
N GLN A 643 -19.05 12.21 -1.84
CA GLN A 643 -19.13 10.80 -1.54
C GLN A 643 -20.30 10.11 -2.26
N ILE A 644 -21.46 10.75 -2.22
CA ILE A 644 -22.69 10.13 -2.71
C ILE A 644 -22.92 10.35 -4.20
N GLY A 645 -22.99 11.62 -4.57
CA GLY A 645 -23.27 12.07 -5.92
C GLY A 645 -22.29 11.96 -7.05
N LEU A 646 -21.03 12.27 -6.83
CA LEU A 646 -20.08 12.35 -7.92
C LEU A 646 -19.77 11.03 -8.65
N GLU A 647 -19.69 9.93 -7.92
CA GLU A 647 -19.46 8.61 -8.50
C GLU A 647 -20.71 8.14 -9.25
N LEU A 648 -21.85 8.71 -8.88
CA LEU A 648 -23.11 8.34 -9.50
C LEU A 648 -23.33 9.07 -10.82
N ASP A 649 -22.69 10.22 -10.99
CA ASP A 649 -22.76 10.94 -12.27
C ASP A 649 -22.11 10.09 -13.36
N LYS A 650 -21.21 9.19 -12.95
CA LYS A 650 -20.57 8.26 -13.88
C LYS A 650 -21.58 7.34 -14.54
N VAL A 651 -22.52 6.83 -13.74
CA VAL A 651 -23.40 5.75 -14.17
C VAL A 651 -24.68 6.31 -14.80
N PRO A 652 -25.05 5.81 -15.99
CA PRO A 652 -26.27 6.28 -16.67
C PRO A 652 -27.55 6.10 -15.85
N ASP A 653 -28.56 6.92 -16.16
CA ASP A 653 -29.87 6.85 -15.50
C ASP A 653 -30.43 5.43 -15.45
N GLU A 654 -30.36 4.75 -16.59
CA GLU A 654 -30.92 3.41 -16.73
C GLU A 654 -30.21 2.41 -15.83
N ASN A 655 -28.92 2.63 -15.61
CA ASN A 655 -28.10 1.70 -14.83
C ASN A 655 -28.23 1.94 -13.33
N LEU A 656 -28.95 2.99 -12.94
CA LEU A 656 -29.05 3.35 -11.53
C LEU A 656 -29.90 2.38 -10.72
N LYS A 657 -29.19 1.72 -9.81
CA LYS A 657 -29.74 0.83 -8.80
C LYS A 657 -29.60 1.35 -7.37
N SER A 658 -29.18 2.58 -7.21
CA SER A 658 -29.06 3.17 -5.90
C SER A 658 -30.42 3.39 -5.25
N ASP A 659 -30.47 3.41 -3.93
CA ASP A 659 -31.72 3.51 -3.18
C ASP A 659 -32.46 4.81 -3.48
N ALA A 660 -31.70 5.83 -3.87
CA ALA A 660 -32.24 7.15 -4.19
C ALA A 660 -32.52 7.33 -5.68
N THR A 661 -32.73 6.23 -6.41
CA THR A 661 -32.86 6.30 -7.86
C THR A 661 -33.98 7.22 -8.35
N ASP A 662 -35.20 6.97 -7.89
CA ASP A 662 -36.36 7.75 -8.34
C ASP A 662 -36.14 9.23 -8.09
N TRP A 663 -35.63 9.55 -6.90
CA TRP A 663 -35.27 10.95 -6.59
C TRP A 663 -34.30 11.52 -7.63
N LEU A 664 -33.22 10.79 -7.90
CA LEU A 664 -32.14 11.27 -8.76
C LEU A 664 -32.59 11.52 -10.21
N ILE A 665 -33.48 10.68 -10.71
CA ILE A 665 -33.90 10.76 -12.11
C ILE A 665 -35.05 11.73 -12.32
N THR A 666 -36.04 11.70 -11.44
CA THR A 666 -37.32 12.35 -11.72
C THR A 666 -37.51 13.70 -11.05
N GLU A 667 -36.91 13.89 -9.88
CA GLU A 667 -37.18 15.10 -9.10
C GLU A 667 -36.41 16.31 -9.59
N LYS A 668 -36.98 17.49 -9.36
CA LYS A 668 -36.42 18.73 -9.83
C LYS A 668 -36.33 19.80 -8.78
N LEU A 669 -35.36 20.68 -8.98
CA LEU A 669 -35.12 21.77 -8.07
C LEU A 669 -36.34 22.70 -8.01
N ALA A 670 -37.01 22.85 -9.15
CA ALA A 670 -38.18 23.73 -9.25
C ALA A 670 -39.32 23.31 -8.31
N ASP A 671 -39.49 22.00 -8.14
CA ASP A 671 -40.55 21.48 -7.28
C ASP A 671 -40.10 21.32 -5.81
N HIS A 672 -38.87 21.71 -5.51
CA HIS A 672 -38.33 21.64 -4.15
C HIS A 672 -37.58 22.92 -3.80
N PRO A 673 -38.31 24.05 -3.75
CA PRO A 673 -37.69 25.37 -3.52
C PRO A 673 -36.90 25.45 -2.22
N TYR A 674 -37.24 24.60 -1.25
CA TYR A 674 -36.56 24.61 0.05
C TYR A 674 -35.12 24.11 -0.05
N LEU A 675 -34.72 23.61 -1.23
CA LEU A 675 -33.36 23.15 -1.46
C LEU A 675 -32.39 24.29 -1.81
N LEU A 676 -32.89 25.31 -2.49
CA LEU A 676 -32.01 26.39 -2.94
C LEU A 676 -32.08 27.55 -1.95
N PRO A 677 -31.05 28.40 -1.93
CA PRO A 677 -30.96 29.38 -0.84
C PRO A 677 -32.03 30.45 -0.84
N ASP A 678 -32.35 30.95 0.35
CA ASP A 678 -33.31 32.03 0.49
C ASP A 678 -32.59 33.34 0.23
N THR A 679 -32.84 33.91 -0.94
CA THR A 679 -32.22 35.17 -1.33
C THR A 679 -32.85 36.35 -0.58
N THR A 680 -33.84 36.04 0.26
CA THR A 680 -34.45 37.02 1.13
C THR A 680 -33.57 37.27 2.36
N GLN A 681 -32.75 36.28 2.71
CA GLN A 681 -31.85 36.38 3.86
C GLN A 681 -30.41 36.61 3.42
N PRO A 682 -29.59 37.18 4.29
CA PRO A 682 -28.18 37.39 3.91
C PRO A 682 -27.37 36.10 3.92
N LEU A 683 -26.20 36.13 3.29
CA LEU A 683 -25.29 35.00 3.31
C LEU A 683 -24.67 34.82 4.69
N LYS A 684 -24.63 33.58 5.16
CA LYS A 684 -23.97 33.28 6.42
C LYS A 684 -22.45 33.33 6.23
N THR A 685 -21.75 33.92 7.19
CA THR A 685 -20.30 34.02 7.14
C THR A 685 -19.67 33.41 8.37
N ALA A 686 -18.34 33.32 8.36
CA ALA A 686 -17.60 32.74 9.48
C ALA A 686 -17.92 33.43 10.80
N GLN A 687 -18.15 34.74 10.75
CA GLN A 687 -18.37 35.53 11.96
C GLN A 687 -19.75 35.32 12.56
N ASP A 688 -20.61 34.56 11.87
CA ASP A 688 -21.95 34.28 12.38
C ASP A 688 -21.97 33.07 13.29
N TYR A 689 -20.83 32.41 13.45
CA TYR A 689 -20.75 31.17 14.21
C TYR A 689 -19.76 31.30 15.37
N PRO A 690 -20.25 31.53 16.60
CA PRO A 690 -19.37 31.68 17.77
C PRO A 690 -18.53 30.45 18.07
N LYS A 691 -17.28 30.67 18.47
CA LYS A 691 -16.40 29.56 18.84
C LYS A 691 -16.79 29.03 20.21
N ARG A 692 -16.95 27.72 20.31
CA ARG A 692 -17.29 27.08 21.59
C ARG A 692 -16.51 25.79 21.81
N TRP A 693 -15.55 25.51 20.93
CA TRP A 693 -14.68 24.35 21.08
C TRP A 693 -13.44 24.78 21.87
N SER A 694 -12.74 23.80 22.45
CA SER A 694 -11.57 24.04 23.28
C SER A 694 -10.35 23.26 22.79
N ASP A 695 -9.30 23.23 23.61
CA ASP A 695 -8.10 22.46 23.30
C ASP A 695 -8.25 21.00 23.72
N ASP A 696 -9.41 20.64 24.28
CA ASP A 696 -9.63 19.32 24.84
C ASP A 696 -10.96 18.70 24.38
N ILE A 697 -10.90 17.46 23.91
CA ILE A 697 -12.06 16.78 23.36
C ILE A 697 -13.06 16.46 24.47
N TYR A 698 -12.55 16.12 25.64
CA TYR A 698 -13.40 15.88 26.80
C TYR A 698 -14.24 17.11 27.14
N THR A 699 -13.60 18.27 27.14
CA THR A 699 -14.28 19.52 27.43
C THR A 699 -15.35 19.79 26.38
N ASP A 700 -15.03 19.47 25.12
CA ASP A 700 -15.99 19.65 24.03
C ASP A 700 -17.22 18.76 24.24
N VAL A 701 -17.01 17.54 24.72
CA VAL A 701 -18.11 16.63 24.98
C VAL A 701 -18.97 17.20 26.10
N MET A 702 -18.34 17.67 27.16
CA MET A 702 -19.05 18.22 28.30
C MET A 702 -19.78 19.51 27.93
N THR A 703 -19.26 20.23 26.94
CA THR A 703 -19.91 21.42 26.43
C THR A 703 -21.21 21.05 25.71
N CYS A 704 -21.14 20.02 24.88
CA CYS A 704 -22.31 19.55 24.13
C CYS A 704 -23.43 19.07 25.03
N VAL A 705 -23.08 18.27 26.02
CA VAL A 705 -24.07 17.70 26.93
C VAL A 705 -24.82 18.80 27.70
N ASN A 706 -24.11 19.86 28.04
CA ASN A 706 -24.73 21.00 28.74
C ASN A 706 -25.62 21.80 27.79
N ILE A 707 -25.19 21.99 26.55
CA ILE A 707 -26.01 22.62 25.54
C ILE A 707 -27.32 21.86 25.39
N ALA A 708 -27.22 20.54 25.29
CA ALA A 708 -28.41 19.68 25.19
C ALA A 708 -29.28 19.82 26.44
N GLN A 709 -28.64 19.83 27.59
CA GLN A 709 -29.33 19.96 28.87
C GLN A 709 -30.16 21.24 28.91
N GLN A 710 -29.60 22.33 28.39
CA GLN A 710 -30.31 23.61 28.39
C GLN A 710 -31.50 23.59 27.44
N ALA A 711 -31.48 22.67 26.47
CA ALA A 711 -32.59 22.49 25.56
C ALA A 711 -33.58 21.43 26.09
N GLY A 712 -33.34 20.94 27.30
CA GLY A 712 -34.23 19.97 27.92
C GLY A 712 -33.96 18.52 27.52
N LEU A 713 -32.76 18.26 27.00
CA LEU A 713 -32.44 16.94 26.47
C LEU A 713 -31.36 16.21 27.29
N GLU A 714 -31.49 14.89 27.33
CA GLU A 714 -30.55 14.04 28.04
C GLU A 714 -29.63 13.31 27.04
N THR A 715 -28.34 13.25 27.38
CA THR A 715 -27.33 12.65 26.50
C THR A 715 -26.89 11.29 27.03
N LEU A 716 -27.21 10.25 26.27
CA LEU A 716 -26.94 8.88 26.69
C LEU A 716 -25.89 8.24 25.78
N VAL A 717 -25.03 7.41 26.38
CA VAL A 717 -23.97 6.71 25.65
C VAL A 717 -24.02 5.23 25.93
N ILE A 718 -23.90 4.43 24.89
CA ILE A 718 -23.60 3.01 25.04
C ILE A 718 -22.28 2.73 24.33
N ASP A 719 -21.35 2.14 25.07
CA ASP A 719 -20.04 1.80 24.55
C ASP A 719 -20.09 0.47 23.81
N GLN A 720 -19.90 0.50 22.49
CA GLN A 720 -19.96 -0.70 21.66
C GLN A 720 -18.56 -1.24 21.38
N THR A 721 -17.54 -0.61 21.96
CA THR A 721 -16.14 -0.99 21.75
C THR A 721 -15.91 -2.47 22.01
N ARG A 722 -15.33 -3.15 21.04
CA ARG A 722 -15.05 -4.58 21.15
C ARG A 722 -13.59 -4.78 21.46
N PRO A 723 -13.25 -5.57 22.50
CA PRO A 723 -11.82 -5.69 22.90
C PRO A 723 -10.91 -6.23 21.82
N ASP A 724 -11.43 -7.12 20.97
CA ASP A 724 -10.64 -7.72 19.91
C ASP A 724 -10.53 -6.77 18.70
N ILE A 725 -11.19 -5.63 18.79
CA ILE A 725 -11.15 -4.62 17.74
C ILE A 725 -10.28 -3.44 18.17
N GLY A 726 -10.51 -2.93 19.37
CA GLY A 726 -9.65 -1.90 19.95
C GLY A 726 -10.15 -0.49 19.68
N LEU A 727 -10.36 -0.17 18.40
CA LEU A 727 -10.89 1.12 18.01
C LEU A 727 -12.22 1.36 18.74
N ASN A 728 -12.34 2.54 19.37
CA ASN A 728 -13.50 2.85 20.18
C ASN A 728 -14.70 3.12 19.30
N VAL A 729 -15.84 2.53 19.68
CA VAL A 729 -17.11 2.72 18.98
C VAL A 729 -18.22 2.90 20.02
N VAL A 730 -19.07 3.88 19.79
CA VAL A 730 -20.19 4.14 20.67
C VAL A 730 -21.46 4.43 19.88
N LYS A 731 -22.59 4.39 20.56
CA LYS A 731 -23.83 4.96 20.03
C LYS A 731 -24.33 6.00 21.02
N VAL A 732 -24.38 7.24 20.58
CA VAL A 732 -24.91 8.33 21.39
C VAL A 732 -26.39 8.47 21.09
N THR A 733 -27.19 8.58 22.14
CA THR A 733 -28.62 8.77 22.00
C THR A 733 -29.06 9.96 22.83
N VAL A 734 -29.79 10.86 22.18
CA VAL A 734 -30.42 11.99 22.85
C VAL A 734 -31.93 11.93 22.62
N PRO A 735 -32.66 11.26 23.52
CA PRO A 735 -34.09 11.03 23.30
C PRO A 735 -34.86 12.33 23.03
N GLY A 736 -35.56 12.38 21.91
CA GLY A 736 -36.30 13.57 21.52
C GLY A 736 -35.74 14.22 20.26
N MET A 737 -34.43 14.15 20.10
CA MET A 737 -33.79 14.71 18.92
C MET A 737 -34.18 13.87 17.72
N ARG A 738 -34.43 14.54 16.61
CA ARG A 738 -35.08 13.92 15.47
C ARG A 738 -34.09 13.31 14.49
N HIS A 739 -34.49 12.15 13.97
CA HIS A 739 -33.82 11.54 12.84
C HIS A 739 -34.33 12.24 11.59
N PHE A 740 -33.57 12.20 10.50
CA PHE A 740 -34.02 12.86 9.27
C PHE A 740 -34.78 11.89 8.36
N TRP A 741 -35.31 10.83 8.95
CA TRP A 741 -36.23 9.93 8.26
C TRP A 741 -37.66 10.42 8.50
N SER A 742 -38.63 9.77 7.86
CA SER A 742 -40.03 10.21 7.95
C SER A 742 -40.69 9.74 9.24
N ARG A 743 -40.46 10.49 10.31
CA ARG A 743 -41.01 10.15 11.63
C ARG A 743 -41.69 11.38 12.21
N PHE A 744 -43.02 11.33 12.27
CA PHE A 744 -43.82 12.53 12.48
C PHE A 744 -44.54 12.59 13.80
N GLY A 745 -44.01 11.91 14.80
CA GLY A 745 -44.58 12.00 16.14
C GLY A 745 -44.38 13.39 16.69
N GLU A 746 -45.14 13.73 17.72
CA GLU A 746 -45.05 15.05 18.32
C GLU A 746 -43.66 15.29 18.94
N GLY A 747 -43.25 16.55 18.98
CA GLY A 747 -41.98 16.92 19.59
C GLY A 747 -41.24 18.01 18.84
N ARG A 748 -39.91 17.92 18.83
CA ARG A 748 -39.07 18.95 18.26
C ARG A 748 -39.35 19.27 16.79
N LEU A 749 -39.70 18.27 16.00
CA LEU A 749 -39.97 18.48 14.59
C LEU A 749 -40.97 19.60 14.35
N TYR A 750 -41.98 19.67 15.22
CA TYR A 750 -43.04 20.68 15.12
C TYR A 750 -42.70 21.95 15.89
N ASP A 751 -42.12 21.79 17.07
CA ASP A 751 -42.03 22.89 18.04
C ASP A 751 -40.80 23.78 17.89
N VAL A 752 -39.65 23.20 17.55
CA VAL A 752 -38.42 23.96 17.50
C VAL A 752 -38.48 25.12 16.49
N PRO A 753 -39.00 24.87 15.28
CA PRO A 753 -39.09 25.96 14.29
C PRO A 753 -39.87 27.17 14.78
N VAL A 754 -40.92 26.94 15.56
CA VAL A 754 -41.71 28.02 16.13
C VAL A 754 -40.95 28.72 17.26
N LYS A 755 -40.24 27.95 18.05
CA LYS A 755 -39.44 28.51 19.15
C LYS A 755 -38.37 29.45 18.63
N LEU A 756 -37.87 29.17 17.43
CA LEU A 756 -36.84 29.99 16.80
C LEU A 756 -37.41 31.13 15.97
N GLY A 757 -38.72 31.09 15.72
CA GLY A 757 -39.37 32.14 14.95
C GLY A 757 -39.39 31.83 13.46
N TRP A 758 -38.83 30.68 13.07
CA TRP A 758 -38.81 30.26 11.67
C TRP A 758 -40.23 30.11 11.15
N LEU A 759 -41.12 29.64 12.02
CA LEU A 759 -42.54 29.54 11.73
C LEU A 759 -43.34 30.27 12.82
N ASP A 760 -44.45 30.89 12.43
CA ASP A 760 -45.31 31.57 13.38
C ASP A 760 -46.20 30.59 14.12
N GLU A 761 -46.62 29.54 13.41
CA GLU A 761 -47.40 28.47 14.02
C GLU A 761 -46.90 27.11 13.53
N PRO A 762 -47.00 26.07 14.38
CA PRO A 762 -46.54 24.75 13.97
C PRO A 762 -47.31 24.21 12.76
N LEU A 763 -46.64 23.45 11.90
CA LEU A 763 -47.31 22.72 10.84
C LEU A 763 -48.04 21.52 11.43
N THR A 764 -49.02 21.01 10.69
CA THR A 764 -49.69 19.77 11.07
C THR A 764 -48.93 18.60 10.47
N GLU A 765 -49.22 17.40 10.96
CA GLU A 765 -48.59 16.20 10.43
C GLU A 765 -48.83 16.10 8.94
N ALA A 766 -50.04 16.46 8.51
CA ALA A 766 -50.43 16.33 7.10
C ALA A 766 -49.73 17.35 6.21
N GLN A 767 -49.07 18.33 6.82
CA GLN A 767 -48.37 19.37 6.07
C GLN A 767 -46.88 19.09 5.96
N MET A 768 -46.40 18.06 6.66
CA MET A 768 -45.00 17.69 6.59
C MET A 768 -44.63 17.20 5.19
N ASN A 769 -43.38 17.38 4.81
CA ASN A 769 -42.90 17.03 3.47
C ASN A 769 -43.28 15.58 3.13
N PRO A 770 -44.12 15.39 2.08
CA PRO A 770 -44.48 14.03 1.70
C PRO A 770 -43.36 13.27 1.00
N THR A 771 -42.32 13.99 0.55
CA THR A 771 -41.18 13.36 -0.09
C THR A 771 -40.13 13.02 0.97
N PRO A 772 -39.80 11.73 1.14
CA PRO A 772 -38.79 11.38 2.13
C PRO A 772 -37.40 11.86 1.74
N MET A 773 -36.59 12.19 2.74
CA MET A 773 -35.17 12.49 2.52
C MET A 773 -34.51 11.20 2.01
N PRO A 774 -33.97 11.22 0.78
CA PRO A 774 -33.63 9.94 0.15
C PRO A 774 -32.23 9.40 0.45
N PHE A 775 -31.37 10.19 1.08
CA PHE A 775 -30.01 9.74 1.39
C PHE A 775 -29.83 9.39 2.86
N THR B 4 -25.71 -35.04 -28.72
CA THR B 4 -25.39 -35.88 -27.56
C THR B 4 -24.30 -35.32 -26.61
N PRO B 5 -24.02 -33.99 -26.65
CA PRO B 5 -23.07 -33.51 -25.63
C PRO B 5 -23.74 -33.33 -24.28
N LEU B 6 -22.95 -33.45 -23.22
CA LEU B 6 -23.48 -33.32 -21.87
C LEU B 6 -23.54 -31.86 -21.43
N LEU B 7 -24.69 -31.46 -20.89
CA LEU B 7 -24.89 -30.12 -20.38
C LEU B 7 -24.66 -30.07 -18.89
N GLN B 8 -24.10 -28.98 -18.41
CA GLN B 8 -23.93 -28.78 -16.98
C GLN B 8 -23.70 -27.32 -16.64
N ILE B 9 -24.24 -26.91 -15.51
CA ILE B 9 -23.82 -25.67 -14.90
C ILE B 9 -22.35 -25.86 -14.54
N GLN B 10 -21.56 -24.84 -14.82
CA GLN B 10 -20.12 -24.97 -14.70
C GLN B 10 -19.71 -25.48 -13.32
N PRO B 11 -18.83 -26.49 -13.30
CA PRO B 11 -18.65 -27.38 -12.15
C PRO B 11 -17.96 -26.79 -10.94
N HIS B 12 -17.54 -25.53 -11.01
CA HIS B 12 -16.90 -24.90 -9.86
C HIS B 12 -17.98 -24.39 -8.91
N PHE B 13 -19.23 -24.38 -9.36
CA PHE B 13 -20.36 -24.00 -8.54
C PHE B 13 -20.95 -25.18 -7.78
N HIS B 14 -21.19 -24.98 -6.50
CA HIS B 14 -22.08 -25.86 -5.75
C HIS B 14 -23.50 -25.34 -5.92
N VAL B 15 -24.38 -26.20 -6.42
CA VAL B 15 -25.76 -25.83 -6.70
C VAL B 15 -26.64 -26.11 -5.49
N GLU B 16 -27.28 -25.08 -4.96
CA GLU B 16 -28.18 -25.22 -3.83
C GLU B 16 -29.58 -24.71 -4.19
N VAL B 17 -30.51 -25.64 -4.38
CA VAL B 17 -31.89 -25.31 -4.72
C VAL B 17 -32.71 -24.99 -3.48
N ILE B 18 -33.24 -23.79 -3.43
CA ILE B 18 -34.10 -23.34 -2.36
C ILE B 18 -35.49 -23.19 -2.96
N GLU B 19 -36.30 -24.18 -2.63
CA GLU B 19 -37.16 -24.86 -3.53
C GLU B 19 -38.13 -23.97 -4.25
N PRO B 20 -38.71 -22.95 -3.52
CA PRO B 20 -39.80 -22.32 -4.29
C PRO B 20 -39.36 -21.63 -5.59
N LYS B 21 -38.43 -20.71 -5.52
CA LYS B 21 -38.08 -19.91 -6.66
C LYS B 21 -36.62 -19.58 -6.81
N GLN B 22 -35.81 -20.13 -5.93
CA GLN B 22 -34.40 -19.78 -5.82
C GLN B 22 -33.46 -20.97 -6.03
N VAL B 23 -32.35 -20.71 -6.68
CA VAL B 23 -31.25 -21.65 -6.68
C VAL B 23 -29.94 -20.87 -6.61
N TYR B 24 -29.12 -21.21 -5.63
CA TYR B 24 -27.87 -20.49 -5.40
C TYR B 24 -26.71 -21.25 -6.02
N LEU B 25 -25.83 -20.52 -6.66
CA LEU B 25 -24.60 -21.07 -7.20
C LEU B 25 -23.43 -20.57 -6.35
N LEU B 26 -22.97 -21.44 -5.46
CA LEU B 26 -21.93 -21.08 -4.51
C LEU B 26 -20.56 -21.51 -5.02
N GLY B 27 -19.67 -20.54 -5.14
CA GLY B 27 -18.31 -20.77 -5.56
C GLY B 27 -17.33 -20.25 -4.53
N GLU B 28 -16.07 -20.68 -4.66
CA GLU B 28 -15.03 -20.30 -3.72
C GLU B 28 -14.66 -18.83 -3.86
N GLN B 29 -14.80 -18.31 -5.07
CA GLN B 29 -14.40 -16.93 -5.38
C GLN B 29 -15.54 -16.05 -5.91
N ALA B 30 -16.71 -16.62 -6.08
CA ALA B 30 -17.88 -15.84 -6.47
C ALA B 30 -19.17 -16.60 -6.18
N ASN B 31 -20.23 -15.86 -5.88
CA ASN B 31 -21.53 -16.44 -5.57
C ASN B 31 -22.60 -15.84 -6.48
N HIS B 32 -23.55 -16.67 -6.90
CA HIS B 32 -24.63 -16.23 -7.79
C HIS B 32 -25.98 -16.78 -7.35
N ALA B 33 -27.04 -16.03 -7.66
CA ALA B 33 -28.40 -16.46 -7.37
C ALA B 33 -29.24 -16.39 -8.62
N LEU B 34 -29.89 -17.51 -8.94
CA LEU B 34 -30.87 -17.56 -10.00
C LEU B 34 -32.28 -17.55 -9.41
N THR B 35 -33.18 -16.78 -10.01
CA THR B 35 -34.56 -16.72 -9.57
C THR B 35 -35.47 -17.27 -10.67
N GLY B 36 -36.32 -18.22 -10.31
CA GLY B 36 -37.25 -18.80 -11.25
C GLY B 36 -37.70 -20.20 -10.89
N GLN B 37 -39.02 -20.40 -10.89
CA GLN B 37 -39.62 -21.73 -10.81
C GLN B 37 -38.89 -22.73 -11.68
N LEU B 38 -38.71 -22.38 -12.95
CA LEU B 38 -38.08 -23.26 -13.93
C LEU B 38 -36.62 -23.58 -13.61
N TYR B 39 -35.92 -22.64 -13.00
CA TYR B 39 -34.54 -22.87 -12.62
C TYR B 39 -34.49 -23.96 -11.55
N CYS B 40 -35.30 -23.83 -10.51
CA CYS B 40 -35.34 -24.85 -9.46
C CYS B 40 -35.62 -26.22 -10.06
N GLN B 41 -36.45 -26.21 -11.09
CA GLN B 41 -36.90 -27.42 -11.74
C GLN B 41 -35.83 -28.09 -12.60
N ILE B 42 -35.05 -27.26 -13.29
CA ILE B 42 -34.13 -27.75 -14.32
C ILE B 42 -32.69 -27.90 -13.81
N LEU B 43 -32.30 -27.04 -12.88
CA LEU B 43 -30.91 -27.02 -12.41
C LEU B 43 -30.38 -28.37 -11.91
N PRO B 44 -31.20 -29.13 -11.14
CA PRO B 44 -30.63 -30.40 -10.68
C PRO B 44 -30.31 -31.39 -11.80
N LEU B 45 -30.80 -31.12 -13.01
CA LEU B 45 -30.53 -31.97 -14.17
C LEU B 45 -29.37 -31.45 -15.02
N LEU B 46 -28.71 -30.41 -14.54
CA LEU B 46 -27.56 -29.84 -15.22
C LEU B 46 -26.31 -30.08 -14.39
N ASN B 47 -26.13 -31.31 -13.95
CA ASN B 47 -24.99 -31.69 -13.13
C ASN B 47 -23.93 -32.43 -13.94
N GLY B 48 -24.23 -32.70 -15.20
CA GLY B 48 -23.29 -33.33 -16.10
C GLY B 48 -23.64 -34.75 -16.52
N GLN B 49 -24.73 -35.29 -15.97
CA GLN B 49 -25.16 -36.66 -16.28
C GLN B 49 -26.20 -36.70 -17.42
N TYR B 50 -26.53 -35.54 -17.98
CA TYR B 50 -27.66 -35.44 -18.91
C TYR B 50 -27.35 -34.68 -20.20
N THR B 51 -27.84 -35.24 -21.30
CA THR B 51 -27.90 -34.55 -22.58
C THR B 51 -29.22 -33.79 -22.62
N LEU B 52 -29.36 -32.83 -23.54
CA LEU B 52 -30.62 -32.13 -23.75
C LEU B 52 -31.76 -33.13 -23.95
N GLU B 53 -31.55 -34.08 -24.84
CA GLU B 53 -32.54 -35.10 -25.13
C GLU B 53 -33.06 -35.72 -23.83
N GLN B 54 -32.14 -36.05 -22.94
CA GLN B 54 -32.47 -36.73 -21.69
C GLN B 54 -33.26 -35.84 -20.73
N ILE B 55 -32.92 -34.56 -20.71
CA ILE B 55 -33.60 -33.60 -19.84
C ILE B 55 -35.04 -33.35 -20.32
N VAL B 56 -35.22 -33.29 -21.64
CA VAL B 56 -36.52 -33.03 -22.22
C VAL B 56 -37.51 -34.15 -21.88
N GLU B 57 -37.02 -35.39 -21.86
CA GLU B 57 -37.87 -36.52 -21.51
C GLU B 57 -37.96 -36.67 -19.99
N LYS B 58 -36.87 -36.38 -19.31
CA LYS B 58 -36.86 -36.41 -17.85
C LYS B 58 -37.89 -35.43 -17.29
N LEU B 59 -38.16 -34.36 -18.04
CA LEU B 59 -39.13 -33.34 -17.64
C LEU B 59 -40.37 -33.34 -18.55
N ASP B 60 -40.59 -34.45 -19.24
CA ASP B 60 -41.74 -34.57 -20.13
C ASP B 60 -43.06 -34.39 -19.37
N GLY B 61 -43.00 -34.49 -18.04
CA GLY B 61 -44.17 -34.28 -17.20
C GLY B 61 -44.72 -32.87 -17.30
N GLU B 62 -43.94 -31.88 -16.87
CA GLU B 62 -44.40 -30.51 -16.82
C GLU B 62 -43.81 -29.63 -17.94
N VAL B 63 -42.54 -29.28 -17.79
CA VAL B 63 -41.90 -28.29 -18.65
C VAL B 63 -41.79 -28.81 -20.08
N PRO B 64 -42.28 -28.03 -21.06
CA PRO B 64 -42.14 -28.45 -22.45
C PRO B 64 -40.76 -28.10 -23.03
N PRO B 65 -40.39 -28.71 -24.16
CA PRO B 65 -39.05 -28.55 -24.77
C PRO B 65 -38.65 -27.10 -25.04
N GLU B 66 -39.56 -26.31 -25.61
CA GLU B 66 -39.26 -24.93 -25.99
C GLU B 66 -38.98 -24.05 -24.79
N TYR B 67 -39.60 -24.37 -23.65
CA TYR B 67 -39.32 -23.68 -22.40
C TYR B 67 -37.92 -24.06 -21.92
N ILE B 68 -37.61 -25.34 -21.95
CA ILE B 68 -36.29 -25.83 -21.58
C ILE B 68 -35.21 -25.15 -22.43
N ASP B 69 -35.46 -25.09 -23.74
CA ASP B 69 -34.56 -24.39 -24.66
C ASP B 69 -34.32 -22.93 -24.24
N TYR B 70 -35.39 -22.20 -24.00
CA TYR B 70 -35.28 -20.80 -23.60
C TYR B 70 -34.47 -20.64 -22.31
N VAL B 71 -34.66 -21.55 -21.36
CA VAL B 71 -33.94 -21.50 -20.10
C VAL B 71 -32.44 -21.68 -20.32
N LEU B 72 -32.07 -22.67 -21.12
CA LEU B 72 -30.66 -22.95 -21.38
C LEU B 72 -30.00 -21.83 -22.17
N GLU B 73 -30.75 -21.19 -23.07
CA GLU B 73 -30.19 -20.10 -23.84
C GLU B 73 -29.81 -18.98 -22.94
N ARG B 74 -30.67 -18.72 -22.00
CA ARG B 74 -30.44 -17.66 -21.06
C ARG B 74 -29.21 -17.96 -20.20
N LEU B 75 -29.13 -19.18 -19.71
CA LEU B 75 -28.01 -19.59 -18.88
C LEU B 75 -26.72 -19.54 -19.67
N ALA B 76 -26.80 -19.97 -20.91
CA ALA B 76 -25.64 -19.98 -21.80
C ALA B 76 -25.16 -18.56 -22.06
N GLU B 77 -26.10 -17.67 -22.38
CA GLU B 77 -25.75 -16.30 -22.73
C GLU B 77 -25.18 -15.51 -21.56
N LYS B 78 -25.61 -15.87 -20.35
CA LYS B 78 -25.09 -15.21 -19.13
C LYS B 78 -23.83 -15.91 -18.61
N GLY B 79 -23.46 -17.02 -19.24
CA GLY B 79 -22.19 -17.67 -18.96
C GLY B 79 -22.22 -18.69 -17.84
N TYR B 80 -23.40 -19.18 -17.49
CA TYR B 80 -23.56 -20.16 -16.41
C TYR B 80 -23.52 -21.58 -16.94
N LEU B 81 -23.98 -21.76 -18.18
CA LEU B 81 -24.08 -23.09 -18.77
C LEU B 81 -22.87 -23.36 -19.63
N THR B 82 -22.47 -24.63 -19.69
CA THR B 82 -21.39 -25.04 -20.57
C THR B 82 -21.49 -26.51 -20.95
N GLU B 83 -20.80 -26.86 -22.01
CA GLU B 83 -20.63 -28.25 -22.40
C GLU B 83 -19.68 -28.92 -21.40
N ALA B 84 -19.97 -30.15 -21.02
CA ALA B 84 -19.07 -30.89 -20.15
C ALA B 84 -17.98 -31.58 -20.96
N ALA B 85 -16.78 -31.67 -20.41
CA ALA B 85 -15.66 -32.35 -21.04
C ALA B 85 -15.44 -33.71 -20.38
N PRO B 86 -15.85 -34.80 -21.04
CA PRO B 86 -15.79 -36.13 -20.43
C PRO B 86 -14.39 -36.53 -19.96
N GLU B 87 -13.37 -36.03 -20.65
CA GLU B 87 -11.99 -36.46 -20.38
C GLU B 87 -11.38 -35.75 -19.19
N LEU B 88 -12.11 -34.82 -18.58
CA LEU B 88 -11.62 -34.10 -17.40
C LEU B 88 -12.37 -34.52 -16.15
N SER B 89 -11.65 -34.65 -15.04
CA SER B 89 -12.29 -34.87 -13.75
C SER B 89 -13.14 -33.63 -13.39
N SER B 90 -14.09 -33.80 -12.48
CA SER B 90 -14.93 -32.69 -12.06
C SER B 90 -14.08 -31.59 -11.41
N GLU B 91 -13.03 -32.00 -10.70
CA GLU B 91 -12.17 -31.07 -9.99
C GLU B 91 -11.34 -30.21 -10.94
N VAL B 92 -10.79 -30.86 -11.97
CA VAL B 92 -10.00 -30.14 -12.98
C VAL B 92 -10.89 -29.23 -13.83
N ALA B 93 -12.03 -29.75 -14.27
CA ALA B 93 -12.99 -28.94 -15.02
C ALA B 93 -13.39 -27.72 -14.21
N ALA B 94 -13.55 -27.90 -12.91
CA ALA B 94 -13.94 -26.81 -12.01
C ALA B 94 -12.87 -25.74 -11.96
N PHE B 95 -11.61 -26.15 -11.97
CA PHE B 95 -10.51 -25.19 -11.95
C PHE B 95 -10.56 -24.28 -13.16
N TRP B 96 -10.83 -24.87 -14.32
CA TRP B 96 -10.84 -24.14 -15.57
C TRP B 96 -12.11 -23.34 -15.78
N SER B 97 -13.24 -23.86 -15.33
CA SER B 97 -14.51 -23.14 -15.45
C SER B 97 -14.49 -21.92 -14.55
N GLU B 98 -13.79 -22.03 -13.42
CA GLU B 98 -13.67 -20.92 -12.48
C GLU B 98 -12.85 -19.77 -13.09
N LEU B 99 -11.95 -20.12 -14.00
CA LEU B 99 -11.19 -19.12 -14.73
C LEU B 99 -11.94 -18.61 -15.96
N GLY B 100 -13.18 -19.08 -16.11
CA GLY B 100 -14.03 -18.65 -17.21
C GLY B 100 -13.76 -19.41 -18.50
N ILE B 101 -13.17 -20.59 -18.40
CA ILE B 101 -12.84 -21.40 -19.57
C ILE B 101 -13.75 -22.62 -19.67
N ALA B 102 -14.39 -22.81 -20.83
CA ALA B 102 -15.24 -23.98 -21.04
C ALA B 102 -14.39 -25.24 -20.95
N PRO B 103 -14.80 -26.22 -20.14
CA PRO B 103 -13.94 -27.38 -19.94
C PRO B 103 -13.52 -28.12 -21.21
N PRO B 104 -14.39 -28.23 -22.24
CA PRO B 104 -13.89 -28.87 -23.46
C PRO B 104 -12.80 -28.06 -24.15
N VAL B 105 -12.85 -26.74 -24.03
CA VAL B 105 -11.79 -25.89 -24.56
C VAL B 105 -10.48 -26.09 -23.79
N ALA B 106 -10.59 -26.21 -22.47
CA ALA B 106 -9.43 -26.43 -21.62
C ALA B 106 -8.78 -27.77 -21.93
N ALA B 107 -9.62 -28.78 -22.13
CA ALA B 107 -9.13 -30.13 -22.42
C ALA B 107 -8.29 -30.16 -23.70
N GLU B 108 -8.72 -29.41 -24.70
CA GLU B 108 -8.02 -29.35 -25.98
C GLU B 108 -6.68 -28.60 -25.83
N ALA B 109 -6.72 -27.49 -25.10
CA ALA B 109 -5.52 -26.69 -24.89
C ALA B 109 -4.43 -27.48 -24.17
N LEU B 110 -4.85 -28.33 -23.24
CA LEU B 110 -3.91 -29.09 -22.44
C LEU B 110 -3.17 -30.17 -23.24
N ARG B 111 -3.62 -30.44 -24.46
CA ARG B 111 -2.99 -31.43 -25.34
C ARG B 111 -1.75 -30.86 -26.02
N GLN B 112 -1.52 -29.56 -25.89
CA GLN B 112 -0.36 -28.92 -26.49
C GLN B 112 0.92 -29.39 -25.78
N PRO B 113 1.88 -29.94 -26.54
CA PRO B 113 3.10 -30.37 -25.87
C PRO B 113 4.01 -29.19 -25.49
N VAL B 114 4.85 -29.42 -24.50
CA VAL B 114 5.79 -28.43 -23.98
C VAL B 114 7.21 -29.02 -24.00
N THR B 115 8.23 -28.15 -24.03
CA THR B 115 9.61 -28.60 -23.89
C THR B 115 10.23 -28.02 -22.63
N LEU B 116 11.06 -28.83 -21.97
CA LEU B 116 11.83 -28.41 -20.81
C LEU B 116 13.30 -28.33 -21.20
N THR B 117 14.00 -27.32 -20.69
CA THR B 117 15.42 -27.12 -20.98
C THR B 117 16.17 -26.67 -19.73
N PRO B 118 17.07 -27.51 -19.20
CA PRO B 118 17.87 -27.04 -18.07
C PRO B 118 19.02 -26.13 -18.48
N VAL B 119 19.46 -25.32 -17.55
CA VAL B 119 20.58 -24.42 -17.75
C VAL B 119 21.28 -24.27 -16.40
N GLY B 120 22.59 -24.06 -16.42
CA GLY B 120 23.36 -24.04 -15.18
C GLY B 120 23.41 -25.45 -14.61
N ASN B 121 23.28 -25.56 -13.30
CA ASN B 121 23.48 -26.84 -12.61
C ASN B 121 22.20 -27.56 -12.22
N ILE B 122 21.10 -27.29 -12.93
CA ILE B 122 19.85 -27.97 -12.66
C ILE B 122 19.96 -29.46 -13.02
N SER B 123 19.64 -30.31 -12.06
CA SER B 123 19.78 -31.75 -12.24
C SER B 123 18.77 -32.29 -13.25
N GLU B 124 18.97 -33.54 -13.67
CA GLU B 124 18.11 -34.17 -14.65
C GLU B 124 16.94 -34.87 -13.98
N VAL B 125 17.05 -35.08 -12.67
CA VAL B 125 15.93 -35.61 -11.89
C VAL B 125 14.98 -34.47 -11.56
N THR B 126 15.53 -33.25 -11.45
CA THR B 126 14.72 -32.07 -11.25
C THR B 126 13.86 -31.82 -12.50
N VAL B 127 14.47 -32.00 -13.66
CA VAL B 127 13.76 -31.87 -14.93
C VAL B 127 12.69 -32.95 -15.02
N ALA B 128 13.03 -34.14 -14.53
CA ALA B 128 12.11 -35.27 -14.56
C ALA B 128 10.92 -35.07 -13.61
N ALA B 129 11.17 -34.41 -12.48
CA ALA B 129 10.13 -34.15 -11.51
C ALA B 129 9.08 -33.18 -12.06
N LEU B 130 9.54 -32.11 -12.72
CA LEU B 130 8.64 -31.17 -13.33
C LEU B 130 7.83 -31.86 -14.42
N THR B 131 8.49 -32.76 -15.15
CA THR B 131 7.84 -33.54 -16.21
C THR B 131 6.69 -34.34 -15.61
N THR B 132 6.96 -34.98 -14.48
CA THR B 132 5.94 -35.74 -13.77
C THR B 132 4.81 -34.82 -13.29
N ALA B 133 5.17 -33.67 -12.75
CA ALA B 133 4.20 -32.72 -12.28
C ALA B 133 3.26 -32.30 -13.41
N LEU B 134 3.83 -32.03 -14.57
CA LEU B 134 3.04 -31.63 -15.73
C LEU B 134 2.13 -32.75 -16.21
N ARG B 135 2.67 -33.97 -16.22
CA ARG B 135 1.94 -35.14 -16.68
C ARG B 135 0.71 -35.42 -15.81
N ASP B 136 0.82 -35.12 -14.53
CA ASP B 136 -0.28 -35.36 -13.60
C ASP B 136 -1.44 -34.40 -13.84
N ILE B 137 -1.20 -33.31 -14.56
CA ILE B 137 -2.27 -32.37 -14.88
C ILE B 137 -2.59 -32.39 -16.37
N GLY B 138 -2.07 -33.38 -17.08
CA GLY B 138 -2.46 -33.64 -18.46
C GLY B 138 -1.58 -33.03 -19.52
N ILE B 139 -0.45 -32.46 -19.13
CA ILE B 139 0.45 -31.80 -20.07
C ILE B 139 1.63 -32.70 -20.38
N SER B 140 1.86 -32.95 -21.67
CA SER B 140 2.94 -33.84 -22.11
C SER B 140 4.21 -33.04 -22.41
N VAL B 141 5.35 -33.69 -22.21
CA VAL B 141 6.64 -33.05 -22.37
C VAL B 141 7.44 -33.70 -23.49
N GLN B 142 8.17 -32.87 -24.23
CA GLN B 142 9.12 -33.34 -25.24
C GLN B 142 10.47 -32.70 -25.01
N THR B 143 11.53 -33.28 -25.57
CA THR B 143 12.87 -32.73 -25.39
C THR B 143 13.16 -31.78 -26.56
N PRO B 144 13.78 -30.62 -26.27
CA PRO B 144 14.03 -29.66 -27.33
C PRO B 144 15.26 -30.04 -28.16
N THR B 145 15.35 -29.50 -29.36
CA THR B 145 16.52 -29.69 -30.21
C THR B 145 16.80 -28.40 -30.96
N GLU B 146 18.03 -28.26 -31.45
CA GLU B 146 18.52 -26.97 -31.96
C GLU B 146 17.68 -26.42 -33.12
N ALA B 147 17.22 -27.29 -34.02
CA ALA B 147 16.39 -26.91 -35.17
C ALA B 147 15.08 -27.69 -35.15
N GLY B 148 14.51 -27.88 -33.97
CA GLY B 148 13.30 -28.66 -33.80
C GLY B 148 12.06 -27.85 -34.12
N SER B 149 10.96 -28.54 -34.44
CA SER B 149 9.70 -27.87 -34.78
C SER B 149 9.17 -27.07 -33.59
N PRO B 150 8.39 -26.02 -33.84
CA PRO B 150 7.95 -25.13 -32.76
C PRO B 150 7.02 -25.79 -31.75
N THR B 151 7.00 -25.27 -30.52
CA THR B 151 6.02 -25.67 -29.53
C THR B 151 5.34 -24.45 -28.94
N ALA B 152 4.30 -24.66 -28.16
CA ALA B 152 3.57 -23.56 -27.56
C ALA B 152 4.33 -22.93 -26.41
N LEU B 153 5.26 -23.66 -25.81
CA LEU B 153 6.04 -23.12 -24.71
C LEU B 153 7.30 -23.92 -24.42
N ASN B 154 8.43 -23.23 -24.35
CA ASN B 154 9.67 -23.83 -23.86
C ASN B 154 9.89 -23.37 -22.43
N VAL B 155 10.01 -24.32 -21.51
CA VAL B 155 10.25 -24.01 -20.11
C VAL B 155 11.73 -24.19 -19.77
N VAL B 156 12.34 -23.12 -19.28
CA VAL B 156 13.77 -23.12 -18.95
C VAL B 156 13.97 -23.09 -17.44
N LEU B 157 14.60 -24.14 -16.90
CA LEU B 157 14.88 -24.21 -15.47
C LEU B 157 16.32 -23.77 -15.24
N THR B 158 16.51 -22.74 -14.41
CA THR B 158 17.83 -22.20 -14.14
C THR B 158 18.08 -22.15 -12.66
N ASP B 159 19.35 -22.01 -12.28
CA ASP B 159 19.74 -21.78 -10.89
C ASP B 159 19.99 -20.29 -10.66
N ASP B 160 20.10 -19.53 -11.76
CA ASP B 160 20.27 -18.09 -11.67
C ASP B 160 19.74 -17.45 -12.94
N TYR B 161 19.11 -16.29 -12.80
CA TYR B 161 18.50 -15.60 -13.93
C TYR B 161 19.50 -14.82 -14.80
N LEU B 162 20.76 -14.80 -14.40
CA LEU B 162 21.81 -14.16 -15.19
C LEU B 162 22.79 -15.18 -15.76
N GLN B 163 22.36 -16.44 -15.83
CA GLN B 163 23.17 -17.46 -16.49
C GLN B 163 23.42 -17.06 -17.95
N PRO B 164 24.70 -16.96 -18.36
CA PRO B 164 25.01 -16.46 -19.71
C PRO B 164 24.38 -17.26 -20.85
N GLU B 165 24.05 -18.52 -20.63
CA GLU B 165 23.41 -19.33 -21.66
C GLU B 165 22.00 -18.82 -22.01
N LEU B 166 21.37 -18.12 -21.08
CA LEU B 166 20.05 -17.57 -21.32
C LEU B 166 20.07 -16.55 -22.44
N ALA B 167 21.22 -15.93 -22.67
CA ALA B 167 21.36 -14.94 -23.73
C ALA B 167 21.14 -15.61 -25.08
N LYS B 168 21.72 -16.79 -25.24
CA LYS B 168 21.59 -17.54 -26.49
C LYS B 168 20.16 -18.04 -26.67
N ILE B 169 19.57 -18.54 -25.60
CA ILE B 169 18.20 -19.03 -25.68
C ILE B 169 17.27 -17.87 -26.07
N ASN B 170 17.52 -16.71 -25.47
CA ASN B 170 16.77 -15.51 -25.77
C ASN B 170 16.93 -15.07 -27.23
N LYS B 171 18.11 -15.28 -27.80
CA LYS B 171 18.36 -14.87 -29.18
C LYS B 171 17.62 -15.76 -30.17
N GLN B 172 17.66 -17.06 -29.93
CA GLN B 172 16.95 -18.01 -30.77
C GLN B 172 15.46 -17.80 -30.67
N ALA B 173 14.97 -17.54 -29.46
CA ALA B 173 13.54 -17.37 -29.23
C ALA B 173 13.01 -16.15 -29.98
N LEU B 174 13.79 -15.08 -30.01
CA LEU B 174 13.39 -13.87 -30.71
C LEU B 174 13.36 -14.07 -32.23
N GLU B 175 14.31 -14.84 -32.74
CA GLU B 175 14.36 -15.14 -34.18
C GLU B 175 13.34 -16.19 -34.56
N SER B 176 13.15 -17.18 -33.68
CA SER B 176 12.20 -18.25 -33.92
C SER B 176 10.77 -17.87 -33.54
N GLN B 177 10.62 -16.71 -32.91
CA GLN B 177 9.34 -16.30 -32.33
C GLN B 177 8.80 -17.37 -31.38
N GLN B 178 9.71 -17.94 -30.60
CA GLN B 178 9.37 -18.96 -29.61
C GLN B 178 9.03 -18.32 -28.27
N THR B 179 7.87 -18.65 -27.73
CA THR B 179 7.49 -18.22 -26.41
C THR B 179 8.09 -19.18 -25.39
N TRP B 180 8.71 -18.65 -24.34
CA TRP B 180 9.35 -19.49 -23.35
C TRP B 180 9.17 -18.95 -21.93
N LEU B 181 9.35 -19.84 -20.96
CA LEU B 181 9.19 -19.52 -19.55
C LEU B 181 10.49 -19.77 -18.78
N LEU B 182 10.79 -18.88 -17.83
CA LEU B 182 11.93 -19.05 -16.95
C LEU B 182 11.44 -19.40 -15.56
N VAL B 183 12.18 -20.30 -14.91
CA VAL B 183 11.89 -20.67 -13.53
C VAL B 183 13.17 -21.08 -12.81
N LYS B 184 13.20 -20.80 -11.52
CA LYS B 184 14.31 -21.16 -10.66
C LYS B 184 13.72 -21.78 -9.40
N PRO B 185 13.60 -23.11 -9.38
CA PRO B 185 12.95 -23.78 -8.26
C PRO B 185 13.91 -24.17 -7.15
N VAL B 186 15.20 -23.93 -7.36
CA VAL B 186 16.21 -24.15 -6.34
C VAL B 186 16.50 -22.86 -5.60
N GLY B 187 17.05 -22.98 -4.41
CA GLY B 187 17.37 -21.83 -3.59
C GLY B 187 16.23 -21.52 -2.66
N SER B 188 16.50 -20.63 -1.70
CA SER B 188 15.53 -20.29 -0.66
C SER B 188 14.45 -19.34 -1.18
N VAL B 189 14.66 -18.80 -2.37
CA VAL B 189 13.66 -17.98 -3.04
C VAL B 189 13.30 -18.52 -4.41
N LEU B 190 12.07 -18.98 -4.56
CA LEU B 190 11.56 -19.41 -5.85
C LEU B 190 11.41 -18.20 -6.75
N TRP B 191 11.98 -18.27 -7.95
CA TRP B 191 11.65 -17.32 -9.01
C TRP B 191 10.82 -18.05 -10.04
N LEU B 192 9.71 -17.43 -10.42
CA LEU B 192 8.77 -18.02 -11.36
C LEU B 192 8.36 -16.96 -12.38
N GLY B 193 8.65 -17.24 -13.65
CA GLY B 193 8.37 -16.30 -14.72
C GLY B 193 9.62 -15.50 -15.05
N PRO B 194 9.53 -14.64 -16.07
CA PRO B 194 8.31 -14.44 -16.85
C PRO B 194 8.13 -15.45 -17.96
N VAL B 195 6.96 -15.38 -18.58
CA VAL B 195 6.77 -15.92 -19.91
C VAL B 195 7.21 -14.82 -20.88
N PHE B 196 8.24 -15.12 -21.67
CA PHE B 196 8.70 -14.22 -22.71
C PHE B 196 7.92 -14.48 -24.01
N VAL B 197 7.25 -13.46 -24.50
CA VAL B 197 6.58 -13.51 -25.79
C VAL B 197 7.27 -12.53 -26.74
N PRO B 198 8.12 -13.03 -27.66
CA PRO B 198 8.87 -12.16 -28.60
C PRO B 198 7.96 -11.21 -29.37
N GLY B 199 8.23 -9.92 -29.28
CA GLY B 199 7.42 -8.90 -29.93
C GLY B 199 6.40 -8.23 -29.01
N LYS B 200 6.00 -8.93 -27.96
CA LYS B 200 5.01 -8.39 -27.02
C LYS B 200 5.62 -8.00 -25.69
N THR B 201 6.15 -8.99 -24.97
CA THR B 201 6.78 -8.74 -23.68
C THR B 201 8.22 -8.31 -23.88
N GLY B 202 8.89 -7.94 -22.79
CA GLY B 202 10.31 -7.70 -22.84
C GLY B 202 11.05 -9.00 -23.07
N CYS B 203 12.29 -8.91 -23.53
CA CYS B 203 13.13 -10.08 -23.73
C CYS B 203 13.92 -10.36 -22.46
N TRP B 204 14.74 -11.41 -22.47
CA TRP B 204 15.58 -11.72 -21.31
C TRP B 204 16.60 -10.62 -21.09
N ASP B 205 17.00 -9.95 -22.16
CA ASP B 205 17.95 -8.86 -22.06
C ASP B 205 17.34 -7.63 -21.37
N CYS B 206 16.05 -7.39 -21.63
CA CYS B 206 15.30 -6.36 -20.90
C CYS B 206 15.40 -6.58 -19.40
N LEU B 207 15.23 -7.84 -19.00
CA LEU B 207 15.31 -8.23 -17.59
C LEU B 207 16.76 -8.17 -17.09
N ALA B 208 17.68 -8.71 -17.87
CA ALA B 208 19.08 -8.76 -17.46
C ALA B 208 19.60 -7.36 -17.12
N HIS B 209 19.20 -6.37 -17.90
CA HIS B 209 19.65 -5.00 -17.71
C HIS B 209 19.22 -4.47 -16.33
N ARG B 210 18.08 -4.92 -15.83
CA ARG B 210 17.64 -4.54 -14.51
C ARG B 210 18.35 -5.38 -13.44
N LEU B 211 18.46 -6.68 -13.69
CA LEU B 211 19.07 -7.60 -12.75
C LEU B 211 20.51 -7.26 -12.43
N ARG B 212 21.32 -7.08 -13.47
CA ARG B 212 22.73 -6.69 -13.32
C ARG B 212 22.87 -5.49 -12.39
N GLY B 213 22.00 -4.51 -12.59
CA GLY B 213 22.02 -3.30 -11.81
C GLY B 213 21.61 -3.49 -10.35
N ASN B 214 20.62 -4.32 -10.12
CA ASN B 214 20.12 -4.57 -8.77
C ASN B 214 20.93 -5.62 -8.00
N ARG B 215 22.06 -6.05 -8.57
CA ARG B 215 22.97 -6.97 -7.90
C ARG B 215 24.36 -6.35 -7.83
N GLU B 216 24.47 -5.24 -7.11
CA GLU B 216 25.71 -4.46 -7.12
C GLU B 216 26.85 -5.18 -6.41
N VAL B 217 26.52 -5.95 -5.37
CA VAL B 217 27.54 -6.75 -4.69
C VAL B 217 28.13 -7.77 -5.66
N GLU B 218 27.26 -8.52 -6.30
CA GLU B 218 27.67 -9.51 -7.30
C GLU B 218 28.49 -8.85 -8.40
N ALA B 219 27.97 -7.73 -8.92
CA ALA B 219 28.61 -7.03 -10.03
C ALA B 219 30.00 -6.53 -9.66
N SER B 220 30.16 -6.08 -8.41
CA SER B 220 31.41 -5.48 -7.97
C SER B 220 32.47 -6.55 -7.76
N VAL B 221 32.02 -7.69 -7.25
CA VAL B 221 32.85 -8.86 -7.08
C VAL B 221 33.34 -9.31 -8.44
N LEU B 222 32.45 -9.32 -9.42
CA LEU B 222 32.80 -9.72 -10.77
C LEU B 222 33.83 -8.78 -11.37
N ARG B 223 33.61 -7.47 -11.22
CA ARG B 223 34.55 -6.45 -11.66
C ARG B 223 35.90 -6.63 -10.96
N GLN B 224 35.85 -6.80 -9.67
CA GLN B 224 37.07 -7.02 -8.89
C GLN B 224 37.76 -8.28 -9.32
N LYS B 225 36.97 -9.29 -9.62
CA LYS B 225 37.51 -10.59 -9.90
C LYS B 225 38.40 -10.48 -11.06
N GLN B 226 37.98 -9.67 -12.02
CA GLN B 226 38.75 -9.42 -13.22
C GLN B 226 39.93 -8.50 -12.91
N GLY B 240 28.93 -11.92 -16.79
CA GLY B 240 28.74 -13.23 -16.20
C GLY B 240 27.88 -13.21 -14.93
N CYS B 241 27.94 -14.29 -14.14
CA CYS B 241 27.14 -14.42 -12.91
C CYS B 241 27.72 -15.41 -11.90
N LEU B 242 27.31 -15.31 -10.64
CA LEU B 242 27.53 -16.43 -9.72
C LEU B 242 26.36 -16.93 -8.84
N PRO B 243 26.02 -18.26 -9.04
CA PRO B 243 25.21 -18.99 -8.07
C PRO B 243 24.45 -18.31 -6.94
N THR B 244 24.60 -18.81 -5.72
CA THR B 244 23.82 -18.39 -4.57
C THR B 244 22.55 -19.22 -4.33
N ALA B 245 22.42 -20.34 -5.00
CA ALA B 245 21.23 -21.20 -4.90
C ALA B 245 21.40 -22.47 -4.04
N ARG B 246 22.15 -22.36 -2.97
CA ARG B 246 22.48 -23.52 -2.16
C ARG B 246 21.35 -24.13 -1.34
N ALA B 247 20.47 -23.28 -0.86
CA ALA B 247 19.53 -23.63 0.20
C ALA B 247 18.25 -24.20 -0.36
N THR B 248 18.09 -25.51 -0.27
CA THR B 248 16.94 -26.18 -0.85
C THR B 248 16.45 -27.37 -0.02
N LEU B 249 15.18 -27.33 0.37
CA LEU B 249 14.51 -28.50 0.90
C LEU B 249 13.82 -29.21 -0.25
N PRO B 250 13.64 -30.54 -0.15
CA PRO B 250 12.89 -31.19 -1.21
C PRO B 250 11.42 -30.75 -1.25
N SER B 251 10.96 -30.11 -0.19
CA SER B 251 9.60 -29.59 -0.14
C SER B 251 9.52 -28.24 -0.82
N THR B 252 10.58 -27.43 -0.71
CA THR B 252 10.62 -26.15 -1.41
C THR B 252 10.83 -26.35 -2.91
N LEU B 253 11.63 -27.34 -3.28
CA LEU B 253 11.82 -27.67 -4.69
C LEU B 253 10.49 -28.07 -5.32
N GLN B 254 9.82 -29.02 -4.71
CA GLN B 254 8.54 -29.52 -5.21
C GLN B 254 7.46 -28.44 -5.19
N THR B 255 7.51 -27.56 -4.19
CA THR B 255 6.59 -26.42 -4.14
C THR B 255 6.77 -25.55 -5.37
N GLY B 256 8.01 -25.33 -5.77
CA GLY B 256 8.32 -24.52 -6.92
C GLY B 256 7.93 -25.16 -8.25
N LEU B 257 8.15 -26.47 -8.37
CA LEU B 257 7.88 -27.16 -9.63
C LEU B 257 6.37 -27.37 -9.86
N GLN B 258 5.64 -27.63 -8.79
CA GLN B 258 4.19 -27.82 -8.89
C GLN B 258 3.52 -26.48 -9.17
N PHE B 259 3.99 -25.45 -8.50
CA PHE B 259 3.57 -24.08 -8.75
C PHE B 259 3.83 -23.72 -10.21
N ALA B 260 5.01 -24.06 -10.71
CA ALA B 260 5.35 -23.80 -12.09
C ALA B 260 4.42 -24.57 -13.04
N ALA B 261 4.10 -25.80 -12.68
CA ALA B 261 3.21 -26.63 -13.51
C ALA B 261 1.84 -25.95 -13.69
N THR B 262 1.29 -25.42 -12.60
CA THR B 262 0.02 -24.72 -12.64
C THR B 262 0.06 -23.51 -13.57
N GLU B 263 1.12 -22.72 -13.46
CA GLU B 263 1.23 -21.51 -14.27
C GLU B 263 1.53 -21.84 -15.73
N ILE B 264 2.18 -22.96 -15.96
CA ILE B 264 2.42 -23.44 -17.30
C ILE B 264 1.06 -23.80 -17.94
N ALA B 265 0.25 -24.54 -17.19
CA ALA B 265 -1.08 -24.94 -17.65
C ALA B 265 -1.95 -23.72 -17.92
N LYS B 266 -1.92 -22.75 -17.02
CA LYS B 266 -2.71 -21.56 -17.17
C LYS B 266 -2.27 -20.77 -18.38
N TRP B 267 -0.97 -20.76 -18.68
CA TRP B 267 -0.49 -20.07 -19.86
C TRP B 267 -0.96 -20.73 -21.16
N ILE B 268 -0.79 -22.04 -21.26
CA ILE B 268 -1.12 -22.75 -22.51
C ILE B 268 -2.61 -22.68 -22.78
N VAL B 269 -3.43 -22.71 -21.72
CA VAL B 269 -4.88 -22.62 -21.89
C VAL B 269 -5.25 -21.24 -22.39
N LYS B 270 -4.70 -20.23 -21.73
CA LYS B 270 -4.86 -18.86 -22.15
C LYS B 270 -4.42 -18.66 -23.61
N TYR B 271 -3.29 -19.25 -23.96
CA TYR B 271 -2.73 -19.11 -25.29
C TYR B 271 -3.63 -19.75 -26.33
N HIS B 272 -4.19 -20.92 -25.99
CA HIS B 272 -5.07 -21.63 -26.90
C HIS B 272 -6.31 -20.80 -27.22
N VAL B 273 -6.90 -20.19 -26.20
CA VAL B 273 -8.16 -19.45 -26.36
C VAL B 273 -7.94 -18.11 -27.04
N ASN B 274 -6.69 -17.65 -27.11
CA ASN B 274 -6.38 -16.38 -27.76
C ASN B 274 -5.78 -16.54 -29.16
N ALA B 275 -5.41 -17.75 -29.54
CA ALA B 275 -4.97 -18.03 -30.91
C ALA B 275 -6.12 -17.63 -31.83
N THR B 276 -7.25 -18.29 -31.62
CA THR B 276 -8.54 -17.80 -32.10
C THR B 276 -9.05 -16.86 -30.99
N ALA B 277 -9.95 -15.95 -31.32
CA ALA B 277 -10.61 -15.10 -30.33
C ALA B 277 -9.65 -14.35 -29.40
N PRO B 278 -8.83 -13.44 -29.95
CA PRO B 278 -7.96 -12.62 -29.10
C PRO B 278 -8.70 -11.80 -28.05
N GLY B 279 -8.14 -11.70 -26.86
CA GLY B 279 -8.63 -10.79 -25.83
C GLY B 279 -9.89 -11.21 -25.09
N THR B 280 -10.31 -12.46 -25.28
CA THR B 280 -11.49 -12.97 -24.59
C THR B 280 -11.13 -13.60 -23.23
N VAL B 281 -9.83 -13.79 -22.99
CA VAL B 281 -9.35 -14.37 -21.74
C VAL B 281 -8.77 -13.27 -20.85
N PHE B 282 -9.10 -13.30 -19.57
CA PHE B 282 -8.78 -12.20 -18.66
C PHE B 282 -7.71 -12.55 -17.63
N PHE B 283 -7.77 -13.77 -17.10
CA PHE B 283 -7.04 -14.09 -15.89
C PHE B 283 -5.52 -13.89 -16.07
N PRO B 284 -4.84 -13.48 -14.99
CA PRO B 284 -3.41 -13.20 -15.11
C PRO B 284 -2.56 -14.44 -15.32
N THR B 285 -1.50 -14.29 -16.10
CA THR B 285 -0.49 -15.31 -16.29
C THR B 285 0.89 -14.66 -16.11
N LEU B 286 1.95 -15.43 -16.28
CA LEU B 286 3.30 -14.94 -15.97
C LEU B 286 3.94 -14.12 -17.10
N ASP B 287 3.17 -13.77 -18.13
CA ASP B 287 3.71 -12.96 -19.22
C ASP B 287 4.09 -11.57 -18.73
N GLY B 288 5.38 -11.23 -18.87
CA GLY B 288 5.89 -9.94 -18.41
C GLY B 288 5.89 -9.75 -16.90
N LYS B 289 5.91 -10.86 -16.17
CA LYS B 289 5.83 -10.85 -14.72
C LYS B 289 6.77 -11.87 -14.12
N ILE B 290 7.43 -11.49 -13.03
CA ILE B 290 8.19 -12.46 -12.25
C ILE B 290 7.59 -12.54 -10.84
N ILE B 291 7.45 -13.77 -10.36
CA ILE B 291 6.98 -14.02 -9.01
C ILE B 291 8.12 -14.56 -8.18
N THR B 292 8.36 -13.94 -7.03
CA THR B 292 9.35 -14.44 -6.09
C THR B 292 8.62 -14.92 -4.84
N LEU B 293 8.87 -16.17 -4.47
CA LEU B 293 8.33 -16.74 -3.25
C LEU B 293 9.49 -17.09 -2.32
N ASN B 294 9.72 -16.24 -1.32
CA ASN B 294 10.74 -16.48 -0.32
C ASN B 294 10.27 -17.58 0.62
N HIS B 295 11.01 -18.68 0.67
CA HIS B 295 10.64 -19.84 1.46
C HIS B 295 11.07 -19.70 2.94
N SER B 296 12.22 -19.07 3.18
CA SER B 296 12.81 -18.97 4.52
C SER B 296 11.95 -18.04 5.40
N ILE B 297 11.87 -16.77 5.03
CA ILE B 297 10.79 -15.92 5.54
C ILE B 297 9.62 -16.35 4.69
N LEU B 298 8.45 -15.78 4.93
CA LEU B 298 7.35 -16.04 4.03
C LEU B 298 6.92 -14.74 3.39
N ASP B 299 7.05 -14.66 2.06
CA ASP B 299 6.67 -13.46 1.34
C ASP B 299 6.56 -13.75 -0.16
N LEU B 300 5.59 -13.12 -0.81
CA LEU B 300 5.33 -13.30 -2.23
C LEU B 300 5.22 -11.94 -2.89
N LYS B 301 6.09 -11.69 -3.86
CA LYS B 301 6.11 -10.42 -4.60
C LYS B 301 5.92 -10.65 -6.09
N SER B 302 5.16 -9.75 -6.73
CA SER B 302 5.03 -9.71 -8.18
C SER B 302 5.86 -8.57 -8.72
N HIS B 303 6.67 -8.86 -9.73
CA HIS B 303 7.59 -7.89 -10.30
C HIS B 303 7.28 -7.69 -11.80
N ILE B 304 6.96 -6.46 -12.18
CA ILE B 304 6.59 -6.15 -13.56
C ILE B 304 7.83 -5.97 -14.43
N LEU B 305 7.92 -6.75 -15.51
CA LEU B 305 8.97 -6.57 -16.50
C LEU B 305 8.52 -5.63 -17.61
N ILE B 306 9.17 -4.48 -17.69
CA ILE B 306 8.88 -3.54 -18.76
C ILE B 306 9.70 -3.91 -19.99
N LYS B 307 9.05 -3.96 -21.13
CA LYS B 307 9.74 -4.13 -22.40
C LYS B 307 10.43 -2.81 -22.74
N ARG B 308 11.76 -2.85 -22.77
CA ARG B 308 12.55 -1.64 -23.03
C ARG B 308 12.59 -1.35 -24.52
N SER B 309 12.10 -0.18 -24.91
CA SER B 309 12.06 0.20 -26.32
C SER B 309 13.47 0.32 -26.91
N GLN B 310 14.43 0.66 -26.06
CA GLN B 310 15.81 0.86 -26.47
C GLN B 310 16.67 -0.37 -26.23
N CYS B 311 16.04 -1.53 -26.08
CA CYS B 311 16.79 -2.74 -25.81
C CYS B 311 17.73 -3.07 -26.97
N PRO B 312 19.02 -3.28 -26.68
CA PRO B 312 19.97 -3.66 -27.75
C PRO B 312 19.59 -4.93 -28.49
N THR B 313 18.77 -5.79 -27.89
CA THR B 313 18.45 -7.09 -28.49
C THR B 313 17.08 -7.09 -29.18
N CYS B 314 16.02 -6.73 -28.44
CA CYS B 314 14.66 -6.81 -28.97
C CYS B 314 14.05 -5.46 -29.35
N GLY B 315 14.81 -4.39 -29.19
CA GLY B 315 14.29 -3.04 -29.45
C GLY B 315 15.18 -2.24 -30.39
N ASP B 316 15.03 -0.92 -30.32
CA ASP B 316 15.82 0.01 -31.10
C ASP B 316 16.78 0.76 -30.18
N PRO B 317 18.04 0.30 -30.08
CA PRO B 317 18.97 0.90 -29.12
C PRO B 317 19.46 2.30 -29.50
N LYS B 318 18.99 2.83 -30.61
CA LYS B 318 19.45 4.13 -31.11
C LYS B 318 18.40 5.23 -30.95
N ILE B 319 17.46 5.03 -30.04
CA ILE B 319 16.43 6.03 -29.77
C ILE B 319 17.02 7.29 -29.17
N LEU B 320 17.72 7.13 -28.04
CA LEU B 320 18.29 8.26 -27.32
C LEU B 320 19.34 9.00 -28.13
N GLN B 321 20.08 8.27 -28.96
CA GLN B 321 21.03 8.87 -29.89
C GLN B 321 20.28 9.82 -30.81
N HIS B 322 19.17 9.34 -31.38
CA HIS B 322 18.37 10.14 -32.30
C HIS B 322 17.71 11.31 -31.59
N ARG B 323 17.14 11.04 -30.43
CA ARG B 323 16.39 12.05 -29.68
C ARG B 323 17.28 13.20 -29.17
N GLY B 324 18.54 12.90 -28.85
CA GLY B 324 19.46 13.90 -28.36
C GLY B 324 19.71 15.05 -29.32
N PHE B 325 19.77 14.72 -30.62
CA PHE B 325 20.04 15.71 -31.65
C PHE B 325 18.75 16.33 -32.21
N GLU B 326 17.61 15.96 -31.65
CA GLU B 326 16.34 16.58 -32.00
C GLU B 326 16.10 17.77 -31.07
N PRO B 327 15.42 18.81 -31.57
CA PRO B 327 15.15 19.97 -30.69
C PRO B 327 14.18 19.64 -29.56
N LEU B 328 14.07 20.54 -28.58
CA LEU B 328 13.24 20.31 -27.40
C LEU B 328 11.82 20.87 -27.52
N LYS B 329 10.84 19.97 -27.44
CA LYS B 329 9.42 20.37 -27.49
C LYS B 329 8.93 20.80 -26.12
N LEU B 330 8.95 22.10 -25.85
CA LEU B 330 8.40 22.64 -24.62
C LEU B 330 7.02 23.26 -24.87
N GLU B 331 6.14 23.15 -23.90
CA GLU B 331 4.76 23.57 -24.05
C GLU B 331 4.13 23.89 -22.71
N SER B 332 2.97 24.53 -22.75
CA SER B 332 2.26 24.96 -21.55
C SER B 332 1.85 23.79 -20.65
N ARG B 333 2.28 23.87 -19.39
CA ARG B 333 1.89 22.89 -18.37
C ARG B 333 1.22 23.62 -17.21
N PRO B 334 -0.12 23.66 -17.20
CA PRO B 334 -0.83 24.34 -16.12
C PRO B 334 -0.65 23.66 -14.76
N LYS B 335 -0.31 24.45 -13.74
CA LYS B 335 -0.23 23.96 -12.37
C LYS B 335 -1.64 23.71 -11.83
N GLN B 336 -1.82 22.59 -11.14
CA GLN B 336 -3.10 22.25 -10.53
C GLN B 336 -2.88 21.69 -9.12
N HIS B 343 3.50 23.38 -6.01
CA HIS B 343 3.28 23.47 -7.46
C HIS B 343 3.22 22.06 -8.05
N ARG B 344 3.70 21.91 -9.28
CA ARG B 344 3.67 20.64 -10.03
C ARG B 344 2.33 20.44 -10.75
N GLY B 345 2.35 19.58 -11.76
CA GLY B 345 1.21 19.41 -12.65
C GLY B 345 0.24 18.33 -12.24
N THR B 346 0.64 17.47 -11.29
CA THR B 346 -0.24 16.43 -10.80
C THR B 346 0.01 16.18 -9.32
N THR B 347 -0.86 15.37 -8.71
CA THR B 347 -0.77 15.05 -7.29
C THR B 347 0.33 14.03 -7.07
N PRO B 348 0.96 14.06 -5.89
CA PRO B 348 2.02 13.09 -5.60
C PRO B 348 1.48 11.66 -5.55
N GLU B 349 0.19 11.50 -5.28
CA GLU B 349 -0.42 10.19 -5.24
C GLU B 349 -0.59 9.61 -6.65
N GLN B 350 -0.88 10.46 -7.61
CA GLN B 350 -0.92 10.05 -9.01
C GLN B 350 0.48 9.65 -9.45
N THR B 351 1.47 10.48 -9.14
CA THR B 351 2.87 10.24 -9.51
C THR B 351 3.31 8.88 -8.97
N VAL B 352 3.00 8.62 -7.70
CA VAL B 352 3.38 7.36 -7.08
C VAL B 352 2.69 6.22 -7.82
N GLN B 353 1.38 6.30 -7.97
CA GLN B 353 0.63 5.22 -8.61
C GLN B 353 1.16 4.85 -9.99
N LYS B 354 1.47 5.87 -10.79
CA LYS B 354 1.90 5.65 -12.17
C LYS B 354 3.26 4.93 -12.21
N TYR B 355 4.06 5.09 -11.17
CA TYR B 355 5.43 4.58 -11.18
C TYR B 355 5.75 3.64 -10.00
N GLN B 356 4.72 3.19 -9.28
CA GLN B 356 4.89 2.21 -8.21
C GLN B 356 5.61 0.97 -8.70
N HIS B 357 5.28 0.55 -9.91
CA HIS B 357 5.81 -0.68 -10.49
C HIS B 357 7.33 -0.68 -10.63
N LEU B 358 7.92 0.52 -10.62
CA LEU B 358 9.37 0.64 -10.69
C LEU B 358 10.02 0.23 -9.37
N ILE B 359 9.22 0.03 -8.33
CA ILE B 359 9.76 -0.43 -7.04
C ILE B 359 9.86 -1.95 -7.03
N SER B 360 11.08 -2.44 -7.17
CA SER B 360 11.35 -3.87 -7.19
C SER B 360 12.85 -4.13 -7.23
N PRO B 361 13.35 -4.94 -6.28
CA PRO B 361 14.79 -5.25 -6.31
C PRO B 361 15.18 -6.27 -7.37
N VAL B 362 14.20 -6.71 -8.17
CA VAL B 362 14.43 -7.71 -9.21
C VAL B 362 14.31 -7.08 -10.60
N THR B 363 13.16 -6.49 -10.87
CA THR B 363 12.84 -5.94 -12.18
C THR B 363 12.78 -4.41 -12.18
N GLY B 364 12.88 -3.82 -10.98
CA GLY B 364 12.69 -2.39 -10.82
C GLY B 364 13.96 -1.59 -10.84
N VAL B 365 13.84 -0.31 -10.49
CA VAL B 365 14.97 0.61 -10.47
C VAL B 365 15.15 1.20 -9.07
N VAL B 366 14.17 1.02 -8.19
CA VAL B 366 14.31 1.41 -6.79
C VAL B 366 14.08 0.19 -5.90
N THR B 367 15.00 -0.04 -4.96
CA THR B 367 15.01 -1.25 -4.16
C THR B 367 13.77 -1.33 -3.30
N GLU B 368 13.54 -0.29 -2.52
CA GLU B 368 12.44 -0.21 -1.57
C GLU B 368 11.92 1.21 -1.50
N LEU B 369 10.82 1.39 -0.77
CA LEU B 369 10.28 2.71 -0.51
C LEU B 369 9.50 2.66 0.80
N VAL B 370 10.16 3.09 1.87
CA VAL B 370 9.65 2.88 3.22
C VAL B 370 9.64 4.19 4.02
N ARG B 371 8.56 4.40 4.77
CA ARG B 371 8.49 5.50 5.72
C ARG B 371 9.33 5.14 6.94
N ILE B 372 10.19 6.08 7.34
CA ILE B 372 11.09 5.85 8.47
C ILE B 372 10.63 6.62 9.68
N THR B 373 9.86 7.67 9.45
CA THR B 373 9.40 8.48 10.54
C THR B 373 8.05 8.03 11.07
N ASP B 374 7.80 8.46 12.31
CA ASP B 374 6.68 8.00 13.08
C ASP B 374 5.39 8.56 12.47
N PRO B 375 4.48 7.68 12.05
CA PRO B 375 3.26 8.19 11.40
C PRO B 375 2.44 9.11 12.29
N ALA B 376 2.59 8.96 13.60
CA ALA B 376 1.84 9.76 14.56
C ALA B 376 2.25 11.23 14.50
N ASN B 377 3.47 11.48 14.00
CA ASN B 377 3.99 12.83 13.84
C ASN B 377 3.49 13.43 12.53
N PRO B 378 2.63 14.45 12.62
CA PRO B 378 2.11 15.05 11.39
C PRO B 378 2.98 16.15 10.83
N LEU B 379 4.13 16.42 11.45
CA LEU B 379 4.97 17.55 11.08
C LEU B 379 6.19 17.14 10.27
N VAL B 380 6.57 15.87 10.38
CA VAL B 380 7.80 15.39 9.79
C VAL B 380 7.52 14.15 8.93
N HIS B 381 7.87 14.22 7.63
CA HIS B 381 7.60 13.14 6.65
C HIS B 381 8.87 12.88 5.79
N THR B 382 9.58 11.80 6.15
CA THR B 382 10.77 11.33 5.41
C THR B 382 10.69 9.86 5.03
N TYR B 383 11.04 9.56 3.78
CA TYR B 383 11.13 8.20 3.27
C TYR B 383 12.56 7.92 2.87
N ARG B 384 12.96 6.65 2.85
CA ARG B 384 14.18 6.26 2.18
C ARG B 384 13.83 5.36 1.01
N ALA B 385 14.32 5.75 -0.16
CA ALA B 385 14.15 4.99 -1.39
C ALA B 385 15.49 4.31 -1.68
N GLY B 386 15.47 3.00 -1.81
CA GLY B 386 16.70 2.25 -1.93
C GLY B 386 17.56 2.63 -3.11
N HIS B 387 18.86 2.74 -2.84
CA HIS B 387 19.85 3.22 -3.81
C HIS B 387 20.11 2.23 -4.95
N SER B 388 20.68 2.73 -6.04
CA SER B 388 20.97 1.89 -7.20
C SER B 388 22.45 1.45 -7.22
N PHE B 389 23.24 1.91 -8.19
CA PHE B 389 24.59 1.38 -8.38
C PHE B 389 25.57 2.30 -9.07
N GLY B 390 26.82 1.95 -8.86
CA GLY B 390 27.96 2.56 -9.46
C GLY B 390 28.91 1.43 -9.81
N SER B 391 29.89 1.71 -10.64
CA SER B 391 30.89 0.74 -10.95
C SER B 391 31.97 0.88 -9.89
N ALA B 392 32.02 -0.08 -8.99
CA ALA B 392 32.96 -0.03 -7.89
C ALA B 392 33.88 -1.20 -8.05
N THR B 393 35.16 -0.91 -7.88
CA THR B 393 36.20 -1.89 -8.03
C THR B 393 36.81 -2.25 -6.71
N SER B 394 36.21 -1.84 -5.61
CA SER B 394 36.82 -2.09 -4.30
C SER B 394 35.77 -2.22 -3.23
N LEU B 395 36.15 -2.86 -2.13
CA LEU B 395 35.32 -2.94 -0.95
C LEU B 395 35.02 -1.55 -0.42
N ARG B 396 36.03 -0.68 -0.46
CA ARG B 396 35.86 0.76 -0.27
C ARG B 396 34.76 1.29 -1.16
N GLY B 397 34.87 0.98 -2.45
CA GLY B 397 33.92 1.42 -3.46
C GLY B 397 32.51 0.92 -3.20
N LEU B 398 32.39 -0.35 -2.80
CA LEU B 398 31.09 -0.94 -2.49
C LEU B 398 30.37 -0.13 -1.41
N ARG B 399 30.84 -0.24 -0.18
CA ARG B 399 30.21 0.42 0.96
C ARG B 399 29.85 1.88 0.69
N ASN B 400 30.62 2.54 -0.16
CA ASN B 400 30.32 3.92 -0.55
C ASN B 400 29.16 3.98 -1.55
N THR B 401 29.22 3.13 -2.57
CA THR B 401 28.15 3.02 -3.54
C THR B 401 27.05 2.07 -3.06
N LEU B 402 27.17 1.63 -1.81
CA LEU B 402 26.09 0.92 -1.10
C LEU B 402 25.38 1.90 -0.15
N LYS B 403 26.05 2.99 0.15
CA LYS B 403 25.47 4.07 0.94
C LYS B 403 24.79 5.05 0.00
N HIS B 404 24.51 6.25 0.50
CA HIS B 404 23.88 7.27 -0.31
C HIS B 404 22.53 6.80 -0.82
N LYS B 405 21.73 6.25 0.09
CA LYS B 405 20.36 5.93 -0.23
C LYS B 405 19.68 7.19 -0.74
N SER B 406 18.76 7.02 -1.68
CA SER B 406 17.89 8.12 -2.09
C SER B 406 16.89 8.31 -0.97
N SER B 407 16.37 9.53 -0.85
CA SER B 407 15.49 9.86 0.25
C SER B 407 14.43 10.86 -0.19
N GLY B 408 13.31 10.84 0.53
CA GLY B 408 12.21 11.74 0.27
C GLY B 408 11.93 12.63 1.47
N LYS B 409 11.44 13.84 1.19
CA LYS B 409 11.11 14.80 2.24
C LYS B 409 9.80 15.48 1.87
N GLY B 410 9.03 15.90 2.87
CA GLY B 410 7.79 16.57 2.60
C GLY B 410 7.09 17.20 3.79
N LYS B 411 6.21 18.13 3.47
CA LYS B 411 5.30 18.72 4.44
C LYS B 411 4.22 17.73 4.80
N THR B 412 3.97 16.79 3.90
CA THR B 412 2.98 15.73 4.09
C THR B 412 3.60 14.39 3.75
N ASP B 413 2.91 13.32 4.13
CA ASP B 413 3.39 11.97 3.86
C ASP B 413 3.46 11.67 2.37
N SER B 414 2.42 12.05 1.64
CA SER B 414 2.32 11.74 0.21
C SER B 414 3.43 12.43 -0.57
N GLN B 415 3.76 13.66 -0.18
CA GLN B 415 4.82 14.41 -0.86
C GLN B 415 6.19 13.77 -0.63
N SER B 416 6.44 13.33 0.59
CA SER B 416 7.73 12.71 0.91
C SER B 416 7.87 11.40 0.20
N LYS B 417 6.77 10.68 0.09
CA LYS B 417 6.74 9.40 -0.63
C LYS B 417 7.09 9.61 -2.09
N ALA B 418 6.41 10.55 -2.74
CA ALA B 418 6.70 10.88 -4.15
C ALA B 418 8.12 11.40 -4.31
N SER B 419 8.56 12.19 -3.35
CA SER B 419 9.89 12.76 -3.37
C SER B 419 10.95 11.67 -3.38
N GLY B 420 10.78 10.67 -2.53
CA GLY B 420 11.74 9.57 -2.42
C GLY B 420 11.76 8.71 -3.67
N LEU B 421 10.58 8.38 -4.18
CA LEU B 421 10.47 7.55 -5.37
C LEU B 421 11.11 8.24 -6.58
N CYS B 422 10.80 9.51 -6.75
CA CYS B 422 11.25 10.26 -7.92
C CYS B 422 12.73 10.58 -7.86
N GLU B 423 13.30 10.72 -6.67
CA GLU B 423 14.75 10.93 -6.57
C GLU B 423 15.48 9.65 -6.96
N ALA B 424 14.92 8.51 -6.57
CA ALA B 424 15.55 7.23 -6.89
C ALA B 424 15.57 7.01 -8.41
N VAL B 425 14.47 7.35 -9.08
CA VAL B 425 14.39 7.25 -10.53
C VAL B 425 15.25 8.33 -11.20
N GLU B 426 15.34 9.49 -10.56
CA GLU B 426 16.20 10.56 -11.03
C GLU B 426 17.65 10.08 -11.06
N ARG B 427 18.11 9.48 -9.97
CA ARG B 427 19.48 9.04 -9.89
C ARG B 427 19.78 7.93 -10.88
N TYR B 428 18.84 7.02 -11.07
CA TYR B 428 19.03 5.94 -12.04
C TYR B 428 19.14 6.46 -13.48
N SER B 429 18.24 7.37 -13.83
CA SER B 429 18.13 7.86 -15.20
C SER B 429 19.35 8.63 -15.66
N GLY B 430 20.16 9.08 -14.71
CA GLY B 430 21.35 9.84 -15.02
C GLY B 430 22.58 8.98 -15.30
N ILE B 431 22.46 7.68 -15.05
CA ILE B 431 23.59 6.78 -15.19
C ILE B 431 23.88 6.45 -16.65
N PHE B 432 25.16 6.44 -16.99
CA PHE B 432 25.59 6.18 -18.36
C PHE B 432 25.42 4.70 -18.71
N GLN B 433 24.53 4.41 -19.65
CA GLN B 433 24.28 3.04 -20.10
C GLN B 433 25.10 2.66 -21.34
N GLY B 434 25.41 3.66 -22.17
CA GLY B 434 26.18 3.45 -23.37
C GLY B 434 25.42 3.77 -24.66
N ASP B 435 24.19 4.25 -24.53
CA ASP B 435 23.35 4.59 -25.69
C ASP B 435 22.99 6.08 -25.73
N GLU B 436 23.66 6.87 -24.92
CA GLU B 436 23.36 8.28 -24.81
C GLU B 436 23.87 9.03 -26.05
N PRO B 437 23.18 10.13 -26.42
CA PRO B 437 23.58 10.89 -27.60
C PRO B 437 25.01 11.40 -27.51
N ARG B 438 25.83 10.99 -28.47
CA ARG B 438 27.26 11.24 -28.44
C ARG B 438 27.81 11.49 -29.84
N LYS B 439 28.85 12.31 -29.92
CA LYS B 439 29.60 12.49 -31.14
C LYS B 439 31.08 12.71 -30.78
N ARG B 440 31.95 11.95 -31.43
CA ARG B 440 33.40 12.03 -31.20
C ARG B 440 33.99 13.22 -31.95
N ALA B 441 34.60 14.14 -31.22
CA ALA B 441 35.18 15.33 -31.84
C ALA B 441 36.09 16.04 -30.86
N THR B 442 36.93 16.92 -31.39
CA THR B 442 37.78 17.76 -30.54
C THR B 442 37.09 19.09 -30.28
N LEU B 443 37.61 19.84 -29.31
CA LEU B 443 37.08 21.16 -28.98
C LEU B 443 37.06 22.05 -30.21
N ALA B 444 38.07 21.88 -31.07
CA ALA B 444 38.25 22.73 -32.23
C ALA B 444 37.19 22.50 -33.30
N GLU B 445 36.93 21.24 -33.63
CA GLU B 445 36.03 20.91 -34.74
C GLU B 445 34.63 21.45 -34.48
N LEU B 446 34.22 21.46 -33.21
CA LEU B 446 32.92 21.97 -32.82
C LEU B 446 32.94 23.49 -32.67
N GLY B 447 34.11 24.02 -32.34
CA GLY B 447 34.31 25.45 -32.23
C GLY B 447 33.55 26.09 -31.09
N ASP B 448 32.53 26.89 -31.44
CA ASP B 448 31.83 27.74 -30.47
C ASP B 448 30.56 27.12 -29.91
N LEU B 449 30.02 26.10 -30.58
CA LEU B 449 28.91 25.35 -30.02
C LEU B 449 29.38 24.55 -28.81
N ALA B 450 30.68 24.26 -28.76
CA ALA B 450 31.28 23.52 -27.67
C ALA B 450 31.41 24.38 -26.42
N ILE B 451 31.20 23.76 -25.26
CA ILE B 451 31.41 24.40 -23.97
C ILE B 451 32.54 23.69 -23.24
N HIS B 452 33.61 24.44 -22.95
CA HIS B 452 34.77 23.90 -22.27
C HIS B 452 34.34 23.41 -20.89
N PRO B 453 34.75 22.20 -20.49
CA PRO B 453 34.32 21.65 -19.19
C PRO B 453 34.67 22.57 -18.01
N GLU B 454 35.73 23.36 -18.12
CA GLU B 454 36.16 24.24 -17.04
C GLU B 454 35.19 25.38 -16.78
N GLN B 455 34.36 25.69 -17.77
CA GLN B 455 33.31 26.69 -17.59
C GLN B 455 32.23 26.21 -16.61
N CYS B 456 32.13 24.89 -16.45
CA CYS B 456 31.15 24.32 -15.55
C CYS B 456 31.77 23.99 -14.20
N LEU B 457 32.97 23.42 -14.23
CA LEU B 457 33.63 22.96 -13.01
C LEU B 457 34.07 24.11 -12.14
N CYS B 458 34.79 25.05 -12.74
CA CYS B 458 35.27 26.24 -12.04
C CYS B 458 36.26 25.91 -10.92
N PHE B 459 37.19 24.98 -11.19
CA PHE B 459 38.30 24.75 -10.28
C PHE B 459 39.37 25.83 -10.51
N SER B 460 40.09 26.21 -9.47
CA SER B 460 41.15 27.21 -9.60
C SER B 460 42.38 26.61 -10.28
N ASP B 461 43.27 27.47 -10.76
CA ASP B 461 44.54 27.03 -11.32
C ASP B 461 45.40 26.36 -10.26
N GLY B 462 45.40 26.93 -9.06
CA GLY B 462 46.12 26.35 -7.93
C GLY B 462 45.59 24.97 -7.59
N GLN B 463 44.28 24.82 -7.62
CA GLN B 463 43.66 23.54 -7.29
C GLN B 463 44.11 22.45 -8.25
N TYR B 464 44.14 22.78 -9.53
CA TYR B 464 44.57 21.84 -10.56
C TYR B 464 46.04 21.46 -10.38
N ALA B 465 46.89 22.46 -10.17
CA ALA B 465 48.31 22.24 -10.03
C ALA B 465 48.66 21.34 -8.85
N ASN B 466 47.94 21.52 -7.74
CA ASN B 466 48.22 20.78 -6.52
C ASN B 466 47.20 19.68 -6.27
N ARG B 467 46.50 19.28 -7.33
CA ARG B 467 45.33 18.42 -7.19
C ARG B 467 45.61 17.10 -6.48
N GLU B 468 46.77 16.51 -6.73
CA GLU B 468 47.06 15.18 -6.20
C GLU B 468 47.22 15.21 -4.69
N THR B 469 47.97 16.20 -4.20
CA THR B 469 48.14 16.39 -2.77
C THR B 469 46.83 16.77 -2.11
N LEU B 470 46.08 17.67 -2.76
CA LEU B 470 44.83 18.16 -2.21
C LEU B 470 43.80 17.05 -2.11
N ASN B 471 43.74 16.19 -3.12
CA ASN B 471 42.84 15.03 -3.10
C ASN B 471 43.26 14.03 -2.03
N GLU B 472 44.55 13.90 -1.80
CA GLU B 472 45.06 12.99 -0.78
C GLU B 472 44.78 13.51 0.63
N GLN B 473 44.72 14.82 0.78
CA GLN B 473 44.49 15.44 2.09
C GLN B 473 43.01 15.79 2.29
N ALA B 474 42.20 15.65 1.26
CA ALA B 474 40.79 16.01 1.34
C ALA B 474 40.01 15.06 2.26
N THR B 475 39.23 15.63 3.17
CA THR B 475 38.37 14.86 4.09
C THR B 475 37.11 14.39 3.39
N VAL B 476 36.65 15.17 2.42
CA VAL B 476 35.37 14.95 1.76
C VAL B 476 35.55 14.49 0.33
N ALA B 477 34.85 13.42 -0.04
CA ALA B 477 35.03 12.76 -1.32
C ALA B 477 34.59 13.60 -2.52
N HIS B 478 33.53 14.37 -2.36
CA HIS B 478 32.97 15.10 -3.51
C HIS B 478 33.77 16.36 -3.88
N ASP B 479 34.83 16.65 -3.12
CA ASP B 479 35.76 17.72 -3.48
C ASP B 479 36.95 17.19 -4.31
N TRP B 480 36.69 16.20 -5.15
CA TRP B 480 37.71 15.62 -5.98
C TRP B 480 38.02 16.54 -7.14
N ILE B 481 39.30 16.86 -7.31
CA ILE B 481 39.74 17.73 -8.39
C ILE B 481 40.19 16.87 -9.55
N PRO B 482 39.50 16.93 -10.70
CA PRO B 482 39.91 16.06 -11.79
C PRO B 482 41.18 16.54 -12.47
N GLN B 483 41.75 15.70 -13.31
CA GLN B 483 42.88 16.10 -14.15
C GLN B 483 42.41 17.21 -15.08
N ARG B 484 43.34 17.93 -15.69
CA ARG B 484 42.98 19.00 -16.60
C ARG B 484 42.47 18.43 -17.90
N PHE B 485 41.65 19.22 -18.57
CA PHE B 485 41.11 18.84 -19.86
C PHE B 485 42.11 19.13 -20.99
N ASP B 486 42.71 18.08 -21.54
CA ASP B 486 43.56 18.19 -22.73
C ASP B 486 42.70 18.40 -23.98
N ALA B 487 42.58 19.65 -24.41
CA ALA B 487 41.70 20.01 -25.52
C ALA B 487 42.18 19.42 -26.85
N SER B 488 43.41 18.93 -26.89
CA SER B 488 43.93 18.31 -28.09
C SER B 488 43.32 16.92 -28.31
N GLN B 489 42.78 16.33 -27.25
CA GLN B 489 42.22 15.00 -27.32
C GLN B 489 40.82 15.00 -27.94
N ALA B 490 40.59 14.06 -28.85
CA ALA B 490 39.25 13.80 -29.34
C ALA B 490 38.48 13.14 -28.20
N ILE B 491 37.23 13.57 -28.02
CA ILE B 491 36.40 13.08 -26.91
C ILE B 491 34.97 12.98 -27.37
N GLU B 492 34.12 12.41 -26.52
CA GLU B 492 32.70 12.30 -26.81
C GLU B 492 31.93 13.48 -26.23
N TRP B 493 31.30 14.27 -27.11
CA TRP B 493 30.48 15.39 -26.68
C TRP B 493 29.01 14.99 -26.79
N THR B 494 28.20 15.46 -25.84
CA THR B 494 26.77 15.19 -25.85
C THR B 494 26.00 16.47 -26.17
N PRO B 495 25.07 16.41 -27.14
CA PRO B 495 24.29 17.60 -27.45
C PRO B 495 23.37 17.98 -26.30
N VAL B 496 23.33 19.28 -26.01
CA VAL B 496 22.46 19.81 -24.98
C VAL B 496 21.67 20.98 -25.56
N TRP B 497 20.42 21.12 -25.12
CA TRP B 497 19.56 22.15 -25.65
C TRP B 497 19.73 23.45 -24.86
N SER B 498 20.14 24.50 -25.55
CA SER B 498 20.21 25.83 -24.95
C SER B 498 18.84 26.48 -25.05
N LEU B 499 18.25 26.78 -23.90
CA LEU B 499 16.94 27.40 -23.86
C LEU B 499 17.02 28.90 -24.14
N THR B 500 18.20 29.47 -23.94
CA THR B 500 18.41 30.89 -24.15
C THR B 500 18.54 31.20 -25.64
N GLU B 501 19.36 30.40 -26.33
CA GLU B 501 19.61 30.61 -27.76
C GLU B 501 18.75 29.69 -28.63
N GLN B 502 18.03 28.78 -27.99
CA GLN B 502 17.15 27.84 -28.68
C GLN B 502 17.90 27.08 -29.79
N THR B 503 18.98 26.43 -29.40
CA THR B 503 19.78 25.63 -30.31
C THR B 503 20.60 24.61 -29.53
N HIS B 504 21.34 23.76 -30.24
CA HIS B 504 22.14 22.73 -29.59
C HIS B 504 23.55 23.23 -29.30
N LYS B 505 23.98 23.05 -28.06
CA LYS B 505 25.38 23.22 -27.69
C LYS B 505 25.96 21.85 -27.36
N TYR B 506 27.21 21.81 -26.90
CA TYR B 506 27.87 20.55 -26.59
C TYR B 506 28.70 20.61 -25.31
N LEU B 507 28.48 19.63 -24.44
CA LEU B 507 29.31 19.42 -23.27
C LEU B 507 29.95 18.04 -23.38
N PRO B 508 31.11 17.84 -22.71
CA PRO B 508 31.64 16.48 -22.67
C PRO B 508 30.64 15.51 -22.03
N THR B 509 30.51 14.32 -22.60
CA THR B 509 29.59 13.31 -22.11
C THR B 509 29.88 13.00 -20.64
N ALA B 510 31.14 13.15 -20.24
CA ALA B 510 31.55 12.84 -18.87
C ALA B 510 30.87 13.73 -17.84
N LEU B 511 30.42 14.91 -18.27
CA LEU B 511 29.72 15.83 -17.38
C LEU B 511 28.20 15.59 -17.34
N CYS B 512 27.67 14.98 -18.39
CA CYS B 512 26.23 14.88 -18.60
C CYS B 512 25.60 13.65 -17.94
N TYR B 513 26.40 12.63 -17.64
CA TYR B 513 25.89 11.40 -17.07
C TYR B 513 26.81 10.86 -15.99
N TYR B 514 26.23 10.09 -15.07
CA TYR B 514 27.01 9.44 -14.02
C TYR B 514 27.87 8.31 -14.57
N HIS B 515 29.05 8.13 -13.97
CA HIS B 515 29.89 6.99 -14.23
C HIS B 515 30.21 6.80 -15.71
N TYR B 516 30.52 7.90 -16.41
CA TYR B 516 31.03 7.81 -17.76
C TYR B 516 32.49 7.41 -17.67
N PRO B 517 32.89 6.32 -18.34
CA PRO B 517 34.30 5.90 -18.19
C PRO B 517 35.27 6.76 -19.00
N LEU B 518 36.30 7.27 -18.34
CA LEU B 518 37.38 7.99 -19.01
C LEU B 518 38.70 7.22 -18.85
N PRO B 519 39.61 7.38 -19.82
CA PRO B 519 40.93 6.76 -19.66
C PRO B 519 41.65 7.29 -18.42
N PRO B 520 42.47 6.46 -17.76
CA PRO B 520 43.10 6.89 -16.50
C PRO B 520 44.01 8.12 -16.68
N GLU B 521 44.52 8.32 -17.88
CA GLU B 521 45.40 9.45 -18.17
C GLU B 521 44.62 10.70 -18.55
N HIS B 522 43.30 10.62 -18.58
CA HIS B 522 42.49 11.75 -19.02
C HIS B 522 41.13 11.80 -18.30
N ARG B 523 41.18 11.69 -16.98
CA ARG B 523 39.97 11.75 -16.18
C ARG B 523 39.70 13.19 -15.77
N PHE B 524 39.06 13.95 -16.65
CA PHE B 524 38.93 15.39 -16.47
C PHE B 524 37.61 15.81 -15.85
N ALA B 525 36.77 14.83 -15.48
CA ALA B 525 35.49 15.14 -14.86
C ALA B 525 34.84 13.90 -14.27
N ARG B 526 34.03 14.13 -13.24
CA ARG B 526 33.08 13.13 -12.73
C ARG B 526 31.68 13.77 -12.75
N GLY B 527 30.74 13.11 -13.41
CA GLY B 527 29.38 13.61 -13.48
C GLY B 527 28.77 13.78 -12.09
N ASP B 528 28.28 14.98 -11.80
CA ASP B 528 27.69 15.26 -10.50
C ASP B 528 26.17 15.35 -10.62
N SER B 529 25.52 15.50 -9.47
CA SER B 529 24.05 15.47 -9.40
C SER B 529 23.44 16.86 -9.43
N ASN B 530 24.26 17.90 -9.50
CA ASN B 530 23.75 19.27 -9.43
C ASN B 530 22.99 19.68 -10.69
N GLY B 531 21.73 20.07 -10.51
CA GLY B 531 20.87 20.44 -11.60
C GLY B 531 20.03 19.27 -12.09
N ASN B 532 20.34 18.07 -11.62
CA ASN B 532 19.58 16.90 -11.97
C ASN B 532 18.23 16.92 -11.26
N ALA B 533 17.17 16.63 -12.00
CA ALA B 533 15.85 16.60 -11.41
C ALA B 533 14.89 15.74 -12.23
N ALA B 534 13.85 15.27 -11.55
CA ALA B 534 12.78 14.51 -12.20
C ALA B 534 11.47 15.26 -12.09
N GLY B 535 10.50 14.86 -12.91
CA GLY B 535 9.20 15.51 -12.89
C GLY B 535 8.20 14.77 -13.75
N ASN B 536 6.93 15.09 -13.57
CA ASN B 536 5.88 14.46 -14.35
C ASN B 536 5.92 14.93 -15.81
N THR B 537 6.55 16.08 -16.03
CA THR B 537 6.76 16.61 -17.36
C THR B 537 8.19 17.11 -17.47
N LEU B 538 8.65 17.36 -18.69
CA LEU B 538 9.98 17.91 -18.92
C LEU B 538 10.13 19.27 -18.26
N GLU B 539 9.14 20.12 -18.44
CA GLU B 539 9.24 21.50 -17.96
C GLU B 539 9.19 21.53 -16.44
N GLU B 540 8.55 20.53 -15.84
CA GLU B 540 8.50 20.40 -14.39
C GLU B 540 9.88 20.05 -13.86
N ALA B 541 10.53 19.11 -14.55
CA ALA B 541 11.85 18.66 -14.16
C ALA B 541 12.91 19.75 -14.37
N ILE B 542 12.78 20.49 -15.47
CA ILE B 542 13.69 21.59 -15.77
C ILE B 542 13.60 22.69 -14.71
N LEU B 543 12.37 23.04 -14.32
CA LEU B 543 12.16 24.07 -13.31
C LEU B 543 12.84 23.70 -12.00
N GLN B 544 12.62 22.48 -11.55
CA GLN B 544 13.21 22.02 -10.31
C GLN B 544 14.74 22.00 -10.42
N GLY B 545 15.24 21.52 -11.57
CA GLY B 545 16.68 21.46 -11.80
C GLY B 545 17.31 22.82 -11.72
N PHE B 546 16.68 23.80 -12.36
CA PHE B 546 17.15 25.18 -12.33
C PHE B 546 17.21 25.70 -10.90
N MET B 547 16.13 25.50 -10.15
CA MET B 547 16.06 25.96 -8.77
C MET B 547 17.14 25.32 -7.93
N GLU B 548 17.48 24.07 -8.25
CA GLU B 548 18.57 23.42 -7.55
C GLU B 548 19.85 24.20 -7.80
N LEU B 549 20.12 24.56 -9.05
CA LEU B 549 21.33 25.33 -9.37
C LEU B 549 21.44 26.64 -8.58
N VAL B 550 20.36 27.41 -8.49
CA VAL B 550 20.41 28.69 -7.78
C VAL B 550 20.55 28.44 -6.28
N GLU B 551 20.00 27.32 -5.82
CA GLU B 551 20.16 26.90 -4.43
C GLU B 551 21.63 26.71 -4.09
N ARG B 552 22.34 25.93 -4.91
CA ARG B 552 23.74 25.59 -4.62
C ARG B 552 24.62 26.82 -4.76
N ASP B 553 24.34 27.63 -5.78
CA ASP B 553 25.06 28.87 -6.01
C ASP B 553 24.93 29.76 -4.79
N GLY B 554 23.69 29.93 -4.31
CA GLY B 554 23.43 30.72 -3.12
C GLY B 554 24.16 30.22 -1.89
N VAL B 555 24.16 28.91 -1.71
CA VAL B 555 24.85 28.30 -0.58
C VAL B 555 26.35 28.55 -0.72
N ALA B 556 26.87 28.34 -1.92
CA ALA B 556 28.31 28.50 -2.16
C ALA B 556 28.78 29.89 -1.78
N LEU B 557 28.05 30.91 -2.22
CA LEU B 557 28.38 32.29 -1.93
C LEU B 557 28.44 32.51 -0.43
N TRP B 558 27.39 32.08 0.26
CA TRP B 558 27.29 32.26 1.70
C TRP B 558 28.35 31.49 2.46
N TRP B 559 28.49 30.22 2.13
CA TRP B 559 29.36 29.32 2.88
C TRP B 559 30.84 29.65 2.77
N TYR B 560 31.32 29.86 1.56
CA TYR B 560 32.74 29.99 1.31
C TYR B 560 33.26 31.41 1.54
N ASN B 561 32.38 32.40 1.39
CA ASN B 561 32.72 33.75 1.82
C ASN B 561 32.42 33.93 3.31
N ARG B 562 31.79 32.92 3.92
CA ARG B 562 31.41 32.96 5.32
C ARG B 562 30.67 34.25 5.65
N LEU B 563 29.62 34.50 4.88
CA LEU B 563 28.86 35.73 5.01
C LEU B 563 27.91 35.66 6.20
N ARG B 564 27.69 36.82 6.82
CA ARG B 564 26.68 36.94 7.86
C ARG B 564 25.35 37.31 7.21
N ARG B 565 24.34 36.47 7.40
CA ARG B 565 23.06 36.64 6.73
C ARG B 565 21.94 36.91 7.75
N PRO B 566 20.90 37.63 7.31
CA PRO B 566 19.75 37.87 8.19
C PRO B 566 18.85 36.65 8.33
N ALA B 567 18.19 36.51 9.47
CA ALA B 567 17.22 35.44 9.67
C ALA B 567 15.91 35.77 8.96
N VAL B 568 15.00 34.80 8.97
CA VAL B 568 13.69 34.94 8.36
C VAL B 568 12.61 34.85 9.44
N ASP B 569 11.77 35.87 9.53
CA ASP B 569 10.60 35.83 10.40
C ASP B 569 9.59 34.87 9.82
N LEU B 570 9.54 33.68 10.38
CA LEU B 570 8.68 32.62 9.87
C LEU B 570 7.23 32.85 10.24
N GLY B 571 6.97 33.82 11.10
CA GLY B 571 5.61 34.17 11.47
C GLY B 571 4.98 35.24 10.59
N SER B 572 5.61 35.52 9.45
CA SER B 572 5.12 36.55 8.52
C SER B 572 4.72 35.99 7.15
N PHE B 573 4.77 34.67 7.00
CA PHE B 573 4.45 34.03 5.72
C PHE B 573 3.05 33.41 5.65
N ASN B 574 2.29 33.57 6.72
CA ASN B 574 0.92 33.08 6.73
C ASN B 574 0.90 31.56 6.60
N GLU B 575 1.99 30.92 7.00
CA GLU B 575 2.12 29.47 6.97
C GLU B 575 2.30 28.93 8.38
N PRO B 576 1.28 28.24 8.92
CA PRO B 576 1.38 27.80 10.31
C PRO B 576 2.45 26.72 10.55
N TYR B 577 2.86 26.04 9.48
CA TYR B 577 3.75 24.90 9.58
C TYR B 577 5.17 25.26 10.08
N PHE B 578 5.70 26.40 9.63
CA PHE B 578 7.03 26.82 10.06
C PHE B 578 7.08 26.99 11.58
N VAL B 579 6.05 27.63 12.13
CA VAL B 579 5.98 27.90 13.56
C VAL B 579 5.84 26.60 14.36
N GLN B 580 4.98 25.72 13.88
CA GLN B 580 4.75 24.44 14.53
C GLN B 580 6.02 23.59 14.56
N LEU B 581 6.79 23.64 13.49
CA LEU B 581 8.01 22.84 13.41
C LEU B 581 9.07 23.35 14.35
N GLN B 582 9.21 24.67 14.44
CA GLN B 582 10.14 25.29 15.38
C GLN B 582 9.85 24.82 16.80
N GLN B 583 8.56 24.77 17.15
CA GLN B 583 8.15 24.34 18.47
C GLN B 583 8.46 22.86 18.67
N PHE B 584 8.21 22.08 17.64
CA PHE B 584 8.51 20.65 17.69
C PHE B 584 10.00 20.42 17.91
N TYR B 585 10.84 21.25 17.27
CA TYR B 585 12.28 21.20 17.47
C TYR B 585 12.62 21.58 18.91
N ARG B 586 12.02 22.65 19.40
CA ARG B 586 12.21 23.08 20.78
C ARG B 586 11.89 21.94 21.77
N GLU B 587 10.87 21.16 21.44
CA GLU B 587 10.43 20.07 22.30
C GLU B 587 11.34 18.84 22.19
N ASN B 588 12.13 18.78 21.12
CA ASN B 588 13.06 17.67 20.92
C ASN B 588 14.52 18.15 20.92
N ASP B 589 14.82 19.06 21.82
CA ASP B 589 16.21 19.35 22.17
C ASP B 589 16.96 20.09 21.05
N ARG B 590 16.24 20.90 20.28
CA ARG B 590 16.82 21.60 19.15
C ARG B 590 16.25 22.99 18.96
N ASP B 591 17.07 23.87 18.38
CA ASP B 591 16.60 25.16 17.88
C ASP B 591 16.61 25.10 16.38
N LEU B 592 15.67 25.80 15.76
CA LEU B 592 15.55 25.85 14.30
C LEU B 592 15.31 27.26 13.82
N TRP B 593 16.14 27.70 12.89
CA TRP B 593 15.99 29.01 12.28
C TRP B 593 16.35 28.94 10.80
N VAL B 594 16.04 29.99 10.07
CA VAL B 594 16.27 30.05 8.64
C VAL B 594 17.05 31.29 8.25
N LEU B 595 17.99 31.12 7.31
CA LEU B 595 18.79 32.23 6.77
C LEU B 595 18.42 32.54 5.32
N ASP B 596 18.48 33.81 4.95
CA ASP B 596 18.22 34.22 3.57
C ASP B 596 19.51 34.14 2.74
N LEU B 597 19.45 33.39 1.64
CA LEU B 597 20.59 33.22 0.72
C LEU B 597 20.30 33.84 -0.65
N THR B 598 19.18 34.56 -0.75
CA THR B 598 18.77 35.17 -2.01
C THR B 598 19.87 36.10 -2.54
N ALA B 599 20.40 35.79 -3.72
CA ALA B 599 21.52 36.52 -4.29
C ALA B 599 21.08 37.31 -5.53
N ASP B 600 21.99 37.50 -6.49
CA ASP B 600 21.78 38.45 -7.59
C ASP B 600 20.63 38.10 -8.55
N LEU B 601 20.16 36.87 -8.53
CA LEU B 601 19.06 36.47 -9.40
C LEU B 601 17.71 36.84 -8.80
N GLY B 602 17.70 37.07 -7.48
CA GLY B 602 16.50 37.51 -6.78
C GLY B 602 15.49 36.41 -6.55
N ILE B 603 15.84 35.18 -6.89
CA ILE B 603 14.98 34.03 -6.64
C ILE B 603 15.20 33.58 -5.21
N PRO B 604 14.13 33.54 -4.40
CA PRO B 604 14.37 33.27 -2.98
C PRO B 604 15.03 31.92 -2.72
N ALA B 605 16.08 31.96 -1.91
CA ALA B 605 16.84 30.78 -1.55
C ALA B 605 17.14 30.87 -0.07
N PHE B 606 17.05 29.75 0.62
CA PHE B 606 17.21 29.75 2.06
C PHE B 606 18.06 28.60 2.58
N ALA B 607 18.61 28.80 3.77
CA ALA B 607 19.28 27.74 4.51
C ALA B 607 18.57 27.54 5.84
N GLY B 608 18.09 26.33 6.08
CA GLY B 608 17.61 25.94 7.39
C GLY B 608 18.79 25.48 8.22
N VAL B 609 18.83 25.90 9.48
CA VAL B 609 19.95 25.53 10.34
C VAL B 609 19.40 25.12 11.70
N SER B 610 20.01 24.11 12.30
CA SER B 610 19.56 23.61 13.58
C SER B 610 20.67 22.92 14.34
N ASN B 611 20.78 23.29 15.62
CA ASN B 611 21.71 22.67 16.55
C ASN B 611 20.97 21.98 17.70
N ARG B 612 21.60 21.02 18.33
CA ARG B 612 21.11 20.45 19.56
C ARG B 612 21.49 21.27 20.76
N LYS B 613 20.53 21.46 21.64
CA LYS B 613 20.80 21.98 22.95
C LYS B 613 21.03 20.74 23.74
N THR B 614 22.00 20.77 24.62
CA THR B 614 22.25 19.63 25.46
C THR B 614 22.84 18.52 24.62
N GLY B 615 23.24 17.46 25.26
CA GLY B 615 23.83 16.35 24.55
C GLY B 615 25.34 16.47 24.52
N SER B 616 25.98 15.42 24.02
CA SER B 616 27.44 15.39 23.91
C SER B 616 27.92 16.34 22.80
N SER B 617 27.21 16.34 21.68
CA SER B 617 27.59 17.14 20.52
C SER B 617 26.40 17.95 19.99
N GLU B 618 26.70 19.01 19.25
CA GLU B 618 25.67 19.94 18.78
C GLU B 618 24.92 19.43 17.55
N ARG B 619 25.54 18.53 16.80
CA ARG B 619 24.95 17.92 15.62
C ARG B 619 24.42 18.99 14.67
N LEU B 620 25.31 19.88 14.26
CA LEU B 620 24.92 20.95 13.36
C LEU B 620 24.42 20.34 12.07
N ILE B 621 23.19 20.65 11.77
CA ILE B 621 22.57 20.15 10.56
C ILE B 621 21.94 21.33 9.85
N LEU B 622 21.90 21.23 8.54
CA LEU B 622 21.31 22.27 7.75
C LEU B 622 20.73 21.71 6.45
N GLY B 623 19.86 22.50 5.82
CA GLY B 623 19.16 22.08 4.63
C GLY B 623 18.83 23.29 3.79
N PHE B 624 18.73 23.08 2.48
CA PHE B 624 18.58 24.20 1.55
C PHE B 624 17.38 24.03 0.64
N GLY B 625 16.96 25.15 0.07
CA GLY B 625 15.85 25.16 -0.86
C GLY B 625 15.77 26.50 -1.56
N ALA B 626 15.40 26.47 -2.84
CA ALA B 626 15.14 27.68 -3.59
C ALA B 626 13.93 27.45 -4.47
N HIS B 627 13.14 28.50 -4.66
CA HIS B 627 11.92 28.41 -5.45
C HIS B 627 11.46 29.82 -5.75
N LEU B 628 10.63 30.00 -6.78
CA LEU B 628 10.11 31.33 -7.07
C LEU B 628 9.23 31.79 -5.91
N ASP B 629 8.54 30.84 -5.29
CA ASP B 629 7.69 31.08 -4.14
C ASP B 629 8.49 30.89 -2.87
N PRO B 630 8.73 31.97 -2.10
CA PRO B 630 9.61 31.86 -0.94
C PRO B 630 9.05 30.94 0.12
N THR B 631 7.73 30.82 0.17
CA THR B 631 7.08 29.90 1.09
C THR B 631 7.54 28.48 0.81
N ILE B 632 7.57 28.11 -0.46
CA ILE B 632 7.98 26.77 -0.86
C ILE B 632 9.49 26.60 -0.65
N ALA B 633 10.24 27.66 -0.90
CA ALA B 633 11.69 27.61 -0.76
C ALA B 633 12.07 27.30 0.69
N ILE B 634 11.43 28.00 1.62
CA ILE B 634 11.68 27.76 3.04
C ILE B 634 11.22 26.35 3.39
N LEU B 635 10.10 25.93 2.80
CA LEU B 635 9.55 24.61 3.03
C LEU B 635 10.54 23.54 2.61
N ARG B 636 11.17 23.73 1.46
CA ARG B 636 12.16 22.79 0.96
C ARG B 636 13.33 22.72 1.92
N ALA B 637 13.84 23.88 2.31
CA ALA B 637 14.99 23.97 3.19
C ALA B 637 14.72 23.27 4.51
N VAL B 638 13.60 23.62 5.13
CA VAL B 638 13.32 23.17 6.48
C VAL B 638 12.92 21.68 6.53
N THR B 639 12.35 21.16 5.45
CA THR B 639 12.02 19.73 5.39
C THR B 639 13.29 18.92 5.07
N GLU B 640 14.28 19.58 4.48
CA GLU B 640 15.55 18.90 4.25
C GLU B 640 16.32 18.73 5.56
N VAL B 641 16.20 19.67 6.49
CA VAL B 641 16.90 19.56 7.77
C VAL B 641 16.23 18.43 8.53
N ASN B 642 14.90 18.34 8.41
CA ASN B 642 14.15 17.21 8.95
C ASN B 642 14.71 15.91 8.41
N GLN B 643 14.81 15.85 7.09
CA GLN B 643 15.27 14.68 6.36
C GLN B 643 16.66 14.22 6.81
N ILE B 644 17.59 15.16 6.91
CA ILE B 644 18.98 14.85 7.24
C ILE B 644 19.18 14.50 8.72
N GLY B 645 18.50 15.23 9.61
CA GLY B 645 18.89 15.25 11.00
C GLY B 645 18.06 14.52 12.04
N LEU B 646 16.75 14.67 11.98
CA LEU B 646 15.89 14.22 13.07
C LEU B 646 16.05 12.74 13.38
N GLU B 647 16.16 11.90 12.35
CA GLU B 647 16.29 10.46 12.59
C GLU B 647 17.73 10.09 12.98
N LEU B 648 18.64 11.02 12.76
CA LEU B 648 20.04 10.82 13.11
C LEU B 648 20.28 11.11 14.59
N ASP B 649 19.44 11.96 15.18
CA ASP B 649 19.57 12.39 16.56
C ASP B 649 19.56 11.23 17.56
N LYS B 650 18.71 10.24 17.33
CA LYS B 650 18.54 9.16 18.29
C LYS B 650 19.70 8.18 18.24
N VAL B 651 20.52 8.28 17.19
CA VAL B 651 21.74 7.50 17.08
C VAL B 651 22.83 8.13 17.97
N PRO B 652 23.55 7.31 18.76
CA PRO B 652 24.64 7.91 19.56
C PRO B 652 25.89 8.18 18.71
N ASP B 653 26.79 9.01 19.24
CA ASP B 653 27.99 9.42 18.50
C ASP B 653 28.85 8.23 18.07
N GLU B 654 28.82 7.17 18.88
CA GLU B 654 29.63 5.99 18.63
C GLU B 654 29.19 5.28 17.36
N ASN B 655 27.90 5.04 17.24
CA ASN B 655 27.36 4.25 16.15
C ASN B 655 27.03 5.09 14.93
N LEU B 656 27.33 6.37 14.98
CA LEU B 656 27.12 7.23 13.82
C LEU B 656 27.94 6.77 12.64
N LYS B 657 27.30 6.70 11.50
CA LYS B 657 27.93 6.33 10.26
C LYS B 657 27.63 7.43 9.32
N SER B 658 28.06 7.28 8.09
CA SER B 658 27.77 8.21 7.02
C SER B 658 28.76 9.30 6.95
N ASP B 659 28.77 9.94 5.80
CA ASP B 659 29.61 11.08 5.57
C ASP B 659 29.11 12.12 6.53
N ALA B 660 29.99 13.00 6.96
CA ALA B 660 29.63 14.09 7.86
C ALA B 660 29.61 13.74 9.33
N THR B 661 29.99 12.53 9.68
CA THR B 661 30.00 12.14 11.08
C THR B 661 30.94 13.06 11.88
N ASP B 662 32.13 13.29 11.37
CA ASP B 662 33.10 14.18 12.02
C ASP B 662 32.49 15.56 12.30
N TRP B 663 31.83 16.11 11.28
CA TRP B 663 31.17 17.39 11.40
C TRP B 663 30.13 17.40 12.53
N LEU B 664 29.34 16.33 12.59
CA LEU B 664 28.23 16.25 13.54
C LEU B 664 28.69 16.18 15.00
N ILE B 665 29.73 15.41 15.25
CA ILE B 665 30.20 15.21 16.63
C ILE B 665 31.13 16.33 17.07
N THR B 666 31.96 16.84 16.16
CA THR B 666 33.01 17.79 16.52
C THR B 666 32.59 19.26 16.49
N GLU B 667 31.99 19.68 15.38
CA GLU B 667 31.81 21.11 15.13
C GLU B 667 30.75 21.76 15.98
N LYS B 668 31.02 23.00 16.37
CA LYS B 668 30.15 23.77 17.23
C LYS B 668 29.72 25.06 16.56
N LEU B 669 28.70 25.68 17.12
CA LEU B 669 28.17 26.94 16.59
C LEU B 669 29.23 28.03 16.74
N ALA B 670 30.01 27.95 17.81
CA ALA B 670 31.08 28.90 18.06
C ALA B 670 32.20 28.81 17.03
N ASP B 671 32.27 27.69 16.32
CA ASP B 671 33.28 27.49 15.28
C ASP B 671 32.86 28.08 13.94
N HIS B 672 31.56 28.35 13.77
CA HIS B 672 31.00 28.84 12.51
C HIS B 672 29.91 29.88 12.76
N PRO B 673 30.30 31.11 13.14
CA PRO B 673 29.33 32.15 13.46
C PRO B 673 28.45 32.59 12.29
N TYR B 674 28.89 32.26 11.07
CA TYR B 674 28.11 32.54 9.88
C TYR B 674 26.90 31.61 9.74
N LEU B 675 26.69 30.72 10.71
CA LEU B 675 25.53 29.84 10.73
C LEU B 675 24.34 30.49 11.43
N LEU B 676 24.60 31.37 12.38
CA LEU B 676 23.51 32.02 13.11
C LEU B 676 23.29 33.39 12.51
N PRO B 677 22.06 33.91 12.61
CA PRO B 677 21.78 35.19 11.96
C PRO B 677 22.45 36.37 12.64
N ASP B 678 22.83 37.38 11.89
CA ASP B 678 23.39 38.58 12.51
C ASP B 678 22.22 39.50 12.86
N THR B 679 22.14 39.83 14.14
CA THR B 679 21.09 40.69 14.65
C THR B 679 21.30 42.13 14.22
N THR B 680 22.39 42.39 13.50
CA THR B 680 22.65 43.68 12.90
C THR B 680 21.60 44.02 11.86
N GLN B 681 21.12 42.99 11.15
CA GLN B 681 20.18 43.17 10.06
C GLN B 681 18.77 42.80 10.48
N PRO B 682 17.76 43.43 9.86
CA PRO B 682 16.37 43.12 10.20
C PRO B 682 15.96 41.74 9.71
N LEU B 683 14.87 41.22 10.28
CA LEU B 683 14.33 39.93 9.86
C LEU B 683 13.71 40.06 8.49
N LYS B 684 13.94 39.07 7.64
CA LYS B 684 13.32 39.02 6.33
C LYS B 684 11.83 38.67 6.46
N THR B 685 10.98 39.45 5.82
CA THR B 685 9.54 39.24 5.86
C THR B 685 9.05 38.75 4.51
N ALA B 686 7.81 38.27 4.46
CA ALA B 686 7.23 37.73 3.25
C ALA B 686 7.25 38.74 2.11
N GLN B 687 7.09 40.02 2.43
CA GLN B 687 6.98 41.05 1.40
C GLN B 687 8.34 41.40 0.78
N ASP B 688 9.42 41.00 1.43
CA ASP B 688 10.77 41.26 0.92
C ASP B 688 11.04 40.45 -0.35
N TYR B 689 10.14 39.54 -0.68
CA TYR B 689 10.30 38.66 -1.84
C TYR B 689 9.19 38.89 -2.87
N PRO B 690 9.49 39.65 -3.93
CA PRO B 690 8.49 39.89 -4.99
C PRO B 690 7.98 38.60 -5.64
N LYS B 691 6.70 38.60 -5.96
CA LYS B 691 6.04 37.44 -6.57
C LYS B 691 6.31 37.41 -8.07
N ARG B 692 6.96 36.34 -8.54
CA ARG B 692 7.33 36.23 -9.94
C ARG B 692 7.01 34.86 -10.57
N TRP B 693 6.11 34.11 -9.93
CA TRP B 693 5.67 32.82 -10.46
C TRP B 693 4.24 32.92 -10.96
N SER B 694 3.94 32.17 -12.01
CA SER B 694 2.61 32.14 -12.62
C SER B 694 1.87 30.88 -12.19
N ASP B 695 0.88 30.48 -12.98
CA ASP B 695 0.20 29.19 -12.77
C ASP B 695 0.53 28.24 -13.89
N ASP B 696 1.54 28.60 -14.68
CA ASP B 696 2.01 27.77 -15.77
C ASP B 696 3.47 27.44 -15.52
N ILE B 697 3.78 26.15 -15.47
CA ILE B 697 5.14 25.71 -15.19
C ILE B 697 6.06 26.18 -16.32
N TYR B 698 5.58 26.08 -17.55
CA TYR B 698 6.37 26.48 -18.70
C TYR B 698 6.72 27.96 -18.70
N THR B 699 5.77 28.79 -18.27
CA THR B 699 6.03 30.21 -18.18
C THR B 699 7.07 30.46 -17.10
N ASP B 700 7.05 29.65 -16.06
CA ASP B 700 7.98 29.81 -14.94
C ASP B 700 9.42 29.50 -15.32
N VAL B 701 9.65 28.51 -16.19
CA VAL B 701 11.02 28.18 -16.59
C VAL B 701 11.55 29.24 -17.56
N MET B 702 10.68 29.74 -18.43
CA MET B 702 11.07 30.78 -19.37
C MET B 702 11.33 32.08 -18.61
N THR B 703 10.75 32.20 -17.43
CA THR B 703 11.07 33.31 -16.54
C THR B 703 12.47 33.13 -15.98
N CYS B 704 12.81 31.90 -15.64
CA CYS B 704 14.11 31.57 -15.08
C CYS B 704 15.23 31.68 -16.11
N VAL B 705 14.97 31.27 -17.34
CA VAL B 705 15.97 31.33 -18.39
C VAL B 705 16.37 32.78 -18.68
N ASN B 706 15.38 33.67 -18.60
CA ASN B 706 15.61 35.09 -18.86
C ASN B 706 16.28 35.82 -17.70
N ILE B 707 15.95 35.41 -16.48
CA ILE B 707 16.62 35.97 -15.30
C ILE B 707 18.11 35.61 -15.33
N ALA B 708 18.42 34.39 -15.73
CA ALA B 708 19.80 33.96 -15.84
C ALA B 708 20.50 34.72 -16.95
N GLN B 709 19.85 34.82 -18.10
CA GLN B 709 20.38 35.57 -19.24
C GLN B 709 20.70 37.03 -18.88
N GLN B 710 19.86 37.62 -18.03
CA GLN B 710 20.09 39.00 -17.57
C GLN B 710 21.40 39.09 -16.79
N ALA B 711 21.73 38.01 -16.08
CA ALA B 711 22.97 37.95 -15.32
C ALA B 711 24.12 37.50 -16.20
N GLY B 712 23.87 37.35 -17.49
CA GLY B 712 24.90 36.93 -18.45
C GLY B 712 25.16 35.44 -18.38
N LEU B 713 24.10 34.65 -18.17
CA LEU B 713 24.22 33.21 -17.98
C LEU B 713 23.33 32.43 -18.95
N GLU B 714 23.91 31.40 -19.57
CA GLU B 714 23.18 30.52 -20.49
C GLU B 714 22.68 29.28 -19.74
N THR B 715 21.48 28.82 -20.07
CA THR B 715 20.89 27.65 -19.41
C THR B 715 20.69 26.50 -20.41
N LEU B 716 21.38 25.39 -20.17
CA LEU B 716 21.30 24.23 -21.05
C LEU B 716 20.47 23.12 -20.40
N VAL B 717 20.00 22.18 -21.23
CA VAL B 717 19.27 21.03 -20.73
C VAL B 717 19.68 19.76 -21.47
N ILE B 718 19.91 18.68 -20.72
CA ILE B 718 20.06 17.36 -21.30
C ILE B 718 18.95 16.44 -20.78
N ASP B 719 18.12 15.98 -21.69
CA ASP B 719 17.04 15.09 -21.35
C ASP B 719 17.58 13.68 -21.11
N GLN B 720 17.51 13.23 -19.86
CA GLN B 720 17.97 11.90 -19.48
C GLN B 720 16.81 10.90 -19.39
N THR B 721 15.62 11.31 -19.83
CA THR B 721 14.43 10.46 -19.72
C THR B 721 14.63 9.14 -20.46
N ARG B 722 14.43 8.05 -19.75
CA ARG B 722 14.52 6.71 -20.35
C ARG B 722 13.11 6.23 -20.66
N PRO B 723 12.85 5.81 -21.92
CA PRO B 723 11.47 5.45 -22.30
C PRO B 723 10.87 4.31 -21.48
N ASP B 724 11.71 3.38 -21.02
CA ASP B 724 11.26 2.27 -20.19
C ASP B 724 10.95 2.72 -18.75
N ILE B 725 11.35 3.94 -18.41
CA ILE B 725 11.06 4.53 -17.10
C ILE B 725 9.81 5.39 -17.16
N GLY B 726 9.76 6.29 -18.15
CA GLY B 726 8.59 7.13 -18.37
C GLY B 726 8.72 8.48 -17.69
N LEU B 727 8.96 8.45 -16.38
CA LEU B 727 9.17 9.67 -15.60
C LEU B 727 10.28 10.50 -16.20
N ASN B 728 10.00 11.78 -16.43
CA ASN B 728 10.97 12.67 -17.04
C ASN B 728 12.11 12.98 -16.08
N VAL B 729 13.34 12.87 -16.58
CA VAL B 729 14.52 13.24 -15.83
C VAL B 729 15.43 14.08 -16.71
N VAL B 730 15.92 15.19 -16.15
CA VAL B 730 16.84 16.07 -16.87
C VAL B 730 18.03 16.47 -16.01
N LYS B 731 19.07 16.98 -16.67
CA LYS B 731 20.11 17.71 -15.98
C LYS B 731 20.16 19.10 -16.59
N VAL B 732 19.92 20.10 -15.75
CA VAL B 732 20.02 21.49 -16.15
C VAL B 732 21.41 22.02 -15.79
N THR B 733 22.06 22.69 -16.74
CA THR B 733 23.39 23.24 -16.54
C THR B 733 23.42 24.70 -16.93
N VAL B 734 23.86 25.54 -15.98
CA VAL B 734 24.04 26.97 -16.22
C VAL B 734 25.50 27.32 -15.95
N PRO B 735 26.35 27.28 -16.98
CA PRO B 735 27.79 27.50 -16.81
C PRO B 735 28.11 28.81 -16.09
N GLY B 736 28.90 28.73 -15.03
CA GLY B 736 29.26 29.88 -14.22
C GLY B 736 28.67 29.80 -12.81
N MET B 737 27.46 29.25 -12.71
CA MET B 737 26.82 29.12 -11.40
C MET B 737 27.55 28.09 -10.56
N ARG B 738 27.65 28.37 -9.27
CA ARG B 738 28.53 27.63 -8.38
C ARG B 738 27.88 26.42 -7.72
N HIS B 739 28.65 25.35 -7.59
CA HIS B 739 28.31 24.22 -6.75
C HIS B 739 28.72 24.58 -5.33
N PHE B 740 28.07 24.03 -4.32
CA PHE B 740 28.46 24.29 -2.94
C PHE B 740 29.61 23.39 -2.49
N TRP B 741 30.30 22.78 -3.45
CA TRP B 741 31.52 22.04 -3.18
C TRP B 741 32.72 22.99 -3.29
N SER B 742 33.87 22.55 -2.81
CA SER B 742 35.06 23.41 -2.74
C SER B 742 35.72 23.63 -4.11
N ARG B 743 35.08 24.44 -4.93
CA ARG B 743 35.60 24.78 -6.27
C ARG B 743 35.81 26.28 -6.36
N PHE B 744 37.07 26.70 -6.36
CA PHE B 744 37.42 28.10 -6.11
C PHE B 744 38.00 28.81 -7.33
N GLY B 745 37.57 28.41 -8.52
CA GLY B 745 37.93 29.12 -9.74
C GLY B 745 37.29 30.51 -9.76
N GLU B 746 37.86 31.42 -10.53
CA GLU B 746 37.37 32.79 -10.61
C GLU B 746 35.93 32.84 -11.13
N GLY B 747 35.20 33.89 -10.75
CA GLY B 747 33.83 34.08 -11.20
C GLY B 747 32.88 34.54 -10.10
N ARG B 748 31.68 34.00 -10.14
CA ARG B 748 30.59 34.42 -9.28
C ARG B 748 30.89 34.28 -7.78
N LEU B 749 31.65 33.24 -7.43
CA LEU B 749 31.97 32.98 -6.03
C LEU B 749 32.62 34.19 -5.38
N TYR B 750 33.48 34.86 -6.12
CA TYR B 750 34.19 36.04 -5.63
C TYR B 750 33.41 37.32 -5.91
N ASP B 751 32.77 37.39 -7.07
CA ASP B 751 32.24 38.64 -7.60
C ASP B 751 30.84 39.03 -7.08
N VAL B 752 29.94 38.05 -6.97
CA VAL B 752 28.55 38.37 -6.64
C VAL B 752 28.43 39.13 -5.31
N PRO B 753 29.13 38.67 -4.26
CA PRO B 753 28.99 39.35 -2.96
C PRO B 753 29.33 40.84 -2.96
N VAL B 754 30.29 41.26 -3.78
CA VAL B 754 30.63 42.69 -3.81
C VAL B 754 29.59 43.44 -4.65
N LYS B 755 29.10 42.81 -5.71
CA LYS B 755 28.07 43.42 -6.53
C LYS B 755 26.81 43.71 -5.72
N LEU B 756 26.52 42.84 -4.75
CA LEU B 756 25.34 42.99 -3.91
C LEU B 756 25.60 43.84 -2.67
N GLY B 757 26.86 44.22 -2.47
CA GLY B 757 27.24 45.04 -1.34
C GLY B 757 27.39 44.23 -0.06
N TRP B 758 27.47 42.89 -0.20
CA TRP B 758 27.66 42.00 0.94
C TRP B 758 29.11 42.09 1.42
N LEU B 759 30.02 42.39 0.50
CA LEU B 759 31.41 42.67 0.84
C LEU B 759 31.85 43.95 0.15
N ASP B 760 32.78 44.67 0.77
CA ASP B 760 33.35 45.86 0.15
C ASP B 760 34.41 45.45 -0.85
N GLU B 761 35.15 44.39 -0.52
CA GLU B 761 36.20 43.87 -1.38
C GLU B 761 36.04 42.37 -1.55
N PRO B 762 36.55 41.81 -2.65
CA PRO B 762 36.53 40.36 -2.84
C PRO B 762 37.46 39.64 -1.87
N LEU B 763 37.13 38.40 -1.55
CA LEU B 763 38.06 37.55 -0.83
C LEU B 763 39.04 36.95 -1.83
N THR B 764 40.21 36.53 -1.34
CA THR B 764 41.14 35.77 -2.16
C THR B 764 40.81 34.29 -2.01
N GLU B 765 41.38 33.47 -2.88
CA GLU B 765 41.15 32.03 -2.84
C GLU B 765 41.56 31.46 -1.49
N ALA B 766 42.63 32.02 -0.92
CA ALA B 766 43.16 31.52 0.34
C ALA B 766 42.25 31.84 1.52
N GLN B 767 41.36 32.81 1.36
CA GLN B 767 40.45 33.23 2.42
C GLN B 767 39.11 32.54 2.32
N MET B 768 38.92 31.70 1.31
CA MET B 768 37.70 30.92 1.20
C MET B 768 37.62 29.93 2.36
N ASN B 769 36.41 29.63 2.80
CA ASN B 769 36.18 28.74 3.93
C ASN B 769 36.98 27.45 3.76
N PRO B 770 37.90 27.17 4.69
CA PRO B 770 38.69 25.95 4.59
C PRO B 770 37.90 24.70 4.98
N THR B 771 36.72 24.90 5.57
CA THR B 771 35.85 23.79 5.95
C THR B 771 34.91 23.45 4.80
N PRO B 772 35.05 22.24 4.23
CA PRO B 772 34.12 21.90 3.14
C PRO B 772 32.69 21.80 3.66
N MET B 773 31.73 22.21 2.84
CA MET B 773 30.33 22.13 3.22
C MET B 773 29.98 20.65 3.40
N PRO B 774 29.59 20.24 4.61
CA PRO B 774 29.58 18.80 4.95
C PRO B 774 28.54 17.97 4.21
N PHE B 775 27.37 18.54 3.97
CA PHE B 775 26.26 17.81 3.37
C PHE B 775 26.25 17.98 1.85
N GLN C 21 51.84 -5.96 20.32
CA GLN C 21 52.57 -7.20 20.00
C GLN C 21 51.76 -8.04 19.03
N LEU C 22 50.47 -7.76 18.90
CA LEU C 22 49.64 -8.53 18.01
C LEU C 22 50.19 -8.35 16.61
N SER C 23 50.28 -9.45 15.88
CA SER C 23 50.80 -9.37 14.54
C SER C 23 49.84 -8.54 13.73
N SER C 24 50.37 -7.77 12.79
CA SER C 24 49.54 -6.98 11.91
C SER C 24 48.66 -7.90 11.06
N GLN C 25 49.11 -9.12 10.82
CA GLN C 25 48.33 -10.06 10.04
C GLN C 25 47.00 -10.34 10.73
N LEU C 26 47.03 -10.41 12.05
CA LEU C 26 45.81 -10.69 12.82
C LEU C 26 44.96 -9.44 13.02
N ALA C 27 45.61 -8.28 13.03
CA ALA C 27 44.95 -7.02 13.36
C ALA C 27 44.07 -6.50 12.23
N GLU C 28 44.55 -6.63 11.00
CA GLU C 28 43.82 -6.13 9.84
C GLU C 28 42.55 -6.94 9.53
N LEU C 29 42.31 -8.00 10.29
CA LEU C 29 41.12 -8.82 10.10
C LEU C 29 39.86 -8.06 10.48
N SER C 30 39.01 -7.82 9.49
CA SER C 30 37.70 -7.23 9.73
C SER C 30 36.65 -8.06 9.02
N GLU C 31 35.44 -8.08 9.58
CA GLU C 31 34.29 -8.76 9.00
C GLU C 31 33.10 -7.83 9.07
N GLU C 32 32.34 -7.77 7.97
CA GLU C 32 31.19 -6.87 7.90
C GLU C 32 30.09 -7.47 7.05
N ALA C 33 28.86 -7.06 7.34
CA ALA C 33 27.71 -7.47 6.55
C ALA C 33 27.39 -6.38 5.55
N LEU C 34 27.50 -6.71 4.27
CA LEU C 34 27.17 -5.77 3.21
C LEU C 34 25.66 -5.57 3.19
N GLY C 35 24.94 -6.61 3.59
CA GLY C 35 23.48 -6.57 3.66
C GLY C 35 22.89 -7.96 3.67
N GLN D 21 -46.92 -9.86 -21.39
CA GLN D 21 -47.48 -10.86 -22.34
C GLN D 21 -46.72 -12.19 -22.28
N LEU D 22 -45.43 -12.12 -21.98
CA LEU D 22 -44.64 -13.32 -21.78
C LEU D 22 -45.19 -14.08 -20.57
N SER D 23 -45.21 -15.41 -20.65
CA SER D 23 -45.66 -16.25 -19.53
C SER D 23 -44.92 -15.88 -18.24
N SER D 24 -45.61 -16.01 -17.11
CA SER D 24 -45.08 -15.56 -15.83
C SER D 24 -43.74 -16.20 -15.46
N GLN D 25 -43.64 -17.51 -15.60
CA GLN D 25 -42.45 -18.23 -15.16
C GLN D 25 -41.28 -18.02 -16.12
N LEU D 26 -41.57 -17.67 -17.37
CA LEU D 26 -40.51 -17.33 -18.32
C LEU D 26 -40.04 -15.91 -18.04
N ALA D 27 -40.99 -15.04 -17.72
CA ALA D 27 -40.70 -13.63 -17.48
C ALA D 27 -39.96 -13.38 -16.17
N GLU D 28 -40.25 -14.19 -15.16
CA GLU D 28 -39.66 -14.02 -13.82
C GLU D 28 -38.18 -14.42 -13.78
N LEU D 29 -37.70 -15.06 -14.84
CA LEU D 29 -36.34 -15.56 -14.86
C LEU D 29 -35.33 -14.42 -14.71
N SER D 30 -34.41 -14.61 -13.77
CA SER D 30 -33.37 -13.63 -13.52
C SER D 30 -32.12 -14.27 -12.93
N GLU D 31 -30.99 -13.63 -13.18
CA GLU D 31 -29.70 -14.11 -12.73
C GLU D 31 -28.92 -12.92 -12.23
N GLU D 32 -28.04 -13.15 -11.26
CA GLU D 32 -27.24 -12.04 -10.72
C GLU D 32 -26.04 -12.55 -9.93
N ALA D 33 -24.96 -11.78 -10.00
CA ALA D 33 -23.79 -12.00 -9.21
C ALA D 33 -24.05 -11.36 -7.90
N LEU D 34 -23.73 -12.03 -6.83
CA LEU D 34 -23.97 -11.46 -5.53
C LEU D 34 -22.77 -10.67 -5.04
ZN ZN E . -10.98 -18.29 21.31
PB ADP F . -20.12 9.93 8.56
O1B ADP F . -19.83 8.68 7.78
O2B ADP F . -20.88 9.73 9.85
O3B ADP F . -20.70 11.03 7.70
PA ADP F . -17.23 10.25 8.47
O1A ADP F . -17.30 9.74 7.08
O2A ADP F . -16.39 11.45 8.70
O3A ADP F . -18.70 10.54 9.08
O5' ADP F . -16.63 9.11 9.40
C5' ADP F . -17.00 7.75 9.29
C4' ADP F . -16.67 7.04 10.61
O4' ADP F . -15.24 6.91 10.75
C3' ADP F . -17.16 7.83 11.80
O3' ADP F . -17.62 6.92 12.78
C2' ADP F . -15.93 8.56 12.32
O2' ADP F . -15.95 8.76 13.73
C1' ADP F . -14.81 7.65 11.90
N9 ADP F . -13.59 8.43 11.57
C8 ADP F . -13.45 9.27 10.53
N7 ADP F . -12.19 9.79 10.53
C5 ADP F . -11.53 9.28 11.59
C6 ADP F . -10.18 9.40 12.17
N6 ADP F . -9.25 10.21 11.62
N1 ADP F . -9.93 8.68 13.29
C2 ADP F . -10.83 7.88 13.86
N3 ADP F . -12.07 7.73 13.38
C4 ADP F . -12.47 8.37 12.28
MG MG G . -22.61 11.51 7.47
MG MG H . -21.84 8.24 10.78
MG MG I . -20.56 7.61 6.21
P PO4 J . -23.31 8.18 7.64
O1 PO4 J . -22.31 7.35 6.86
O2 PO4 J . -24.70 7.60 7.39
O3 PO4 J . -23.25 9.63 7.18
O4 PO4 J . -23.00 8.12 9.11
ZN ZN K . 14.70 -6.58 -24.88
PB ADP L . 16.09 17.41 -3.52
O1B ADP L . 16.80 17.76 -4.81
O2B ADP L . 16.34 18.40 -2.41
O3B ADP L . 16.29 15.98 -3.13
PA ADP L . 13.26 16.76 -3.41
O1A ADP L . 12.09 17.69 -3.22
O2A ADP L . 13.65 15.83 -2.27
O3A ADP L . 14.54 17.61 -3.92
O5' ADP L . 12.97 15.86 -4.69
C5' ADP L . 13.77 14.73 -5.01
C4' ADP L . 13.55 14.40 -6.47
O4' ADP L . 12.23 13.91 -6.69
C3' ADP L . 13.69 15.64 -7.35
O3' ADP L . 14.30 15.24 -8.57
C2' ADP L . 12.27 16.10 -7.64
O2' ADP L . 12.14 16.66 -8.94
C1' ADP L . 11.49 14.80 -7.53
N9 ADP L . 10.13 15.04 -7.00
C8 ADP L . 9.82 15.49 -5.76
N7 ADP L . 8.48 15.58 -5.62
C5 ADP L . 7.92 15.17 -6.76
C6 ADP L . 6.54 15.02 -7.27
N6 ADP L . 5.50 15.34 -6.48
N1 ADP L . 6.38 14.57 -8.54
C2 ADP L . 7.42 14.27 -9.32
N3 ADP L . 8.71 14.38 -8.91
C4 ADP L . 9.01 14.82 -7.67
MG MG M . 17.32 14.95 -1.86
MG MG N . 18.03 19.38 -1.82
MG MG O . 18.24 17.13 -6.12
P PO4 P . 19.65 16.63 -3.14
O1 PO4 P . 21.14 16.70 -2.86
O2 PO4 P . 19.38 16.88 -4.60
O3 PO4 P . 18.95 17.67 -2.29
O4 PO4 P . 19.19 15.23 -2.79
#